data_2R39
# 
_entry.id   2R39 
# 
_audit_conform.dict_name       mmcif_pdbx.dic 
_audit_conform.dict_version    5.397 
_audit_conform.dict_location   http://mmcif.pdb.org/dictionaries/ascii/mmcif_pdbx.dic 
# 
loop_
_database_2.database_id 
_database_2.database_code 
_database_2.pdbx_database_accession 
_database_2.pdbx_DOI 
PDB   2R39         pdb_00002r39 10.2210/pdb2r39/pdb 
RCSB  RCSB044369   ?            ?                   
WWPDB D_1000044369 ?            ?                   
# 
loop_
_pdbx_audit_revision_history.ordinal 
_pdbx_audit_revision_history.data_content_type 
_pdbx_audit_revision_history.major_revision 
_pdbx_audit_revision_history.minor_revision 
_pdbx_audit_revision_history.revision_date 
1 'Structure model' 1 0 2007-09-11 
2 'Structure model' 1 1 2011-07-13 
3 'Structure model' 1 2 2024-10-09 
# 
_pdbx_audit_revision_details.ordinal             1 
_pdbx_audit_revision_details.revision_ordinal    1 
_pdbx_audit_revision_details.data_content_type   'Structure model' 
_pdbx_audit_revision_details.provider            repository 
_pdbx_audit_revision_details.type                'Initial release' 
_pdbx_audit_revision_details.description         ? 
_pdbx_audit_revision_details.details             ? 
# 
loop_
_pdbx_audit_revision_group.ordinal 
_pdbx_audit_revision_group.revision_ordinal 
_pdbx_audit_revision_group.data_content_type 
_pdbx_audit_revision_group.group 
1 2 'Structure model' Advisory                    
2 2 'Structure model' 'Source and taxonomy'       
3 2 'Structure model' 'Version format compliance' 
4 3 'Structure model' 'Data collection'           
5 3 'Structure model' 'Database references'       
6 3 'Structure model' 'Derived calculations'      
7 3 'Structure model' 'Structure summary'         
# 
loop_
_pdbx_audit_revision_category.ordinal 
_pdbx_audit_revision_category.revision_ordinal 
_pdbx_audit_revision_category.data_content_type 
_pdbx_audit_revision_category.category 
1 3 'Structure model' chem_comp_atom            
2 3 'Structure model' chem_comp_bond            
3 3 'Structure model' database_2                
4 3 'Structure model' pdbx_entry_details        
5 3 'Structure model' pdbx_modification_feature 
6 3 'Structure model' struct_conn               
7 3 'Structure model' struct_ref_seq_dif        
# 
loop_
_pdbx_audit_revision_item.ordinal 
_pdbx_audit_revision_item.revision_ordinal 
_pdbx_audit_revision_item.data_content_type 
_pdbx_audit_revision_item.item 
1 3 'Structure model' '_database_2.pdbx_DOI'                
2 3 'Structure model' '_database_2.pdbx_database_accession' 
3 3 'Structure model' '_struct_conn.pdbx_leaving_atom_flag' 
4 3 'Structure model' '_struct_ref_seq_dif.details'         
# 
_pdbx_database_status.status_code                     REL 
_pdbx_database_status.entry_id                        2R39 
_pdbx_database_status.recvd_initial_deposition_date   2007-08-29 
_pdbx_database_status.deposit_site                    RCSB 
_pdbx_database_status.process_site                    RCSB 
_pdbx_database_status.status_code_sf                  REL 
_pdbx_database_status.status_code_mr                  ? 
_pdbx_database_status.SG_entry                        Y 
_pdbx_database_status.pdb_format_compatible           Y 
_pdbx_database_status.status_code_cs                  ? 
_pdbx_database_status.status_code_nmr_data            ? 
_pdbx_database_status.methods_development_category    ? 
# 
_pdbx_database_related.db_name        TargetDB 
_pdbx_database_related.db_id          APC91026.1 
_pdbx_database_related.details        . 
_pdbx_database_related.content_type   unspecified 
# 
loop_
_audit_author.name 
_audit_author.pdbx_ordinal 
'Chang, C.'                                     1 
'Bigelow, L.'                                   2 
'Abdullah, J.'                                  3 
'Joachimiak, A.'                                4 
'Midwest Center for Structural Genomics (MCSG)' 5 
# 
_citation.id                        primary 
_citation.title                     'Crystal structure of FixG-related protein from Vibrio parahaemolyticus.' 
_citation.journal_abbrev            'To be Published' 
_citation.journal_volume            ? 
_citation.page_first                ? 
_citation.page_last                 ? 
_citation.year                      ? 
_citation.journal_id_ASTM           ? 
_citation.country                   ? 
_citation.journal_id_ISSN           ? 
_citation.journal_id_CSD            0353 
_citation.book_publisher            ? 
_citation.pdbx_database_id_PubMed   ? 
_citation.pdbx_database_id_DOI      ? 
# 
loop_
_citation_author.citation_id 
_citation_author.name 
_citation_author.ordinal 
_citation_author.identifier_ORCID 
primary 'Chang, C.'      1 ? 
primary 'Bigelow, L.'    2 ? 
primary 'Abdullah, J.'   3 ? 
primary 'Joachimiak, A.' 4 ? 
# 
loop_
_entity.id 
_entity.type 
_entity.src_method 
_entity.pdbx_description 
_entity.formula_weight 
_entity.pdbx_number_of_molecules 
_entity.pdbx_ec 
_entity.pdbx_mutation 
_entity.pdbx_fragment 
_entity.details 
1 polymer man 'FixG-related protein' 13279.624 1  ? ? 'Residues 373-487' ? 
2 water   nat water                  18.015    47 ? ? ?                  ? 
# 
_entity_poly.entity_id                      1 
_entity_poly.type                           'polypeptide(L)' 
_entity_poly.nstd_linkage                   no 
_entity_poly.nstd_monomer                   yes 
_entity_poly.pdbx_seq_one_letter_code       
;SNAQIAAVDPAG(MSE)SVIRDRNQLFRVNSAGEVENTYTLKVINKTQQVQEYNLDVKGLNDVSWYGKQTIQVEPGEVLN
LP(MSE)SLGADPDKLNSAITTIQFILTDKSNEFTIEVESRFIKKL
;
_entity_poly.pdbx_seq_one_letter_code_can   
;SNAQIAAVDPAGMSVIRDRNQLFRVNSAGEVENTYTLKVINKTQQVQEYNLDVKGLNDVSWYGKQTIQVEPGEVLNLPMS
LGADPDKLNSAITTIQFILTDKSNEFTIEVESRFIKKL
;
_entity_poly.pdbx_strand_id                 A 
_entity_poly.pdbx_target_identifier         APC91026.1 
# 
_pdbx_entity_nonpoly.entity_id   2 
_pdbx_entity_nonpoly.name        water 
_pdbx_entity_nonpoly.comp_id     HOH 
# 
loop_
_entity_poly_seq.entity_id 
_entity_poly_seq.num 
_entity_poly_seq.mon_id 
_entity_poly_seq.hetero 
1 1   SER n 
1 2   ASN n 
1 3   ALA n 
1 4   GLN n 
1 5   ILE n 
1 6   ALA n 
1 7   ALA n 
1 8   VAL n 
1 9   ASP n 
1 10  PRO n 
1 11  ALA n 
1 12  GLY n 
1 13  MSE n 
1 14  SER n 
1 15  VAL n 
1 16  ILE n 
1 17  ARG n 
1 18  ASP n 
1 19  ARG n 
1 20  ASN n 
1 21  GLN n 
1 22  LEU n 
1 23  PHE n 
1 24  ARG n 
1 25  VAL n 
1 26  ASN n 
1 27  SER n 
1 28  ALA n 
1 29  GLY n 
1 30  GLU n 
1 31  VAL n 
1 32  GLU n 
1 33  ASN n 
1 34  THR n 
1 35  TYR n 
1 36  THR n 
1 37  LEU n 
1 38  LYS n 
1 39  VAL n 
1 40  ILE n 
1 41  ASN n 
1 42  LYS n 
1 43  THR n 
1 44  GLN n 
1 45  GLN n 
1 46  VAL n 
1 47  GLN n 
1 48  GLU n 
1 49  TYR n 
1 50  ASN n 
1 51  LEU n 
1 52  ASP n 
1 53  VAL n 
1 54  LYS n 
1 55  GLY n 
1 56  LEU n 
1 57  ASN n 
1 58  ASP n 
1 59  VAL n 
1 60  SER n 
1 61  TRP n 
1 62  TYR n 
1 63  GLY n 
1 64  LYS n 
1 65  GLN n 
1 66  THR n 
1 67  ILE n 
1 68  GLN n 
1 69  VAL n 
1 70  GLU n 
1 71  PRO n 
1 72  GLY n 
1 73  GLU n 
1 74  VAL n 
1 75  LEU n 
1 76  ASN n 
1 77  LEU n 
1 78  PRO n 
1 79  MSE n 
1 80  SER n 
1 81  LEU n 
1 82  GLY n 
1 83  ALA n 
1 84  ASP n 
1 85  PRO n 
1 86  ASP n 
1 87  LYS n 
1 88  LEU n 
1 89  ASN n 
1 90  SER n 
1 91  ALA n 
1 92  ILE n 
1 93  THR n 
1 94  THR n 
1 95  ILE n 
1 96  GLN n 
1 97  PHE n 
1 98  ILE n 
1 99  LEU n 
1 100 THR n 
1 101 ASP n 
1 102 LYS n 
1 103 SER n 
1 104 ASN n 
1 105 GLU n 
1 106 PHE n 
1 107 THR n 
1 108 ILE n 
1 109 GLU n 
1 110 VAL n 
1 111 GLU n 
1 112 SER n 
1 113 ARG n 
1 114 PHE n 
1 115 ILE n 
1 116 LYS n 
1 117 LYS n 
1 118 LEU n 
# 
_entity_src_gen.entity_id                          1 
_entity_src_gen.pdbx_src_id                        1 
_entity_src_gen.pdbx_alt_source_flag               sample 
_entity_src_gen.pdbx_seq_type                      ? 
_entity_src_gen.pdbx_beg_seq_num                   ? 
_entity_src_gen.pdbx_end_seq_num                   ? 
_entity_src_gen.gene_src_common_name               ? 
_entity_src_gen.gene_src_genus                     Vibrio 
_entity_src_gen.pdbx_gene_src_gene                 VP3052 
_entity_src_gen.gene_src_species                   'Vibrio parahaemolyticus' 
_entity_src_gen.gene_src_strain                    'RIMD 2210633' 
_entity_src_gen.gene_src_tissue                    ? 
_entity_src_gen.gene_src_tissue_fraction           ? 
_entity_src_gen.gene_src_details                   ? 
_entity_src_gen.pdbx_gene_src_fragment             ? 
_entity_src_gen.pdbx_gene_src_scientific_name      'Vibrio parahaemolyticus' 
_entity_src_gen.pdbx_gene_src_ncbi_taxonomy_id     223926 
_entity_src_gen.pdbx_gene_src_variant              ? 
_entity_src_gen.pdbx_gene_src_cell_line            ? 
_entity_src_gen.pdbx_gene_src_atcc                 ? 
_entity_src_gen.pdbx_gene_src_organ                ? 
_entity_src_gen.pdbx_gene_src_organelle            ? 
_entity_src_gen.pdbx_gene_src_cell                 ? 
_entity_src_gen.pdbx_gene_src_cellular_location    ? 
_entity_src_gen.host_org_common_name               ? 
_entity_src_gen.pdbx_host_org_scientific_name      'Escherichia coli' 
_entity_src_gen.pdbx_host_org_ncbi_taxonomy_id     562 
_entity_src_gen.host_org_genus                     Escherichia 
_entity_src_gen.pdbx_host_org_gene                 ? 
_entity_src_gen.pdbx_host_org_organ                ? 
_entity_src_gen.host_org_species                   ? 
_entity_src_gen.pdbx_host_org_tissue               ? 
_entity_src_gen.pdbx_host_org_tissue_fraction      ? 
_entity_src_gen.pdbx_host_org_strain               'BL21(DE3) derivative' 
_entity_src_gen.pdbx_host_org_variant              ? 
_entity_src_gen.pdbx_host_org_cell_line            ? 
_entity_src_gen.pdbx_host_org_atcc                 ? 
_entity_src_gen.pdbx_host_org_culture_collection   ? 
_entity_src_gen.pdbx_host_org_cell                 ? 
_entity_src_gen.pdbx_host_org_organelle            ? 
_entity_src_gen.pdbx_host_org_cellular_location    ? 
_entity_src_gen.pdbx_host_org_vector_type          Plasmid 
_entity_src_gen.pdbx_host_org_vector               ? 
_entity_src_gen.host_org_details                   ? 
_entity_src_gen.expression_system_id               ? 
_entity_src_gen.plasmid_name                       pMCSG7 
_entity_src_gen.plasmid_details                    ? 
_entity_src_gen.pdbx_description                   ? 
# 
loop_
_chem_comp.id 
_chem_comp.type 
_chem_comp.mon_nstd_flag 
_chem_comp.name 
_chem_comp.pdbx_synonyms 
_chem_comp.formula 
_chem_comp.formula_weight 
ALA 'L-peptide linking' y ALANINE          ? 'C3 H7 N O2'     89.093  
ARG 'L-peptide linking' y ARGININE         ? 'C6 H15 N4 O2 1' 175.209 
ASN 'L-peptide linking' y ASPARAGINE       ? 'C4 H8 N2 O3'    132.118 
ASP 'L-peptide linking' y 'ASPARTIC ACID'  ? 'C4 H7 N O4'     133.103 
GLN 'L-peptide linking' y GLUTAMINE        ? 'C5 H10 N2 O3'   146.144 
GLU 'L-peptide linking' y 'GLUTAMIC ACID'  ? 'C5 H9 N O4'     147.129 
GLY 'peptide linking'   y GLYCINE          ? 'C2 H5 N O2'     75.067  
HOH non-polymer         . WATER            ? 'H2 O'           18.015  
ILE 'L-peptide linking' y ISOLEUCINE       ? 'C6 H13 N O2'    131.173 
LEU 'L-peptide linking' y LEUCINE          ? 'C6 H13 N O2'    131.173 
LYS 'L-peptide linking' y LYSINE           ? 'C6 H15 N2 O2 1' 147.195 
MSE 'L-peptide linking' n SELENOMETHIONINE ? 'C5 H11 N O2 Se' 196.106 
PHE 'L-peptide linking' y PHENYLALANINE    ? 'C9 H11 N O2'    165.189 
PRO 'L-peptide linking' y PROLINE          ? 'C5 H9 N O2'     115.130 
SER 'L-peptide linking' y SERINE           ? 'C3 H7 N O3'     105.093 
THR 'L-peptide linking' y THREONINE        ? 'C4 H9 N O3'     119.119 
TRP 'L-peptide linking' y TRYPTOPHAN       ? 'C11 H12 N2 O2'  204.225 
TYR 'L-peptide linking' y TYROSINE         ? 'C9 H11 N O3'    181.189 
VAL 'L-peptide linking' y VALINE           ? 'C5 H11 N O2'    117.146 
# 
loop_
_pdbx_poly_seq_scheme.asym_id 
_pdbx_poly_seq_scheme.entity_id 
_pdbx_poly_seq_scheme.seq_id 
_pdbx_poly_seq_scheme.mon_id 
_pdbx_poly_seq_scheme.ndb_seq_num 
_pdbx_poly_seq_scheme.pdb_seq_num 
_pdbx_poly_seq_scheme.auth_seq_num 
_pdbx_poly_seq_scheme.pdb_mon_id 
_pdbx_poly_seq_scheme.auth_mon_id 
_pdbx_poly_seq_scheme.pdb_strand_id 
_pdbx_poly_seq_scheme.pdb_ins_code 
_pdbx_poly_seq_scheme.hetero 
A 1 1   SER 1   370 ?   ?   ?   A . n 
A 1 2   ASN 2   371 ?   ?   ?   A . n 
A 1 3   ALA 3   372 ?   ?   ?   A . n 
A 1 4   GLN 4   373 ?   ?   ?   A . n 
A 1 5   ILE 5   374 ?   ?   ?   A . n 
A 1 6   ALA 6   375 ?   ?   ?   A . n 
A 1 7   ALA 7   376 ?   ?   ?   A . n 
A 1 8   VAL 8   377 377 VAL VAL A . n 
A 1 9   ASP 9   378 378 ASP ASP A . n 
A 1 10  PRO 10  379 379 PRO PRO A . n 
A 1 11  ALA 11  380 380 ALA ALA A . n 
A 1 12  GLY 12  381 381 GLY GLY A . n 
A 1 13  MSE 13  382 382 MSE MSE A . n 
A 1 14  SER 14  383 383 SER SER A . n 
A 1 15  VAL 15  384 384 VAL VAL A . n 
A 1 16  ILE 16  385 385 ILE ILE A . n 
A 1 17  ARG 17  386 386 ARG ARG A . n 
A 1 18  ASP 18  387 387 ASP ASP A . n 
A 1 19  ARG 19  388 388 ARG ARG A . n 
A 1 20  ASN 20  389 389 ASN ASN A . n 
A 1 21  GLN 21  390 390 GLN GLN A . n 
A 1 22  LEU 22  391 391 LEU LEU A . n 
A 1 23  PHE 23  392 392 PHE PHE A . n 
A 1 24  ARG 24  393 393 ARG ARG A . n 
A 1 25  VAL 25  394 394 VAL VAL A . n 
A 1 26  ASN 26  395 ?   ?   ?   A . n 
A 1 27  SER 27  396 ?   ?   ?   A . n 
A 1 28  ALA 28  397 397 ALA ALA A . n 
A 1 29  GLY 29  398 398 GLY GLY A . n 
A 1 30  GLU 30  399 399 GLU GLU A . n 
A 1 31  VAL 31  400 400 VAL VAL A . n 
A 1 32  GLU 32  401 401 GLU GLU A . n 
A 1 33  ASN 33  402 402 ASN ASN A . n 
A 1 34  THR 34  403 403 THR THR A . n 
A 1 35  TYR 35  404 404 TYR TYR A . n 
A 1 36  THR 36  405 405 THR THR A . n 
A 1 37  LEU 37  406 406 LEU LEU A . n 
A 1 38  LYS 38  407 407 LYS LYS A . n 
A 1 39  VAL 39  408 408 VAL VAL A . n 
A 1 40  ILE 40  409 409 ILE ILE A . n 
A 1 41  ASN 41  410 410 ASN ASN A . n 
A 1 42  LYS 42  411 411 LYS LYS A . n 
A 1 43  THR 43  412 412 THR THR A . n 
A 1 44  GLN 44  413 413 GLN GLN A . n 
A 1 45  GLN 45  414 414 GLN GLN A . n 
A 1 46  VAL 46  415 415 VAL VAL A . n 
A 1 47  GLN 47  416 416 GLN GLN A . n 
A 1 48  GLU 48  417 417 GLU GLU A . n 
A 1 49  TYR 49  418 418 TYR TYR A . n 
A 1 50  ASN 50  419 419 ASN ASN A . n 
A 1 51  LEU 51  420 420 LEU LEU A . n 
A 1 52  ASP 52  421 421 ASP ASP A . n 
A 1 53  VAL 53  422 422 VAL VAL A . n 
A 1 54  LYS 54  423 423 LYS LYS A . n 
A 1 55  GLY 55  424 424 GLY GLY A . n 
A 1 56  LEU 56  425 425 LEU LEU A . n 
A 1 57  ASN 57  426 426 ASN ASN A . n 
A 1 58  ASP 58  427 427 ASP ASP A . n 
A 1 59  VAL 59  428 428 VAL VAL A . n 
A 1 60  SER 60  429 429 SER SER A . n 
A 1 61  TRP 61  430 430 TRP TRP A . n 
A 1 62  TYR 62  431 431 TYR TYR A . n 
A 1 63  GLY 63  432 432 GLY GLY A . n 
A 1 64  LYS 64  433 433 LYS LYS A . n 
A 1 65  GLN 65  434 434 GLN GLN A . n 
A 1 66  THR 66  435 435 THR THR A . n 
A 1 67  ILE 67  436 436 ILE ILE A . n 
A 1 68  GLN 68  437 437 GLN GLN A . n 
A 1 69  VAL 69  438 438 VAL VAL A . n 
A 1 70  GLU 70  439 439 GLU GLU A . n 
A 1 71  PRO 71  440 440 PRO PRO A . n 
A 1 72  GLY 72  441 441 GLY GLY A . n 
A 1 73  GLU 73  442 442 GLU GLU A . n 
A 1 74  VAL 74  443 443 VAL VAL A . n 
A 1 75  LEU 75  444 444 LEU LEU A . n 
A 1 76  ASN 76  445 445 ASN ASN A . n 
A 1 77  LEU 77  446 446 LEU LEU A . n 
A 1 78  PRO 78  447 447 PRO PRO A . n 
A 1 79  MSE 79  448 448 MSE MSE A . n 
A 1 80  SER 80  449 449 SER SER A . n 
A 1 81  LEU 81  450 450 LEU LEU A . n 
A 1 82  GLY 82  451 451 GLY GLY A . n 
A 1 83  ALA 83  452 452 ALA ALA A . n 
A 1 84  ASP 84  453 453 ASP ASP A . n 
A 1 85  PRO 85  454 454 PRO PRO A . n 
A 1 86  ASP 86  455 455 ASP ASP A . n 
A 1 87  LYS 87  456 456 LYS LYS A . n 
A 1 88  LEU 88  457 457 LEU LEU A . n 
A 1 89  ASN 89  458 458 ASN ASN A . n 
A 1 90  SER 90  459 459 SER SER A . n 
A 1 91  ALA 91  460 460 ALA ALA A . n 
A 1 92  ILE 92  461 461 ILE ILE A . n 
A 1 93  THR 93  462 462 THR THR A . n 
A 1 94  THR 94  463 463 THR THR A . n 
A 1 95  ILE 95  464 464 ILE ILE A . n 
A 1 96  GLN 96  465 465 GLN GLN A . n 
A 1 97  PHE 97  466 466 PHE PHE A . n 
A 1 98  ILE 98  467 467 ILE ILE A . n 
A 1 99  LEU 99  468 468 LEU LEU A . n 
A 1 100 THR 100 469 469 THR THR A . n 
A 1 101 ASP 101 470 470 ASP ASP A . n 
A 1 102 LYS 102 471 471 LYS LYS A . n 
A 1 103 SER 103 472 472 SER SER A . n 
A 1 104 ASN 104 473 473 ASN ASN A . n 
A 1 105 GLU 105 474 474 GLU GLU A . n 
A 1 106 PHE 106 475 475 PHE PHE A . n 
A 1 107 THR 107 476 476 THR THR A . n 
A 1 108 ILE 108 477 477 ILE ILE A . n 
A 1 109 GLU 109 478 478 GLU GLU A . n 
A 1 110 VAL 110 479 479 VAL VAL A . n 
A 1 111 GLU 111 480 480 GLU GLU A . n 
A 1 112 SER 112 481 481 SER SER A . n 
A 1 113 ARG 113 482 482 ARG ARG A . n 
A 1 114 PHE 114 483 483 PHE PHE A . n 
A 1 115 ILE 115 484 484 ILE ILE A . n 
A 1 116 LYS 116 485 485 LYS LYS A . n 
A 1 117 LYS 117 486 486 LYS LYS A . n 
A 1 118 LEU 118 487 487 LEU LEU A . n 
# 
loop_
_pdbx_nonpoly_scheme.asym_id 
_pdbx_nonpoly_scheme.entity_id 
_pdbx_nonpoly_scheme.mon_id 
_pdbx_nonpoly_scheme.ndb_seq_num 
_pdbx_nonpoly_scheme.pdb_seq_num 
_pdbx_nonpoly_scheme.auth_seq_num 
_pdbx_nonpoly_scheme.pdb_mon_id 
_pdbx_nonpoly_scheme.auth_mon_id 
_pdbx_nonpoly_scheme.pdb_strand_id 
_pdbx_nonpoly_scheme.pdb_ins_code 
B 2 HOH 1  501 501 HOH HOH A . 
B 2 HOH 2  502 502 HOH HOH A . 
B 2 HOH 3  503 503 HOH HOH A . 
B 2 HOH 4  504 504 HOH HOH A . 
B 2 HOH 5  505 505 HOH HOH A . 
B 2 HOH 6  506 506 HOH HOH A . 
B 2 HOH 7  507 507 HOH HOH A . 
B 2 HOH 8  508 508 HOH HOH A . 
B 2 HOH 9  509 509 HOH HOH A . 
B 2 HOH 10 510 510 HOH HOH A . 
B 2 HOH 11 511 511 HOH HOH A . 
B 2 HOH 12 512 512 HOH HOH A . 
B 2 HOH 13 513 513 HOH HOH A . 
B 2 HOH 14 514 514 HOH HOH A . 
B 2 HOH 15 515 515 HOH HOH A . 
B 2 HOH 16 516 516 HOH HOH A . 
B 2 HOH 17 517 517 HOH HOH A . 
B 2 HOH 18 518 518 HOH HOH A . 
B 2 HOH 19 519 519 HOH HOH A . 
B 2 HOH 20 520 520 HOH HOH A . 
B 2 HOH 21 521 521 HOH HOH A . 
B 2 HOH 22 522 522 HOH HOH A . 
B 2 HOH 23 523 523 HOH HOH A . 
B 2 HOH 24 524 524 HOH HOH A . 
B 2 HOH 25 525 525 HOH HOH A . 
B 2 HOH 26 526 526 HOH HOH A . 
B 2 HOH 27 527 527 HOH HOH A . 
B 2 HOH 28 528 528 HOH HOH A . 
B 2 HOH 29 529 529 HOH HOH A . 
B 2 HOH 30 530 530 HOH HOH A . 
B 2 HOH 31 531 531 HOH HOH A . 
B 2 HOH 32 532 532 HOH HOH A . 
B 2 HOH 33 533 533 HOH HOH A . 
B 2 HOH 34 534 534 HOH HOH A . 
B 2 HOH 35 535 535 HOH HOH A . 
B 2 HOH 36 536 536 HOH HOH A . 
B 2 HOH 37 537 537 HOH HOH A . 
B 2 HOH 38 538 538 HOH HOH A . 
B 2 HOH 39 539 539 HOH HOH A . 
B 2 HOH 40 540 540 HOH HOH A . 
B 2 HOH 41 541 541 HOH HOH A . 
B 2 HOH 42 542 542 HOH HOH A . 
B 2 HOH 43 543 543 HOH HOH A . 
B 2 HOH 44 544 544 HOH HOH A . 
B 2 HOH 45 545 545 HOH HOH A . 
B 2 HOH 46 546 546 HOH HOH A . 
B 2 HOH 47 547 547 HOH HOH A . 
# 
loop_
_pdbx_unobs_or_zero_occ_atoms.id 
_pdbx_unobs_or_zero_occ_atoms.PDB_model_num 
_pdbx_unobs_or_zero_occ_atoms.polymer_flag 
_pdbx_unobs_or_zero_occ_atoms.occupancy_flag 
_pdbx_unobs_or_zero_occ_atoms.auth_asym_id 
_pdbx_unobs_or_zero_occ_atoms.auth_comp_id 
_pdbx_unobs_or_zero_occ_atoms.auth_seq_id 
_pdbx_unobs_or_zero_occ_atoms.PDB_ins_code 
_pdbx_unobs_or_zero_occ_atoms.auth_atom_id 
_pdbx_unobs_or_zero_occ_atoms.label_alt_id 
_pdbx_unobs_or_zero_occ_atoms.label_asym_id 
_pdbx_unobs_or_zero_occ_atoms.label_comp_id 
_pdbx_unobs_or_zero_occ_atoms.label_seq_id 
_pdbx_unobs_or_zero_occ_atoms.label_atom_id 
1 1 Y 1 A ASN 389 ? CG  ? A ASN 20 CG  
2 1 Y 1 A ASN 389 ? OD1 ? A ASN 20 OD1 
3 1 Y 1 A ASN 389 ? ND2 ? A ASN 20 ND2 
4 1 Y 1 A VAL 394 ? CG1 ? A VAL 25 CG1 
5 1 Y 1 A VAL 394 ? CG2 ? A VAL 25 CG2 
# 
loop_
_software.name 
_software.classification 
_software.version 
_software.citation_id 
_software.pdbx_ordinal 
REFMAC      refinement        5.2.0019 ? 1 
SBC-Collect 'data collection' .        ? 2 
HKL-3000    'data reduction'  .        ? 3 
HKL-3000    'data scaling'    .        ? 4 
HKL-3000    phasing           .        ? 5 
# 
_cell.entry_id           2R39 
_cell.length_a           74.567 
_cell.length_b           74.567 
_cell.length_c           49.360 
_cell.angle_alpha        90.00 
_cell.angle_beta         90.00 
_cell.angle_gamma        120.00 
_cell.Z_PDB              6 
_cell.pdbx_unique_axis   ? 
_cell.length_a_esd       ? 
_cell.length_b_esd       ? 
_cell.length_c_esd       ? 
_cell.angle_alpha_esd    ? 
_cell.angle_beta_esd     ? 
_cell.angle_gamma_esd    ? 
# 
_symmetry.entry_id                         2R39 
_symmetry.space_group_name_H-M             'P 3 2 1' 
_symmetry.pdbx_full_space_group_name_H-M   ? 
_symmetry.cell_setting                     ? 
_symmetry.Int_Tables_number                150 
_symmetry.space_group_name_Hall            ? 
# 
_exptl.entry_id          2R39 
_exptl.method            'X-RAY DIFFRACTION' 
_exptl.crystals_number   1 
# 
_exptl_crystal.id                    1 
_exptl_crystal.density_meas          ? 
_exptl_crystal.density_Matthews      2.98 
_exptl_crystal.density_percent_sol   58.77 
_exptl_crystal.description           ? 
_exptl_crystal.F_000                 ? 
_exptl_crystal.preparation           ? 
# 
_exptl_crystal_grow.crystal_id      1 
_exptl_crystal_grow.method          'VAPOR DIFFUSION, SITTING DROP' 
_exptl_crystal_grow.temp            289 
_exptl_crystal_grow.temp_details    ? 
_exptl_crystal_grow.pH              7.5 
_exptl_crystal_grow.pdbx_details    'HEPES pH 7.5, 30% PEG 400, NaCl, VAPOR DIFFUSION, SITTING DROP, temperature 289K' 
_exptl_crystal_grow.pdbx_pH_range   . 
# 
_diffrn.id                     1 
_diffrn.ambient_temp           100 
_diffrn.ambient_temp_details   ? 
_diffrn.crystal_id             1 
# 
_diffrn_detector.diffrn_id              1 
_diffrn_detector.detector               CCD 
_diffrn_detector.type                   CUSTOM-MADE 
_diffrn_detector.pdbx_collection_date   2007-06-04 
_diffrn_detector.details                ? 
# 
_diffrn_radiation.diffrn_id                        1 
_diffrn_radiation.wavelength_id                    1 
_diffrn_radiation.pdbx_monochromatic_or_laue_m_l   M 
_diffrn_radiation.monochromator                    'double crystal' 
_diffrn_radiation.pdbx_diffrn_protocol             'SINGLE WAVELENGTH' 
_diffrn_radiation.pdbx_scattering_type             x-ray 
# 
_diffrn_radiation_wavelength.id           1 
_diffrn_radiation_wavelength.wavelength   0.97891 
_diffrn_radiation_wavelength.wt           1.0 
# 
_diffrn_source.diffrn_id                   1 
_diffrn_source.source                      SYNCHROTRON 
_diffrn_source.type                        'APS BEAMLINE 19-BM' 
_diffrn_source.pdbx_synchrotron_site       APS 
_diffrn_source.pdbx_synchrotron_beamline   19-BM 
_diffrn_source.pdbx_wavelength             ? 
_diffrn_source.pdbx_wavelength_list        0.97891 
# 
_reflns.entry_id                     2R39 
_reflns.observed_criterion_sigma_F   ? 
_reflns.observed_criterion_sigma_I   -3 
_reflns.d_resolution_high            2.02 
_reflns.d_resolution_low             50 
_reflns.number_all                   10446 
_reflns.number_obs                   10403 
_reflns.percent_possible_obs         99.6 
_reflns.pdbx_Rmerge_I_obs            0.069 
_reflns.pdbx_Rsym_value              ? 
_reflns.pdbx_netI_over_sigmaI        50.53 
_reflns.B_iso_Wilson_estimate        40.04 
_reflns.pdbx_redundancy              10.1 
_reflns.R_free_details               ? 
_reflns.limit_h_max                  ? 
_reflns.limit_h_min                  ? 
_reflns.limit_k_max                  ? 
_reflns.limit_k_min                  ? 
_reflns.limit_l_max                  ? 
_reflns.limit_l_min                  ? 
_reflns.observed_criterion_F_max     ? 
_reflns.observed_criterion_F_min     ? 
_reflns.pdbx_chi_squared             ? 
_reflns.pdbx_scaling_rejects         ? 
_reflns.pdbx_ordinal                 1 
_reflns.pdbx_diffrn_id               1 
# 
_reflns_shell.d_res_high             2.02 
_reflns_shell.d_res_low              2.12 
_reflns_shell.percent_possible_all   100.0 
_reflns_shell.Rmerge_I_obs           0.273 
_reflns_shell.pdbx_Rsym_value        ? 
_reflns_shell.meanI_over_sigI_obs    7.25 
_reflns_shell.pdbx_redundancy        10.5 
_reflns_shell.percent_possible_obs   ? 
_reflns_shell.number_unique_all      1018 
_reflns_shell.number_measured_all    ? 
_reflns_shell.number_measured_obs    ? 
_reflns_shell.number_unique_obs      ? 
_reflns_shell.pdbx_chi_squared       ? 
_reflns_shell.pdbx_ordinal           1 
_reflns_shell.pdbx_diffrn_id         1 
# 
_refine.entry_id                                 2R39 
_refine.ls_number_reflns_obs                     9899 
_refine.ls_number_reflns_all                     9899 
_refine.pdbx_ls_sigma_I                          ? 
_refine.pdbx_ls_sigma_F                          0 
_refine.pdbx_data_cutoff_high_absF               ? 
_refine.pdbx_data_cutoff_low_absF                ? 
_refine.pdbx_data_cutoff_high_rms_absF           ? 
_refine.ls_d_res_low                             27.02 
_refine.ls_d_res_high                            2.02 
_refine.ls_percent_reflns_obs                    96.69 
_refine.ls_R_factor_obs                          0.20513 
_refine.ls_R_factor_all                          0.20513 
_refine.ls_R_factor_R_work                       0.20341 
_refine.ls_R_factor_R_free                       0.23815 
_refine.ls_R_factor_R_free_error                 ? 
_refine.ls_R_factor_R_free_error_details         ? 
_refine.ls_percent_reflns_R_free                 4.8 
_refine.ls_number_reflns_R_free                  498 
_refine.ls_number_parameters                     ? 
_refine.ls_number_restraints                     ? 
_refine.occupancy_min                            ? 
_refine.occupancy_max                            ? 
_refine.correlation_coeff_Fo_to_Fc               0.953 
_refine.correlation_coeff_Fo_to_Fc_free          0.944 
_refine.B_iso_mean                               49.790 
_refine.aniso_B[1][1]                            -0.99 
_refine.aniso_B[2][2]                            -0.99 
_refine.aniso_B[3][3]                            1.48 
_refine.aniso_B[1][2]                            -0.49 
_refine.aniso_B[1][3]                            0.00 
_refine.aniso_B[2][3]                            0.00 
_refine.solvent_model_details                    MASK 
_refine.solvent_model_param_ksol                 ? 
_refine.solvent_model_param_bsol                 ? 
_refine.pdbx_solvent_vdw_probe_radii             1.20 
_refine.pdbx_solvent_ion_probe_radii             0.80 
_refine.pdbx_solvent_shrinkage_radii             0.80 
_refine.pdbx_ls_cross_valid_method               THROUGHOUT 
_refine.details                                  'HYDROGENS HAVE BEEN ADDED IN THE RIDING POSITIONS' 
_refine.pdbx_starting_model                      ? 
_refine.pdbx_method_to_determine_struct          SAD 
_refine.pdbx_isotropic_thermal_model             ? 
_refine.pdbx_stereochemistry_target_values       'MAXIMUM LIKELIHOOD' 
_refine.pdbx_stereochem_target_val_spec_case     ? 
_refine.pdbx_R_Free_selection_details            RANDOM 
_refine.pdbx_overall_ESU_R                       0.161 
_refine.pdbx_overall_ESU_R_Free                  0.150 
_refine.overall_SU_ML                            0.101 
_refine.overall_SU_B                             6.758 
_refine.ls_redundancy_reflns_obs                 ? 
_refine.B_iso_min                                ? 
_refine.B_iso_max                                ? 
_refine.overall_SU_R_Cruickshank_DPI             ? 
_refine.overall_SU_R_free                        ? 
_refine.ls_wR_factor_R_free                      ? 
_refine.ls_wR_factor_R_work                      ? 
_refine.overall_FOM_free_R_set                   ? 
_refine.overall_FOM_work_R_set                   ? 
_refine.pdbx_refine_id                           'X-RAY DIFFRACTION' 
_refine.pdbx_TLS_residual_ADP_flag               'LIKELY RESIDUAL' 
_refine.pdbx_diffrn_id                           1 
_refine.pdbx_overall_phase_error                 ? 
_refine.pdbx_overall_SU_R_free_Cruickshank_DPI   ? 
_refine.pdbx_overall_SU_R_Blow_DPI               ? 
_refine.pdbx_overall_SU_R_free_Blow_DPI          ? 
# 
_refine_hist.pdbx_refine_id                   'X-RAY DIFFRACTION' 
_refine_hist.cycle_id                         LAST 
_refine_hist.pdbx_number_atoms_protein        862 
_refine_hist.pdbx_number_atoms_nucleic_acid   0 
_refine_hist.pdbx_number_atoms_ligand         0 
_refine_hist.number_atoms_solvent             47 
_refine_hist.number_atoms_total               909 
_refine_hist.d_res_high                       2.02 
_refine_hist.d_res_low                        27.02 
# 
loop_
_refine_ls_restr.type 
_refine_ls_restr.dev_ideal 
_refine_ls_restr.dev_ideal_target 
_refine_ls_restr.weight 
_refine_ls_restr.number 
_refine_ls_restr.pdbx_refine_id 
_refine_ls_restr.pdbx_restraint_function 
r_bond_refined_d             0.013  0.022  ? 873  'X-RAY DIFFRACTION' ? 
r_bond_other_d               ?      ?      ? ?    'X-RAY DIFFRACTION' ? 
r_angle_refined_deg          1.326  1.972  ? 1181 'X-RAY DIFFRACTION' ? 
r_angle_other_deg            ?      ?      ? ?    'X-RAY DIFFRACTION' ? 
r_dihedral_angle_1_deg       6.986  5.000  ? 107  'X-RAY DIFFRACTION' ? 
r_dihedral_angle_2_deg       36.686 26.098 ? 41   'X-RAY DIFFRACTION' ? 
r_dihedral_angle_3_deg       12.451 15.000 ? 162  'X-RAY DIFFRACTION' ? 
r_dihedral_angle_4_deg       16.040 15.000 ? 4    'X-RAY DIFFRACTION' ? 
r_chiral_restr               0.095  0.200  ? 139  'X-RAY DIFFRACTION' ? 
r_gen_planes_refined         0.005  0.020  ? 646  'X-RAY DIFFRACTION' ? 
r_gen_planes_other           ?      ?      ? ?    'X-RAY DIFFRACTION' ? 
r_nbd_refined                0.186  0.200  ? 360  'X-RAY DIFFRACTION' ? 
r_nbd_other                  ?      ?      ? ?    'X-RAY DIFFRACTION' ? 
r_nbtor_refined              0.301  0.200  ? 594  'X-RAY DIFFRACTION' ? 
r_nbtor_other                ?      ?      ? ?    'X-RAY DIFFRACTION' ? 
r_xyhbond_nbd_refined        0.159  0.200  ? 63   'X-RAY DIFFRACTION' ? 
r_xyhbond_nbd_other          ?      ?      ? ?    'X-RAY DIFFRACTION' ? 
r_metal_ion_refined          ?      ?      ? ?    'X-RAY DIFFRACTION' ? 
r_metal_ion_other            ?      ?      ? ?    'X-RAY DIFFRACTION' ? 
r_symmetry_vdw_refined       0.226  0.200  ? 36   'X-RAY DIFFRACTION' ? 
r_symmetry_vdw_other         ?      ?      ? ?    'X-RAY DIFFRACTION' ? 
r_symmetry_hbond_refined     0.181  0.200  ? 11   'X-RAY DIFFRACTION' ? 
r_symmetry_hbond_other       ?      ?      ? ?    'X-RAY DIFFRACTION' ? 
r_symmetry_metal_ion_refined ?      ?      ? ?    'X-RAY DIFFRACTION' ? 
r_symmetry_metal_ion_other   ?      ?      ? ?    'X-RAY DIFFRACTION' ? 
r_mcbond_it                  0.950  1.500  ? 560  'X-RAY DIFFRACTION' ? 
r_mcbond_other               ?      ?      ? ?    'X-RAY DIFFRACTION' ? 
r_mcangle_it                 1.368  2.000  ? 882  'X-RAY DIFFRACTION' ? 
r_scbond_it                  1.976  3.000  ? 353  'X-RAY DIFFRACTION' ? 
r_scangle_it                 3.013  4.500  ? 299  'X-RAY DIFFRACTION' ? 
r_rigid_bond_restr           ?      ?      ? ?    'X-RAY DIFFRACTION' ? 
r_sphericity_free            ?      ?      ? ?    'X-RAY DIFFRACTION' ? 
r_sphericity_bonded          ?      ?      ? ?    'X-RAY DIFFRACTION' ? 
# 
_refine_ls_shell.pdbx_total_number_of_bins_used   20 
_refine_ls_shell.d_res_high                       2.02 
_refine_ls_shell.d_res_low                        2.07 
_refine_ls_shell.number_reflns_R_work             458 
_refine_ls_shell.R_factor_R_work                  0.188 
_refine_ls_shell.percent_reflns_obs               60.89 
_refine_ls_shell.R_factor_R_free                  0.237 
_refine_ls_shell.R_factor_R_free_error            ? 
_refine_ls_shell.percent_reflns_R_free            ? 
_refine_ls_shell.number_reflns_R_free             23 
_refine_ls_shell.number_reflns_all                ? 
_refine_ls_shell.R_factor_all                     ? 
_refine_ls_shell.number_reflns_obs                481 
_refine_ls_shell.redundancy_reflns_obs            ? 
_refine_ls_shell.pdbx_refine_id                   'X-RAY DIFFRACTION' 
# 
_struct.entry_id                  2R39 
_struct.title                     'Crystal structure of FixG-related protein from Vibrio parahaemolyticus' 
_struct.pdbx_model_details        ? 
_struct.pdbx_CASP_flag            ? 
_struct.pdbx_model_type_details   ? 
# 
_struct_keywords.entry_id        2R39 
_struct_keywords.pdbx_keywords   'STRUCTURAL GENOMICS, UNKNOWN FUNCTION' 
_struct_keywords.text            
;FixG-related protein, Vibrio parahaemolyticus, Structural Genomics, PSI-2, Protein Structure Initiative, Midwest Center for Structural Genomics, MCSG, Iron, Iron-sulfur, Metal-binding, UNKNOWN FUNCTION
;
# 
loop_
_struct_asym.id 
_struct_asym.pdbx_blank_PDB_chainid_flag 
_struct_asym.pdbx_modified 
_struct_asym.entity_id 
_struct_asym.details 
A N N 1 ? 
B N N 2 ? 
# 
_struct_ref.id                         1 
_struct_ref.db_name                    UNP 
_struct_ref.db_code                    Q87KC5_VIBPA 
_struct_ref.pdbx_db_accession          Q87KC5 
_struct_ref.entity_id                  1 
_struct_ref.pdbx_seq_one_letter_code   
;QIAAVDPAGMSVIRDRNQLFRVNSAGEVENTYTLKVINKTQQVQEYNLDVKGLNDVSWYGKQTIQVEPGEVLNLPMSLGA
DPDKLNSAITTIQFILTDKSNEFTIEVESRFIKKL
;
_struct_ref.pdbx_align_begin           373 
_struct_ref.pdbx_db_isoform            ? 
# 
_struct_ref_seq.align_id                      1 
_struct_ref_seq.ref_id                        1 
_struct_ref_seq.pdbx_PDB_id_code              2R39 
_struct_ref_seq.pdbx_strand_id                A 
_struct_ref_seq.seq_align_beg                 4 
_struct_ref_seq.pdbx_seq_align_beg_ins_code   ? 
_struct_ref_seq.seq_align_end                 118 
_struct_ref_seq.pdbx_seq_align_end_ins_code   ? 
_struct_ref_seq.pdbx_db_accession             Q87KC5 
_struct_ref_seq.db_align_beg                  373 
_struct_ref_seq.pdbx_db_align_beg_ins_code    ? 
_struct_ref_seq.db_align_end                  487 
_struct_ref_seq.pdbx_db_align_end_ins_code    ? 
_struct_ref_seq.pdbx_auth_seq_align_beg       373 
_struct_ref_seq.pdbx_auth_seq_align_end       487 
# 
loop_
_struct_ref_seq_dif.align_id 
_struct_ref_seq_dif.pdbx_pdb_id_code 
_struct_ref_seq_dif.mon_id 
_struct_ref_seq_dif.pdbx_pdb_strand_id 
_struct_ref_seq_dif.seq_num 
_struct_ref_seq_dif.pdbx_pdb_ins_code 
_struct_ref_seq_dif.pdbx_seq_db_name 
_struct_ref_seq_dif.pdbx_seq_db_accession_code 
_struct_ref_seq_dif.db_mon_id 
_struct_ref_seq_dif.pdbx_seq_db_seq_num 
_struct_ref_seq_dif.details 
_struct_ref_seq_dif.pdbx_auth_seq_num 
_struct_ref_seq_dif.pdbx_ordinal 
1 2R39 SER A 1 ? UNP Q87KC5 ? ? 'expression tag' 370 1 
1 2R39 ASN A 2 ? UNP Q87KC5 ? ? 'expression tag' 371 2 
1 2R39 ALA A 3 ? UNP Q87KC5 ? ? 'expression tag' 372 3 
# 
_pdbx_struct_assembly.id                   1 
_pdbx_struct_assembly.details              author_and_software_defined_assembly 
_pdbx_struct_assembly.method_details       PISA 
_pdbx_struct_assembly.oligomeric_details   monomeric 
_pdbx_struct_assembly.oligomeric_count     1 
# 
_pdbx_struct_assembly_gen.assembly_id       1 
_pdbx_struct_assembly_gen.oper_expression   1 
_pdbx_struct_assembly_gen.asym_id_list      A,B 
# 
_pdbx_struct_oper_list.id                   1 
_pdbx_struct_oper_list.type                 'identity operation' 
_pdbx_struct_oper_list.name                 1_555 
_pdbx_struct_oper_list.symmetry_operation   x,y,z 
_pdbx_struct_oper_list.matrix[1][1]         1.0000000000 
_pdbx_struct_oper_list.matrix[1][2]         0.0000000000 
_pdbx_struct_oper_list.matrix[1][3]         0.0000000000 
_pdbx_struct_oper_list.vector[1]            0.0000000000 
_pdbx_struct_oper_list.matrix[2][1]         0.0000000000 
_pdbx_struct_oper_list.matrix[2][2]         1.0000000000 
_pdbx_struct_oper_list.matrix[2][3]         0.0000000000 
_pdbx_struct_oper_list.vector[2]            0.0000000000 
_pdbx_struct_oper_list.matrix[3][1]         0.0000000000 
_pdbx_struct_oper_list.matrix[3][2]         0.0000000000 
_pdbx_struct_oper_list.matrix[3][3]         1.0000000000 
_pdbx_struct_oper_list.vector[3]            0.0000000000 
# 
_struct_biol.id   1 
# 
loop_
_struct_conf.conf_type_id 
_struct_conf.id 
_struct_conf.pdbx_PDB_helix_id 
_struct_conf.beg_label_comp_id 
_struct_conf.beg_label_asym_id 
_struct_conf.beg_label_seq_id 
_struct_conf.pdbx_beg_PDB_ins_code 
_struct_conf.end_label_comp_id 
_struct_conf.end_label_asym_id 
_struct_conf.end_label_seq_id 
_struct_conf.pdbx_end_PDB_ins_code 
_struct_conf.beg_auth_comp_id 
_struct_conf.beg_auth_asym_id 
_struct_conf.beg_auth_seq_id 
_struct_conf.end_auth_comp_id 
_struct_conf.end_auth_asym_id 
_struct_conf.end_auth_seq_id 
_struct_conf.pdbx_PDB_helix_class 
_struct_conf.details 
_struct_conf.pdbx_PDB_helix_length 
HELX_P HELX_P1 1 ASP A 84  ? LEU A 88  ? ASP A 453 LEU A 457 5 ? 5 
HELX_P HELX_P2 2 LYS A 102 ? GLU A 105 ? LYS A 471 GLU A 474 5 ? 4 
# 
_struct_conf_type.id          HELX_P 
_struct_conf_type.criteria    ? 
_struct_conf_type.reference   ? 
# 
loop_
_struct_conn.id 
_struct_conn.conn_type_id 
_struct_conn.pdbx_leaving_atom_flag 
_struct_conn.pdbx_PDB_id 
_struct_conn.ptnr1_label_asym_id 
_struct_conn.ptnr1_label_comp_id 
_struct_conn.ptnr1_label_seq_id 
_struct_conn.ptnr1_label_atom_id 
_struct_conn.pdbx_ptnr1_label_alt_id 
_struct_conn.pdbx_ptnr1_PDB_ins_code 
_struct_conn.pdbx_ptnr1_standard_comp_id 
_struct_conn.ptnr1_symmetry 
_struct_conn.ptnr2_label_asym_id 
_struct_conn.ptnr2_label_comp_id 
_struct_conn.ptnr2_label_seq_id 
_struct_conn.ptnr2_label_atom_id 
_struct_conn.pdbx_ptnr2_label_alt_id 
_struct_conn.pdbx_ptnr2_PDB_ins_code 
_struct_conn.ptnr1_auth_asym_id 
_struct_conn.ptnr1_auth_comp_id 
_struct_conn.ptnr1_auth_seq_id 
_struct_conn.ptnr2_auth_asym_id 
_struct_conn.ptnr2_auth_comp_id 
_struct_conn.ptnr2_auth_seq_id 
_struct_conn.ptnr2_symmetry 
_struct_conn.pdbx_ptnr3_label_atom_id 
_struct_conn.pdbx_ptnr3_label_seq_id 
_struct_conn.pdbx_ptnr3_label_comp_id 
_struct_conn.pdbx_ptnr3_label_asym_id 
_struct_conn.pdbx_ptnr3_label_alt_id 
_struct_conn.pdbx_ptnr3_PDB_ins_code 
_struct_conn.details 
_struct_conn.pdbx_dist_value 
_struct_conn.pdbx_value_order 
_struct_conn.pdbx_role 
covale1 covale both ? A GLY 12 C ? ? ? 1_555 A MSE 13 N ? ? A GLY 381 A MSE 382 1_555 ? ? ? ? ? ? ? 1.326 ? ? 
covale2 covale both ? A MSE 13 C ? ? ? 1_555 A SER 14 N ? ? A MSE 382 A SER 383 1_555 ? ? ? ? ? ? ? 1.319 ? ? 
covale3 covale both ? A PRO 78 C ? ? ? 1_555 A MSE 79 N ? ? A PRO 447 A MSE 448 1_555 ? ? ? ? ? ? ? 1.326 ? ? 
covale4 covale both ? A MSE 79 C ? ? ? 1_555 A SER 80 N ? ? A MSE 448 A SER 449 1_555 ? ? ? ? ? ? ? 1.328 ? ? 
# 
_struct_conn_type.id          covale 
_struct_conn_type.criteria    ? 
_struct_conn_type.reference   ? 
# 
loop_
_pdbx_modification_feature.ordinal 
_pdbx_modification_feature.label_comp_id 
_pdbx_modification_feature.label_asym_id 
_pdbx_modification_feature.label_seq_id 
_pdbx_modification_feature.label_alt_id 
_pdbx_modification_feature.modified_residue_label_comp_id 
_pdbx_modification_feature.modified_residue_label_asym_id 
_pdbx_modification_feature.modified_residue_label_seq_id 
_pdbx_modification_feature.modified_residue_label_alt_id 
_pdbx_modification_feature.auth_comp_id 
_pdbx_modification_feature.auth_asym_id 
_pdbx_modification_feature.auth_seq_id 
_pdbx_modification_feature.PDB_ins_code 
_pdbx_modification_feature.symmetry 
_pdbx_modification_feature.modified_residue_auth_comp_id 
_pdbx_modification_feature.modified_residue_auth_asym_id 
_pdbx_modification_feature.modified_residue_auth_seq_id 
_pdbx_modification_feature.modified_residue_PDB_ins_code 
_pdbx_modification_feature.modified_residue_symmetry 
_pdbx_modification_feature.comp_id_linking_atom 
_pdbx_modification_feature.modified_residue_id_linking_atom 
_pdbx_modification_feature.modified_residue_id 
_pdbx_modification_feature.ref_pcm_id 
_pdbx_modification_feature.ref_comp_id 
_pdbx_modification_feature.type 
_pdbx_modification_feature.category 
1 MSE A 13 ? . . . . MSE A 382 ? 1_555 . . . . . . . MET 1 MSE Selenomethionine 'Named protein modification' 
2 MSE A 79 ? . . . . MSE A 448 ? 1_555 . . . . . . . MET 1 MSE Selenomethionine 'Named protein modification' 
# 
loop_
_struct_sheet.id 
_struct_sheet.type 
_struct_sheet.number_strands 
_struct_sheet.details 
A ? 4 ? 
B ? 4 ? 
# 
loop_
_struct_sheet_order.sheet_id 
_struct_sheet_order.range_id_1 
_struct_sheet_order.range_id_2 
_struct_sheet_order.offset 
_struct_sheet_order.sense 
A 1 2 ? anti-parallel 
A 2 3 ? anti-parallel 
A 3 4 ? anti-parallel 
B 1 2 ? anti-parallel 
B 2 3 ? anti-parallel 
B 3 4 ? anti-parallel 
# 
loop_
_struct_sheet_range.sheet_id 
_struct_sheet_range.id 
_struct_sheet_range.beg_label_comp_id 
_struct_sheet_range.beg_label_asym_id 
_struct_sheet_range.beg_label_seq_id 
_struct_sheet_range.pdbx_beg_PDB_ins_code 
_struct_sheet_range.end_label_comp_id 
_struct_sheet_range.end_label_asym_id 
_struct_sheet_range.end_label_seq_id 
_struct_sheet_range.pdbx_end_PDB_ins_code 
_struct_sheet_range.beg_auth_comp_id 
_struct_sheet_range.beg_auth_asym_id 
_struct_sheet_range.beg_auth_seq_id 
_struct_sheet_range.end_auth_comp_id 
_struct_sheet_range.end_auth_asym_id 
_struct_sheet_range.end_auth_seq_id 
A 1 ALA A 11  ? ARG A 17  ? ALA A 380 ARG A 386 
A 2 VAL A 31  ? ASN A 41  ? VAL A 400 ASN A 410 
A 3 VAL A 74  ? ALA A 83  ? VAL A 443 ALA A 452 
A 4 SER A 60  ? TYR A 62  ? SER A 429 TYR A 431 
B 1 THR A 66  ? VAL A 69  ? THR A 435 VAL A 438 
B 2 GLN A 47  ? LYS A 54  ? GLN A 416 LYS A 423 
B 3 ILE A 92  ? ASP A 101 ? ILE A 461 ASP A 470 
B 4 PHE A 106 ? ILE A 115 ? PHE A 475 ILE A 484 
# 
loop_
_pdbx_struct_sheet_hbond.sheet_id 
_pdbx_struct_sheet_hbond.range_id_1 
_pdbx_struct_sheet_hbond.range_id_2 
_pdbx_struct_sheet_hbond.range_1_label_atom_id 
_pdbx_struct_sheet_hbond.range_1_label_comp_id 
_pdbx_struct_sheet_hbond.range_1_label_asym_id 
_pdbx_struct_sheet_hbond.range_1_label_seq_id 
_pdbx_struct_sheet_hbond.range_1_PDB_ins_code 
_pdbx_struct_sheet_hbond.range_1_auth_atom_id 
_pdbx_struct_sheet_hbond.range_1_auth_comp_id 
_pdbx_struct_sheet_hbond.range_1_auth_asym_id 
_pdbx_struct_sheet_hbond.range_1_auth_seq_id 
_pdbx_struct_sheet_hbond.range_2_label_atom_id 
_pdbx_struct_sheet_hbond.range_2_label_comp_id 
_pdbx_struct_sheet_hbond.range_2_label_asym_id 
_pdbx_struct_sheet_hbond.range_2_label_seq_id 
_pdbx_struct_sheet_hbond.range_2_PDB_ins_code 
_pdbx_struct_sheet_hbond.range_2_auth_atom_id 
_pdbx_struct_sheet_hbond.range_2_auth_comp_id 
_pdbx_struct_sheet_hbond.range_2_auth_asym_id 
_pdbx_struct_sheet_hbond.range_2_auth_seq_id 
A 1 2 N SER A 14 ? N SER A 383 O LYS A 38  ? O LYS A 407 
A 2 3 N LEU A 37 ? N LEU A 406 O LEU A 77  ? O LEU A 446 
A 3 4 O GLY A 82 ? O GLY A 451 N SER A 60  ? N SER A 429 
B 1 2 O VAL A 69 ? O VAL A 438 N GLN A 47  ? N GLN A 416 
B 2 3 N ASN A 50 ? N ASN A 419 O THR A 100 ? O THR A 469 
B 3 4 N THR A 93 ? N THR A 462 O PHE A 114 ? O PHE A 483 
# 
_pdbx_entry_details.entry_id                   2R39 
_pdbx_entry_details.compound_details           ? 
_pdbx_entry_details.source_details             ? 
_pdbx_entry_details.nonpolymer_details         ? 
_pdbx_entry_details.sequence_details           ? 
_pdbx_entry_details.has_ligand_of_interest     ? 
_pdbx_entry_details.has_protein_modification   Y 
# 
loop_
_pdbx_validate_torsion.id 
_pdbx_validate_torsion.PDB_model_num 
_pdbx_validate_torsion.auth_comp_id 
_pdbx_validate_torsion.auth_asym_id 
_pdbx_validate_torsion.auth_seq_id 
_pdbx_validate_torsion.PDB_ins_code 
_pdbx_validate_torsion.label_alt_id 
_pdbx_validate_torsion.phi 
_pdbx_validate_torsion.psi 
1 1 PHE A 392 ? ? 48.34   29.82   
2 1 ARG A 393 ? ? -52.13  81.62   
3 1 SER A 481 ? ? -148.87 -159.23 
# 
_pdbx_SG_project.id                    1 
_pdbx_SG_project.project_name          'PSI, Protein Structure Initiative' 
_pdbx_SG_project.full_name_of_center   'Midwest Center for Structural Genomics' 
_pdbx_SG_project.initial_of_center     MCSG 
# 
loop_
_pdbx_struct_mod_residue.id 
_pdbx_struct_mod_residue.label_asym_id 
_pdbx_struct_mod_residue.label_comp_id 
_pdbx_struct_mod_residue.label_seq_id 
_pdbx_struct_mod_residue.auth_asym_id 
_pdbx_struct_mod_residue.auth_comp_id 
_pdbx_struct_mod_residue.auth_seq_id 
_pdbx_struct_mod_residue.PDB_ins_code 
_pdbx_struct_mod_residue.parent_comp_id 
_pdbx_struct_mod_residue.details 
1 A MSE 13 A MSE 382 ? MET SELENOMETHIONINE 
2 A MSE 79 A MSE 448 ? MET SELENOMETHIONINE 
# 
loop_
_pdbx_struct_special_symmetry.id 
_pdbx_struct_special_symmetry.PDB_model_num 
_pdbx_struct_special_symmetry.auth_asym_id 
_pdbx_struct_special_symmetry.auth_comp_id 
_pdbx_struct_special_symmetry.auth_seq_id 
_pdbx_struct_special_symmetry.PDB_ins_code 
_pdbx_struct_special_symmetry.label_asym_id 
_pdbx_struct_special_symmetry.label_comp_id 
_pdbx_struct_special_symmetry.label_seq_id 
1 1 A HOH 528 ? B HOH . 
2 1 A HOH 537 ? B HOH . 
# 
loop_
_pdbx_refine_tls.id 
_pdbx_refine_tls.details 
_pdbx_refine_tls.method 
_pdbx_refine_tls.origin_x 
_pdbx_refine_tls.origin_y 
_pdbx_refine_tls.origin_z 
_pdbx_refine_tls.T[1][1] 
_pdbx_refine_tls.T[2][2] 
_pdbx_refine_tls.T[3][3] 
_pdbx_refine_tls.T[1][2] 
_pdbx_refine_tls.T[1][3] 
_pdbx_refine_tls.T[2][3] 
_pdbx_refine_tls.L[1][1] 
_pdbx_refine_tls.L[2][2] 
_pdbx_refine_tls.L[3][3] 
_pdbx_refine_tls.L[1][2] 
_pdbx_refine_tls.L[1][3] 
_pdbx_refine_tls.L[2][3] 
_pdbx_refine_tls.S[1][1] 
_pdbx_refine_tls.S[1][2] 
_pdbx_refine_tls.S[1][3] 
_pdbx_refine_tls.S[2][1] 
_pdbx_refine_tls.S[2][2] 
_pdbx_refine_tls.S[2][3] 
_pdbx_refine_tls.S[3][1] 
_pdbx_refine_tls.S[3][2] 
_pdbx_refine_tls.S[3][3] 
_pdbx_refine_tls.pdbx_refine_id 
1 ? refined -0.6945 -5.7644 -2.2896 0.1535  -0.1138 -0.1129 -0.1488 0.0428 -0.0248 2.1696 8.4654 6.9600 -3.2253 0.2709  -4.5715 -0.3618 0.1821 -0.4423 -0.5395 0.2991 0.3590 1.4219 -0.5898 0.0626 'X-RAY DIFFRACTION' 
2 ? refined 1.4180  2.3340  1.7761  -0.1395 -0.1859 -0.1970 -0.0318 0.0095 0.0115  1.6019 3.1447 6.0306 -0.1077 -1.4941 -2.0546 -0.1817 0.0505 -0.1002 0.0594  0.0452 0.0679 0.3326 -0.3443 0.1365 'X-RAY DIFFRACTION' 
# 
loop_
_pdbx_refine_tls_group.id 
_pdbx_refine_tls_group.refine_tls_id 
_pdbx_refine_tls_group.beg_auth_asym_id 
_pdbx_refine_tls_group.beg_auth_seq_id 
_pdbx_refine_tls_group.beg_label_asym_id 
_pdbx_refine_tls_group.beg_label_seq_id 
_pdbx_refine_tls_group.end_auth_asym_id 
_pdbx_refine_tls_group.end_auth_seq_id 
_pdbx_refine_tls_group.end_label_asym_id 
_pdbx_refine_tls_group.end_label_seq_id 
_pdbx_refine_tls_group.selection 
_pdbx_refine_tls_group.pdbx_refine_id 
_pdbx_refine_tls_group.selection_details 
1 1 A 378 A 9  A 389 A 20  ? 'X-RAY DIFFRACTION' ? 
2 1 A 398 A 29 A 413 A 44  ? 'X-RAY DIFFRACTION' ? 
3 1 A 441 A 72 A 447 A 78  ? 'X-RAY DIFFRACTION' ? 
4 2 A 414 A 45 A 440 A 71  ? 'X-RAY DIFFRACTION' ? 
5 2 A 448 A 79 A 487 A 118 ? 'X-RAY DIFFRACTION' ? 
# 
loop_
_pdbx_unobs_or_zero_occ_residues.id 
_pdbx_unobs_or_zero_occ_residues.PDB_model_num 
_pdbx_unobs_or_zero_occ_residues.polymer_flag 
_pdbx_unobs_or_zero_occ_residues.occupancy_flag 
_pdbx_unobs_or_zero_occ_residues.auth_asym_id 
_pdbx_unobs_or_zero_occ_residues.auth_comp_id 
_pdbx_unobs_or_zero_occ_residues.auth_seq_id 
_pdbx_unobs_or_zero_occ_residues.PDB_ins_code 
_pdbx_unobs_or_zero_occ_residues.label_asym_id 
_pdbx_unobs_or_zero_occ_residues.label_comp_id 
_pdbx_unobs_or_zero_occ_residues.label_seq_id 
1 1 Y 1 A SER 370 ? A SER 1  
2 1 Y 1 A ASN 371 ? A ASN 2  
3 1 Y 1 A ALA 372 ? A ALA 3  
4 1 Y 1 A GLN 373 ? A GLN 4  
5 1 Y 1 A ILE 374 ? A ILE 5  
6 1 Y 1 A ALA 375 ? A ALA 6  
7 1 Y 1 A ALA 376 ? A ALA 7  
8 1 Y 1 A ASN 395 ? A ASN 26 
9 1 Y 1 A SER 396 ? A SER 27 
# 
loop_
_chem_comp_atom.comp_id 
_chem_comp_atom.atom_id 
_chem_comp_atom.type_symbol 
_chem_comp_atom.pdbx_aromatic_flag 
_chem_comp_atom.pdbx_stereo_config 
_chem_comp_atom.pdbx_ordinal 
ALA N    N  N N 1   
ALA CA   C  N S 2   
ALA C    C  N N 3   
ALA O    O  N N 4   
ALA CB   C  N N 5   
ALA OXT  O  N N 6   
ALA H    H  N N 7   
ALA H2   H  N N 8   
ALA HA   H  N N 9   
ALA HB1  H  N N 10  
ALA HB2  H  N N 11  
ALA HB3  H  N N 12  
ALA HXT  H  N N 13  
ARG N    N  N N 14  
ARG CA   C  N S 15  
ARG C    C  N N 16  
ARG O    O  N N 17  
ARG CB   C  N N 18  
ARG CG   C  N N 19  
ARG CD   C  N N 20  
ARG NE   N  N N 21  
ARG CZ   C  N N 22  
ARG NH1  N  N N 23  
ARG NH2  N  N N 24  
ARG OXT  O  N N 25  
ARG H    H  N N 26  
ARG H2   H  N N 27  
ARG HA   H  N N 28  
ARG HB2  H  N N 29  
ARG HB3  H  N N 30  
ARG HG2  H  N N 31  
ARG HG3  H  N N 32  
ARG HD2  H  N N 33  
ARG HD3  H  N N 34  
ARG HE   H  N N 35  
ARG HH11 H  N N 36  
ARG HH12 H  N N 37  
ARG HH21 H  N N 38  
ARG HH22 H  N N 39  
ARG HXT  H  N N 40  
ASN N    N  N N 41  
ASN CA   C  N S 42  
ASN C    C  N N 43  
ASN O    O  N N 44  
ASN CB   C  N N 45  
ASN CG   C  N N 46  
ASN OD1  O  N N 47  
ASN ND2  N  N N 48  
ASN OXT  O  N N 49  
ASN H    H  N N 50  
ASN H2   H  N N 51  
ASN HA   H  N N 52  
ASN HB2  H  N N 53  
ASN HB3  H  N N 54  
ASN HD21 H  N N 55  
ASN HD22 H  N N 56  
ASN HXT  H  N N 57  
ASP N    N  N N 58  
ASP CA   C  N S 59  
ASP C    C  N N 60  
ASP O    O  N N 61  
ASP CB   C  N N 62  
ASP CG   C  N N 63  
ASP OD1  O  N N 64  
ASP OD2  O  N N 65  
ASP OXT  O  N N 66  
ASP H    H  N N 67  
ASP H2   H  N N 68  
ASP HA   H  N N 69  
ASP HB2  H  N N 70  
ASP HB3  H  N N 71  
ASP HD2  H  N N 72  
ASP HXT  H  N N 73  
GLN N    N  N N 74  
GLN CA   C  N S 75  
GLN C    C  N N 76  
GLN O    O  N N 77  
GLN CB   C  N N 78  
GLN CG   C  N N 79  
GLN CD   C  N N 80  
GLN OE1  O  N N 81  
GLN NE2  N  N N 82  
GLN OXT  O  N N 83  
GLN H    H  N N 84  
GLN H2   H  N N 85  
GLN HA   H  N N 86  
GLN HB2  H  N N 87  
GLN HB3  H  N N 88  
GLN HG2  H  N N 89  
GLN HG3  H  N N 90  
GLN HE21 H  N N 91  
GLN HE22 H  N N 92  
GLN HXT  H  N N 93  
GLU N    N  N N 94  
GLU CA   C  N S 95  
GLU C    C  N N 96  
GLU O    O  N N 97  
GLU CB   C  N N 98  
GLU CG   C  N N 99  
GLU CD   C  N N 100 
GLU OE1  O  N N 101 
GLU OE2  O  N N 102 
GLU OXT  O  N N 103 
GLU H    H  N N 104 
GLU H2   H  N N 105 
GLU HA   H  N N 106 
GLU HB2  H  N N 107 
GLU HB3  H  N N 108 
GLU HG2  H  N N 109 
GLU HG3  H  N N 110 
GLU HE2  H  N N 111 
GLU HXT  H  N N 112 
GLY N    N  N N 113 
GLY CA   C  N N 114 
GLY C    C  N N 115 
GLY O    O  N N 116 
GLY OXT  O  N N 117 
GLY H    H  N N 118 
GLY H2   H  N N 119 
GLY HA2  H  N N 120 
GLY HA3  H  N N 121 
GLY HXT  H  N N 122 
HOH O    O  N N 123 
HOH H1   H  N N 124 
HOH H2   H  N N 125 
ILE N    N  N N 126 
ILE CA   C  N S 127 
ILE C    C  N N 128 
ILE O    O  N N 129 
ILE CB   C  N S 130 
ILE CG1  C  N N 131 
ILE CG2  C  N N 132 
ILE CD1  C  N N 133 
ILE OXT  O  N N 134 
ILE H    H  N N 135 
ILE H2   H  N N 136 
ILE HA   H  N N 137 
ILE HB   H  N N 138 
ILE HG12 H  N N 139 
ILE HG13 H  N N 140 
ILE HG21 H  N N 141 
ILE HG22 H  N N 142 
ILE HG23 H  N N 143 
ILE HD11 H  N N 144 
ILE HD12 H  N N 145 
ILE HD13 H  N N 146 
ILE HXT  H  N N 147 
LEU N    N  N N 148 
LEU CA   C  N S 149 
LEU C    C  N N 150 
LEU O    O  N N 151 
LEU CB   C  N N 152 
LEU CG   C  N N 153 
LEU CD1  C  N N 154 
LEU CD2  C  N N 155 
LEU OXT  O  N N 156 
LEU H    H  N N 157 
LEU H2   H  N N 158 
LEU HA   H  N N 159 
LEU HB2  H  N N 160 
LEU HB3  H  N N 161 
LEU HG   H  N N 162 
LEU HD11 H  N N 163 
LEU HD12 H  N N 164 
LEU HD13 H  N N 165 
LEU HD21 H  N N 166 
LEU HD22 H  N N 167 
LEU HD23 H  N N 168 
LEU HXT  H  N N 169 
LYS N    N  N N 170 
LYS CA   C  N S 171 
LYS C    C  N N 172 
LYS O    O  N N 173 
LYS CB   C  N N 174 
LYS CG   C  N N 175 
LYS CD   C  N N 176 
LYS CE   C  N N 177 
LYS NZ   N  N N 178 
LYS OXT  O  N N 179 
LYS H    H  N N 180 
LYS H2   H  N N 181 
LYS HA   H  N N 182 
LYS HB2  H  N N 183 
LYS HB3  H  N N 184 
LYS HG2  H  N N 185 
LYS HG3  H  N N 186 
LYS HD2  H  N N 187 
LYS HD3  H  N N 188 
LYS HE2  H  N N 189 
LYS HE3  H  N N 190 
LYS HZ1  H  N N 191 
LYS HZ2  H  N N 192 
LYS HZ3  H  N N 193 
LYS HXT  H  N N 194 
MSE N    N  N N 195 
MSE CA   C  N S 196 
MSE C    C  N N 197 
MSE O    O  N N 198 
MSE OXT  O  N N 199 
MSE CB   C  N N 200 
MSE CG   C  N N 201 
MSE SE   SE N N 202 
MSE CE   C  N N 203 
MSE H    H  N N 204 
MSE H2   H  N N 205 
MSE HA   H  N N 206 
MSE HXT  H  N N 207 
MSE HB2  H  N N 208 
MSE HB3  H  N N 209 
MSE HG2  H  N N 210 
MSE HG3  H  N N 211 
MSE HE1  H  N N 212 
MSE HE2  H  N N 213 
MSE HE3  H  N N 214 
PHE N    N  N N 215 
PHE CA   C  N S 216 
PHE C    C  N N 217 
PHE O    O  N N 218 
PHE CB   C  N N 219 
PHE CG   C  Y N 220 
PHE CD1  C  Y N 221 
PHE CD2  C  Y N 222 
PHE CE1  C  Y N 223 
PHE CE2  C  Y N 224 
PHE CZ   C  Y N 225 
PHE OXT  O  N N 226 
PHE H    H  N N 227 
PHE H2   H  N N 228 
PHE HA   H  N N 229 
PHE HB2  H  N N 230 
PHE HB3  H  N N 231 
PHE HD1  H  N N 232 
PHE HD2  H  N N 233 
PHE HE1  H  N N 234 
PHE HE2  H  N N 235 
PHE HZ   H  N N 236 
PHE HXT  H  N N 237 
PRO N    N  N N 238 
PRO CA   C  N S 239 
PRO C    C  N N 240 
PRO O    O  N N 241 
PRO CB   C  N N 242 
PRO CG   C  N N 243 
PRO CD   C  N N 244 
PRO OXT  O  N N 245 
PRO H    H  N N 246 
PRO HA   H  N N 247 
PRO HB2  H  N N 248 
PRO HB3  H  N N 249 
PRO HG2  H  N N 250 
PRO HG3  H  N N 251 
PRO HD2  H  N N 252 
PRO HD3  H  N N 253 
PRO HXT  H  N N 254 
SER N    N  N N 255 
SER CA   C  N S 256 
SER C    C  N N 257 
SER O    O  N N 258 
SER CB   C  N N 259 
SER OG   O  N N 260 
SER OXT  O  N N 261 
SER H    H  N N 262 
SER H2   H  N N 263 
SER HA   H  N N 264 
SER HB2  H  N N 265 
SER HB3  H  N N 266 
SER HG   H  N N 267 
SER HXT  H  N N 268 
THR N    N  N N 269 
THR CA   C  N S 270 
THR C    C  N N 271 
THR O    O  N N 272 
THR CB   C  N R 273 
THR OG1  O  N N 274 
THR CG2  C  N N 275 
THR OXT  O  N N 276 
THR H    H  N N 277 
THR H2   H  N N 278 
THR HA   H  N N 279 
THR HB   H  N N 280 
THR HG1  H  N N 281 
THR HG21 H  N N 282 
THR HG22 H  N N 283 
THR HG23 H  N N 284 
THR HXT  H  N N 285 
TRP N    N  N N 286 
TRP CA   C  N S 287 
TRP C    C  N N 288 
TRP O    O  N N 289 
TRP CB   C  N N 290 
TRP CG   C  Y N 291 
TRP CD1  C  Y N 292 
TRP CD2  C  Y N 293 
TRP NE1  N  Y N 294 
TRP CE2  C  Y N 295 
TRP CE3  C  Y N 296 
TRP CZ2  C  Y N 297 
TRP CZ3  C  Y N 298 
TRP CH2  C  Y N 299 
TRP OXT  O  N N 300 
TRP H    H  N N 301 
TRP H2   H  N N 302 
TRP HA   H  N N 303 
TRP HB2  H  N N 304 
TRP HB3  H  N N 305 
TRP HD1  H  N N 306 
TRP HE1  H  N N 307 
TRP HE3  H  N N 308 
TRP HZ2  H  N N 309 
TRP HZ3  H  N N 310 
TRP HH2  H  N N 311 
TRP HXT  H  N N 312 
TYR N    N  N N 313 
TYR CA   C  N S 314 
TYR C    C  N N 315 
TYR O    O  N N 316 
TYR CB   C  N N 317 
TYR CG   C  Y N 318 
TYR CD1  C  Y N 319 
TYR CD2  C  Y N 320 
TYR CE1  C  Y N 321 
TYR CE2  C  Y N 322 
TYR CZ   C  Y N 323 
TYR OH   O  N N 324 
TYR OXT  O  N N 325 
TYR H    H  N N 326 
TYR H2   H  N N 327 
TYR HA   H  N N 328 
TYR HB2  H  N N 329 
TYR HB3  H  N N 330 
TYR HD1  H  N N 331 
TYR HD2  H  N N 332 
TYR HE1  H  N N 333 
TYR HE2  H  N N 334 
TYR HH   H  N N 335 
TYR HXT  H  N N 336 
VAL N    N  N N 337 
VAL CA   C  N S 338 
VAL C    C  N N 339 
VAL O    O  N N 340 
VAL CB   C  N N 341 
VAL CG1  C  N N 342 
VAL CG2  C  N N 343 
VAL OXT  O  N N 344 
VAL H    H  N N 345 
VAL H2   H  N N 346 
VAL HA   H  N N 347 
VAL HB   H  N N 348 
VAL HG11 H  N N 349 
VAL HG12 H  N N 350 
VAL HG13 H  N N 351 
VAL HG21 H  N N 352 
VAL HG22 H  N N 353 
VAL HG23 H  N N 354 
VAL HXT  H  N N 355 
# 
loop_
_chem_comp_bond.comp_id 
_chem_comp_bond.atom_id_1 
_chem_comp_bond.atom_id_2 
_chem_comp_bond.value_order 
_chem_comp_bond.pdbx_aromatic_flag 
_chem_comp_bond.pdbx_stereo_config 
_chem_comp_bond.pdbx_ordinal 
ALA N   CA   sing N N 1   
ALA N   H    sing N N 2   
ALA N   H2   sing N N 3   
ALA CA  C    sing N N 4   
ALA CA  CB   sing N N 5   
ALA CA  HA   sing N N 6   
ALA C   O    doub N N 7   
ALA C   OXT  sing N N 8   
ALA CB  HB1  sing N N 9   
ALA CB  HB2  sing N N 10  
ALA CB  HB3  sing N N 11  
ALA OXT HXT  sing N N 12  
ARG N   CA   sing N N 13  
ARG N   H    sing N N 14  
ARG N   H2   sing N N 15  
ARG CA  C    sing N N 16  
ARG CA  CB   sing N N 17  
ARG CA  HA   sing N N 18  
ARG C   O    doub N N 19  
ARG C   OXT  sing N N 20  
ARG CB  CG   sing N N 21  
ARG CB  HB2  sing N N 22  
ARG CB  HB3  sing N N 23  
ARG CG  CD   sing N N 24  
ARG CG  HG2  sing N N 25  
ARG CG  HG3  sing N N 26  
ARG CD  NE   sing N N 27  
ARG CD  HD2  sing N N 28  
ARG CD  HD3  sing N N 29  
ARG NE  CZ   sing N N 30  
ARG NE  HE   sing N N 31  
ARG CZ  NH1  sing N N 32  
ARG CZ  NH2  doub N N 33  
ARG NH1 HH11 sing N N 34  
ARG NH1 HH12 sing N N 35  
ARG NH2 HH21 sing N N 36  
ARG NH2 HH22 sing N N 37  
ARG OXT HXT  sing N N 38  
ASN N   CA   sing N N 39  
ASN N   H    sing N N 40  
ASN N   H2   sing N N 41  
ASN CA  C    sing N N 42  
ASN CA  CB   sing N N 43  
ASN CA  HA   sing N N 44  
ASN C   O    doub N N 45  
ASN C   OXT  sing N N 46  
ASN CB  CG   sing N N 47  
ASN CB  HB2  sing N N 48  
ASN CB  HB3  sing N N 49  
ASN CG  OD1  doub N N 50  
ASN CG  ND2  sing N N 51  
ASN ND2 HD21 sing N N 52  
ASN ND2 HD22 sing N N 53  
ASN OXT HXT  sing N N 54  
ASP N   CA   sing N N 55  
ASP N   H    sing N N 56  
ASP N   H2   sing N N 57  
ASP CA  C    sing N N 58  
ASP CA  CB   sing N N 59  
ASP CA  HA   sing N N 60  
ASP C   O    doub N N 61  
ASP C   OXT  sing N N 62  
ASP CB  CG   sing N N 63  
ASP CB  HB2  sing N N 64  
ASP CB  HB3  sing N N 65  
ASP CG  OD1  doub N N 66  
ASP CG  OD2  sing N N 67  
ASP OD2 HD2  sing N N 68  
ASP OXT HXT  sing N N 69  
GLN N   CA   sing N N 70  
GLN N   H    sing N N 71  
GLN N   H2   sing N N 72  
GLN CA  C    sing N N 73  
GLN CA  CB   sing N N 74  
GLN CA  HA   sing N N 75  
GLN C   O    doub N N 76  
GLN C   OXT  sing N N 77  
GLN CB  CG   sing N N 78  
GLN CB  HB2  sing N N 79  
GLN CB  HB3  sing N N 80  
GLN CG  CD   sing N N 81  
GLN CG  HG2  sing N N 82  
GLN CG  HG3  sing N N 83  
GLN CD  OE1  doub N N 84  
GLN CD  NE2  sing N N 85  
GLN NE2 HE21 sing N N 86  
GLN NE2 HE22 sing N N 87  
GLN OXT HXT  sing N N 88  
GLU N   CA   sing N N 89  
GLU N   H    sing N N 90  
GLU N   H2   sing N N 91  
GLU CA  C    sing N N 92  
GLU CA  CB   sing N N 93  
GLU CA  HA   sing N N 94  
GLU C   O    doub N N 95  
GLU C   OXT  sing N N 96  
GLU CB  CG   sing N N 97  
GLU CB  HB2  sing N N 98  
GLU CB  HB3  sing N N 99  
GLU CG  CD   sing N N 100 
GLU CG  HG2  sing N N 101 
GLU CG  HG3  sing N N 102 
GLU CD  OE1  doub N N 103 
GLU CD  OE2  sing N N 104 
GLU OE2 HE2  sing N N 105 
GLU OXT HXT  sing N N 106 
GLY N   CA   sing N N 107 
GLY N   H    sing N N 108 
GLY N   H2   sing N N 109 
GLY CA  C    sing N N 110 
GLY CA  HA2  sing N N 111 
GLY CA  HA3  sing N N 112 
GLY C   O    doub N N 113 
GLY C   OXT  sing N N 114 
GLY OXT HXT  sing N N 115 
HOH O   H1   sing N N 116 
HOH O   H2   sing N N 117 
ILE N   CA   sing N N 118 
ILE N   H    sing N N 119 
ILE N   H2   sing N N 120 
ILE CA  C    sing N N 121 
ILE CA  CB   sing N N 122 
ILE CA  HA   sing N N 123 
ILE C   O    doub N N 124 
ILE C   OXT  sing N N 125 
ILE CB  CG1  sing N N 126 
ILE CB  CG2  sing N N 127 
ILE CB  HB   sing N N 128 
ILE CG1 CD1  sing N N 129 
ILE CG1 HG12 sing N N 130 
ILE CG1 HG13 sing N N 131 
ILE CG2 HG21 sing N N 132 
ILE CG2 HG22 sing N N 133 
ILE CG2 HG23 sing N N 134 
ILE CD1 HD11 sing N N 135 
ILE CD1 HD12 sing N N 136 
ILE CD1 HD13 sing N N 137 
ILE OXT HXT  sing N N 138 
LEU N   CA   sing N N 139 
LEU N   H    sing N N 140 
LEU N   H2   sing N N 141 
LEU CA  C    sing N N 142 
LEU CA  CB   sing N N 143 
LEU CA  HA   sing N N 144 
LEU C   O    doub N N 145 
LEU C   OXT  sing N N 146 
LEU CB  CG   sing N N 147 
LEU CB  HB2  sing N N 148 
LEU CB  HB3  sing N N 149 
LEU CG  CD1  sing N N 150 
LEU CG  CD2  sing N N 151 
LEU CG  HG   sing N N 152 
LEU CD1 HD11 sing N N 153 
LEU CD1 HD12 sing N N 154 
LEU CD1 HD13 sing N N 155 
LEU CD2 HD21 sing N N 156 
LEU CD2 HD22 sing N N 157 
LEU CD2 HD23 sing N N 158 
LEU OXT HXT  sing N N 159 
LYS N   CA   sing N N 160 
LYS N   H    sing N N 161 
LYS N   H2   sing N N 162 
LYS CA  C    sing N N 163 
LYS CA  CB   sing N N 164 
LYS CA  HA   sing N N 165 
LYS C   O    doub N N 166 
LYS C   OXT  sing N N 167 
LYS CB  CG   sing N N 168 
LYS CB  HB2  sing N N 169 
LYS CB  HB3  sing N N 170 
LYS CG  CD   sing N N 171 
LYS CG  HG2  sing N N 172 
LYS CG  HG3  sing N N 173 
LYS CD  CE   sing N N 174 
LYS CD  HD2  sing N N 175 
LYS CD  HD3  sing N N 176 
LYS CE  NZ   sing N N 177 
LYS CE  HE2  sing N N 178 
LYS CE  HE3  sing N N 179 
LYS NZ  HZ1  sing N N 180 
LYS NZ  HZ2  sing N N 181 
LYS NZ  HZ3  sing N N 182 
LYS OXT HXT  sing N N 183 
MSE N   CA   sing N N 184 
MSE N   H    sing N N 185 
MSE N   H2   sing N N 186 
MSE CA  C    sing N N 187 
MSE CA  CB   sing N N 188 
MSE CA  HA   sing N N 189 
MSE C   O    doub N N 190 
MSE C   OXT  sing N N 191 
MSE OXT HXT  sing N N 192 
MSE CB  CG   sing N N 193 
MSE CB  HB2  sing N N 194 
MSE CB  HB3  sing N N 195 
MSE CG  SE   sing N N 196 
MSE CG  HG2  sing N N 197 
MSE CG  HG3  sing N N 198 
MSE SE  CE   sing N N 199 
MSE CE  HE1  sing N N 200 
MSE CE  HE2  sing N N 201 
MSE CE  HE3  sing N N 202 
PHE N   CA   sing N N 203 
PHE N   H    sing N N 204 
PHE N   H2   sing N N 205 
PHE CA  C    sing N N 206 
PHE CA  CB   sing N N 207 
PHE CA  HA   sing N N 208 
PHE C   O    doub N N 209 
PHE C   OXT  sing N N 210 
PHE CB  CG   sing N N 211 
PHE CB  HB2  sing N N 212 
PHE CB  HB3  sing N N 213 
PHE CG  CD1  doub Y N 214 
PHE CG  CD2  sing Y N 215 
PHE CD1 CE1  sing Y N 216 
PHE CD1 HD1  sing N N 217 
PHE CD2 CE2  doub Y N 218 
PHE CD2 HD2  sing N N 219 
PHE CE1 CZ   doub Y N 220 
PHE CE1 HE1  sing N N 221 
PHE CE2 CZ   sing Y N 222 
PHE CE2 HE2  sing N N 223 
PHE CZ  HZ   sing N N 224 
PHE OXT HXT  sing N N 225 
PRO N   CA   sing N N 226 
PRO N   CD   sing N N 227 
PRO N   H    sing N N 228 
PRO CA  C    sing N N 229 
PRO CA  CB   sing N N 230 
PRO CA  HA   sing N N 231 
PRO C   O    doub N N 232 
PRO C   OXT  sing N N 233 
PRO CB  CG   sing N N 234 
PRO CB  HB2  sing N N 235 
PRO CB  HB3  sing N N 236 
PRO CG  CD   sing N N 237 
PRO CG  HG2  sing N N 238 
PRO CG  HG3  sing N N 239 
PRO CD  HD2  sing N N 240 
PRO CD  HD3  sing N N 241 
PRO OXT HXT  sing N N 242 
SER N   CA   sing N N 243 
SER N   H    sing N N 244 
SER N   H2   sing N N 245 
SER CA  C    sing N N 246 
SER CA  CB   sing N N 247 
SER CA  HA   sing N N 248 
SER C   O    doub N N 249 
SER C   OXT  sing N N 250 
SER CB  OG   sing N N 251 
SER CB  HB2  sing N N 252 
SER CB  HB3  sing N N 253 
SER OG  HG   sing N N 254 
SER OXT HXT  sing N N 255 
THR N   CA   sing N N 256 
THR N   H    sing N N 257 
THR N   H2   sing N N 258 
THR CA  C    sing N N 259 
THR CA  CB   sing N N 260 
THR CA  HA   sing N N 261 
THR C   O    doub N N 262 
THR C   OXT  sing N N 263 
THR CB  OG1  sing N N 264 
THR CB  CG2  sing N N 265 
THR CB  HB   sing N N 266 
THR OG1 HG1  sing N N 267 
THR CG2 HG21 sing N N 268 
THR CG2 HG22 sing N N 269 
THR CG2 HG23 sing N N 270 
THR OXT HXT  sing N N 271 
TRP N   CA   sing N N 272 
TRP N   H    sing N N 273 
TRP N   H2   sing N N 274 
TRP CA  C    sing N N 275 
TRP CA  CB   sing N N 276 
TRP CA  HA   sing N N 277 
TRP C   O    doub N N 278 
TRP C   OXT  sing N N 279 
TRP CB  CG   sing N N 280 
TRP CB  HB2  sing N N 281 
TRP CB  HB3  sing N N 282 
TRP CG  CD1  doub Y N 283 
TRP CG  CD2  sing Y N 284 
TRP CD1 NE1  sing Y N 285 
TRP CD1 HD1  sing N N 286 
TRP CD2 CE2  doub Y N 287 
TRP CD2 CE3  sing Y N 288 
TRP NE1 CE2  sing Y N 289 
TRP NE1 HE1  sing N N 290 
TRP CE2 CZ2  sing Y N 291 
TRP CE3 CZ3  doub Y N 292 
TRP CE3 HE3  sing N N 293 
TRP CZ2 CH2  doub Y N 294 
TRP CZ2 HZ2  sing N N 295 
TRP CZ3 CH2  sing Y N 296 
TRP CZ3 HZ3  sing N N 297 
TRP CH2 HH2  sing N N 298 
TRP OXT HXT  sing N N 299 
TYR N   CA   sing N N 300 
TYR N   H    sing N N 301 
TYR N   H2   sing N N 302 
TYR CA  C    sing N N 303 
TYR CA  CB   sing N N 304 
TYR CA  HA   sing N N 305 
TYR C   O    doub N N 306 
TYR C   OXT  sing N N 307 
TYR CB  CG   sing N N 308 
TYR CB  HB2  sing N N 309 
TYR CB  HB3  sing N N 310 
TYR CG  CD1  doub Y N 311 
TYR CG  CD2  sing Y N 312 
TYR CD1 CE1  sing Y N 313 
TYR CD1 HD1  sing N N 314 
TYR CD2 CE2  doub Y N 315 
TYR CD2 HD2  sing N N 316 
TYR CE1 CZ   doub Y N 317 
TYR CE1 HE1  sing N N 318 
TYR CE2 CZ   sing Y N 319 
TYR CE2 HE2  sing N N 320 
TYR CZ  OH   sing N N 321 
TYR OH  HH   sing N N 322 
TYR OXT HXT  sing N N 323 
VAL N   CA   sing N N 324 
VAL N   H    sing N N 325 
VAL N   H2   sing N N 326 
VAL CA  C    sing N N 327 
VAL CA  CB   sing N N 328 
VAL CA  HA   sing N N 329 
VAL C   O    doub N N 330 
VAL C   OXT  sing N N 331 
VAL CB  CG1  sing N N 332 
VAL CB  CG2  sing N N 333 
VAL CB  HB   sing N N 334 
VAL CG1 HG11 sing N N 335 
VAL CG1 HG12 sing N N 336 
VAL CG1 HG13 sing N N 337 
VAL CG2 HG21 sing N N 338 
VAL CG2 HG22 sing N N 339 
VAL CG2 HG23 sing N N 340 
VAL OXT HXT  sing N N 341 
# 
_atom_sites.entry_id                    2R39 
_atom_sites.fract_transf_matrix[1][1]   0.01096286 
_atom_sites.fract_transf_matrix[1][2]   -0.00280923 
_atom_sites.fract_transf_matrix[1][3]   0.01057038 
_atom_sites.fract_transf_matrix[2][1]   0.01447890 
_atom_sites.fract_transf_matrix[2][2]   0.00495975 
_atom_sites.fract_transf_matrix[2][3]   -0.00235532 
_atom_sites.fract_transf_matrix[3][1]   -0.00446894 
_atom_sites.fract_transf_matrix[3][2]   0.01744937 
_atom_sites.fract_transf_matrix[3][3]   0.00927228 
_atom_sites.fract_transf_vector[1]      0.392663 
_atom_sites.fract_transf_vector[2]      0.480415 
_atom_sites.fract_transf_vector[3]      -0.152628 
# 
loop_
_atom_type.symbol 
C  
N  
O  
SE 
# 
loop_
_atom_site.group_PDB 
_atom_site.id 
_atom_site.type_symbol 
_atom_site.label_atom_id 
_atom_site.label_alt_id 
_atom_site.label_comp_id 
_atom_site.label_asym_id 
_atom_site.label_entity_id 
_atom_site.label_seq_id 
_atom_site.pdbx_PDB_ins_code 
_atom_site.Cartn_x 
_atom_site.Cartn_y 
_atom_site.Cartn_z 
_atom_site.occupancy 
_atom_site.B_iso_or_equiv 
_atom_site.pdbx_formal_charge 
_atom_site.auth_seq_id 
_atom_site.auth_comp_id 
_atom_site.auth_asym_id 
_atom_site.auth_atom_id 
_atom_site.pdbx_PDB_model_num 
ATOM   1   N  N   . VAL A 1 8   ? 18.060  -14.113 -0.671  1.00 53.78 ? 377 VAL A N   1 
ATOM   2   C  CA  . VAL A 1 8   ? 16.597  -14.429 -0.782  1.00 53.13 ? 377 VAL A CA  1 
ATOM   3   C  C   . VAL A 1 8   ? 15.817  -13.652 0.284   1.00 52.10 ? 377 VAL A C   1 
ATOM   4   O  O   . VAL A 1 8   ? 15.991  -13.875 1.485   1.00 52.73 ? 377 VAL A O   1 
ATOM   5   C  CB  . VAL A 1 8   ? 16.295  -15.963 -0.687  1.00 53.36 ? 377 VAL A CB  1 
ATOM   6   C  CG1 . VAL A 1 8   ? 14.836  -16.242 -1.020  1.00 53.10 ? 377 VAL A CG1 1 
ATOM   7   C  CG2 . VAL A 1 8   ? 17.188  -16.763 -1.640  1.00 54.38 ? 377 VAL A CG2 1 
ATOM   8   N  N   . ASP A 1 9   ? 14.979  -12.723 -0.163  1.00 50.92 ? 378 ASP A N   1 
ATOM   9   C  CA  . ASP A 1 9   ? 14.206  -11.879 0.745   1.00 49.44 ? 378 ASP A CA  1 
ATOM   10  C  C   . ASP A 1 9   ? 13.315  -12.725 1.633   1.00 48.14 ? 378 ASP A C   1 
ATOM   11  O  O   . ASP A 1 9   ? 12.752  -13.723 1.156   1.00 47.73 ? 378 ASP A O   1 
ATOM   12  C  CB  . ASP A 1 9   ? 13.332  -10.913 -0.045  1.00 49.91 ? 378 ASP A CB  1 
ATOM   13  C  CG  . ASP A 1 9   ? 14.128  -9.836  -0.759  1.00 50.22 ? 378 ASP A CG  1 
ATOM   14  O  OD1 . ASP A 1 9   ? 15.341  -9.666  -0.491  1.00 51.12 ? 378 ASP A OD1 1 
ATOM   15  O  OD2 . ASP A 1 9   ? 13.516  -9.150  -1.593  1.00 50.23 ? 378 ASP A OD2 1 
ATOM   16  N  N   . PRO A 1 10  ? 13.200  -12.348 2.930   1.00 46.96 ? 379 PRO A N   1 
ATOM   17  C  CA  . PRO A 1 10  ? 12.305  -13.036 3.871   1.00 46.03 ? 379 PRO A CA  1 
ATOM   18  C  C   . PRO A 1 10  ? 10.827  -12.780 3.592   1.00 45.17 ? 379 PRO A C   1 
ATOM   19  O  O   . PRO A 1 10  ? 9.965   -13.541 4.032   1.00 44.89 ? 379 PRO A O   1 
ATOM   20  C  CB  . PRO A 1 10  ? 12.705  -12.449 5.231   1.00 46.13 ? 379 PRO A CB  1 
ATOM   21  C  CG  . PRO A 1 10  ? 13.271  -11.117 4.922   1.00 46.52 ? 379 PRO A CG  1 
ATOM   22  C  CD  . PRO A 1 10  ? 13.965  -11.274 3.592   1.00 46.79 ? 379 PRO A CD  1 
ATOM   23  N  N   . ALA A 1 11  ? 10.542  -11.714 2.857   1.00 44.17 ? 380 ALA A N   1 
ATOM   24  C  CA  . ALA A 1 11  ? 9.175   -11.350 2.521   1.00 43.91 ? 380 ALA A CA  1 
ATOM   25  C  C   . ALA A 1 11  ? 9.134   -10.840 1.104   1.00 43.93 ? 380 ALA A C   1 
ATOM   26  O  O   . ALA A 1 11  ? 10.166  -10.450 0.550   1.00 43.63 ? 380 ALA A O   1 
ATOM   27  C  CB  . ALA A 1 11  ? 8.642   -10.266 3.484   1.00 42.99 ? 380 ALA A CB  1 
ATOM   28  N  N   . GLY A 1 12  ? 7.939   -10.822 0.531   1.00 44.21 ? 381 GLY A N   1 
ATOM   29  C  CA  . GLY A 1 12  ? 7.733   -10.202 -0.778  1.00 45.32 ? 381 GLY A CA  1 
ATOM   30  C  C   . GLY A 1 12  ? 6.493   -9.336  -0.734  1.00 46.07 ? 381 GLY A C   1 
ATOM   31  O  O   . GLY A 1 12  ? 5.586   -9.582  0.054   1.00 45.42 ? 381 GLY A O   1 
HETATM 32  N  N   . MSE A 1 13  ? 6.466   -8.299  -1.561  1.00 46.09 ? 382 MSE A N   1 
HETATM 33  C  CA  . MSE A 1 13  ? 5.253   -7.546  -1.766  1.00 48.47 ? 382 MSE A CA  1 
HETATM 34  C  C   . MSE A 1 13  ? 5.222   -7.029  -3.183  1.00 46.73 ? 382 MSE A C   1 
HETATM 35  O  O   . MSE A 1 13  ? 6.226   -6.572  -3.698  1.00 46.05 ? 382 MSE A O   1 
HETATM 36  C  CB  . MSE A 1 13  ? 5.129   -6.366  -0.789  1.00 47.21 ? 382 MSE A CB  1 
HETATM 37  C  CG  . MSE A 1 13  ? 3.864   -5.538  -1.038  1.00 50.14 ? 382 MSE A CG  1 
HETATM 38  SE SE  . MSE A 1 13  ? 3.559   -4.113  0.242   1.00 57.66 ? 382 MSE A SE  1 
HETATM 39  C  CE  . MSE A 1 13  ? 5.152   -3.028  -0.157  1.00 47.78 ? 382 MSE A CE  1 
ATOM   40  N  N   . SER A 1 14  ? 4.056   -7.108  -3.793  1.00 46.52 ? 383 SER A N   1 
ATOM   41  C  CA  . SER A 1 14  ? 3.818   -6.435  -5.051  1.00 46.88 ? 383 SER A CA  1 
ATOM   42  C  C   . SER A 1 14  ? 2.535   -5.640  -4.920  1.00 46.31 ? 383 SER A C   1 
ATOM   43  O  O   . SER A 1 14  ? 1.765   -5.820  -3.970  1.00 46.27 ? 383 SER A O   1 
ATOM   44  C  CB  . SER A 1 14  ? 3.796   -7.420  -6.237  1.00 46.77 ? 383 SER A CB  1 
ATOM   45  O  OG  . SER A 1 14  ? 2.783   -8.386  -6.082  1.00 47.86 ? 383 SER A OG  1 
ATOM   46  N  N   . VAL A 1 15  ? 2.354   -4.710  -5.841  1.00 46.01 ? 384 VAL A N   1 
ATOM   47  C  CA  . VAL A 1 15  ? 1.250   -3.764  -5.789  1.00 45.46 ? 384 VAL A CA  1 
ATOM   48  C  C   . VAL A 1 15  ? 0.630   -3.693  -7.166  1.00 45.78 ? 384 VAL A C   1 
ATOM   49  O  O   . VAL A 1 15  ? 1.350   -3.589  -8.154  1.00 44.54 ? 384 VAL A O   1 
ATOM   50  C  CB  . VAL A 1 15  ? 1.741   -2.352  -5.398  1.00 46.30 ? 384 VAL A CB  1 
ATOM   51  C  CG1 . VAL A 1 15  ? 0.617   -1.302  -5.573  1.00 46.48 ? 384 VAL A CG1 1 
ATOM   52  C  CG2 . VAL A 1 15  ? 2.260   -2.353  -3.957  1.00 43.42 ? 384 VAL A CG2 1 
ATOM   53  N  N   . ILE A 1 16  ? -0.697  -3.770  -7.214  1.00 46.03 ? 385 ILE A N   1 
ATOM   54  C  CA  . ILE A 1 16  ? -1.452  -3.412  -8.410  1.00 46.80 ? 385 ILE A CA  1 
ATOM   55  C  C   . ILE A 1 16  ? -2.343  -2.224  -8.082  1.00 47.04 ? 385 ILE A C   1 
ATOM   56  O  O   . ILE A 1 16  ? -3.205  -2.315  -7.192  1.00 46.73 ? 385 ILE A O   1 
ATOM   57  C  CB  . ILE A 1 16  ? -2.341  -4.583  -8.915  1.00 46.94 ? 385 ILE A CB  1 
ATOM   58  C  CG1 . ILE A 1 16  ? -1.480  -5.812  -9.246  1.00 46.33 ? 385 ILE A CG1 1 
ATOM   59  C  CG2 . ILE A 1 16  ? -3.176  -4.135  -10.122 1.00 47.24 ? 385 ILE A CG2 1 
ATOM   60  C  CD1 . ILE A 1 16  ? -2.272  -7.048  -9.650  1.00 47.11 ? 385 ILE A CD1 1 
ATOM   61  N  N   . ARG A 1 17  ? -2.121  -1.108  -8.774  1.00 46.97 ? 386 ARG A N   1 
ATOM   62  C  CA  . ARG A 1 17  ? -3.065  -0.010  -8.747  1.00 48.00 ? 386 ARG A CA  1 
ATOM   63  C  C   . ARG A 1 17  ? -4.070  -0.302  -9.852  1.00 49.15 ? 386 ARG A C   1 
ATOM   64  O  O   . ARG A 1 17  ? -3.680  -0.574  -10.973 1.00 48.31 ? 386 ARG A O   1 
ATOM   65  C  CB  . ARG A 1 17  ? -2.375  1.334   -8.979  1.00 48.16 ? 386 ARG A CB  1 
ATOM   66  C  CG  . ARG A 1 17  ? -3.339  2.518   -9.019  1.00 47.59 ? 386 ARG A CG  1 
ATOM   67  C  CD  . ARG A 1 17  ? -2.614  3.830   -9.349  1.00 48.88 ? 386 ARG A CD  1 
ATOM   68  N  NE  . ARG A 1 17  ? -3.570  4.933   -9.347  1.00 49.35 ? 386 ARG A NE  1 
ATOM   69  C  CZ  . ARG A 1 17  ? -4.340  5.241   -10.389 1.00 50.71 ? 386 ARG A CZ  1 
ATOM   70  N  NH1 . ARG A 1 17  ? -4.236  4.543   -11.515 1.00 50.51 ? 386 ARG A NH1 1 
ATOM   71  N  NH2 . ARG A 1 17  ? -5.197  6.254   -10.318 1.00 48.59 ? 386 ARG A NH2 1 
ATOM   72  N  N   . ASP A 1 18  ? -5.355  -0.262  -9.524  1.00 51.16 ? 387 ASP A N   1 
ATOM   73  C  CA  . ASP A 1 18  ? -6.402  -0.635  -10.482 1.00 53.89 ? 387 ASP A CA  1 
ATOM   74  C  C   . ASP A 1 18  ? -6.472  0.292   -11.684 1.00 55.19 ? 387 ASP A C   1 
ATOM   75  O  O   . ASP A 1 18  ? -6.388  1.509   -11.548 1.00 55.08 ? 387 ASP A O   1 
ATOM   76  C  CB  . ASP A 1 18  ? -7.747  -0.691  -9.771  1.00 54.13 ? 387 ASP A CB  1 
ATOM   77  C  CG  . ASP A 1 18  ? -7.746  -1.684  -8.647  1.00 54.71 ? 387 ASP A CG  1 
ATOM   78  O  OD1 . ASP A 1 18  ? -7.505  -2.874  -8.922  1.00 58.14 ? 387 ASP A OD1 1 
ATOM   79  O  OD2 . ASP A 1 18  ? -7.961  -1.286  -7.493  1.00 55.43 ? 387 ASP A OD2 1 
ATOM   80  N  N   . ARG A 1 19  ? -6.615  -0.294  -12.868 1.00 57.73 ? 388 ARG A N   1 
ATOM   81  C  CA  . ARG A 1 19  ? -6.770  0.504   -14.082 1.00 59.61 ? 388 ARG A CA  1 
ATOM   82  C  C   . ARG A 1 19  ? -8.076  1.304   -14.052 1.00 60.96 ? 388 ARG A C   1 
ATOM   83  O  O   . ARG A 1 19  ? -8.076  2.501   -14.343 1.00 61.74 ? 388 ARG A O   1 
ATOM   84  C  CB  . ARG A 1 19  ? -6.692  -0.367  -15.331 1.00 59.61 ? 388 ARG A CB  1 
ATOM   85  C  CG  . ARG A 1 19  ? -6.585  0.436   -16.616 1.00 59.64 ? 388 ARG A CG  1 
ATOM   86  C  CD  . ARG A 1 19  ? -6.817  -0.432  -17.822 1.00 59.76 ? 388 ARG A CD  1 
ATOM   87  N  NE  . ARG A 1 19  ? -6.643  0.332   -19.050 1.00 60.01 ? 388 ARG A NE  1 
ATOM   88  C  CZ  . ARG A 1 19  ? -6.472  -0.207  -20.251 1.00 59.33 ? 388 ARG A CZ  1 
ATOM   89  N  NH1 . ARG A 1 19  ? -6.315  0.577   -21.309 1.00 58.65 ? 388 ARG A NH1 1 
ATOM   90  N  NH2 . ARG A 1 19  ? -6.451  -1.527  -20.392 1.00 59.26 ? 388 ARG A NH2 1 
ATOM   91  N  N   . ASN A 1 20  ? -9.176  0.651   -13.686 1.00 62.31 ? 389 ASN A N   1 
ATOM   92  C  CA  . ASN A 1 20  ? -10.466 1.333   -13.610 1.00 63.72 ? 389 ASN A CA  1 
ATOM   93  C  C   . ASN A 1 20  ? -10.632 2.024   -12.257 1.00 64.51 ? 389 ASN A C   1 
ATOM   94  O  O   . ASN A 1 20  ? -11.014 1.392   -11.265 1.00 64.84 ? 389 ASN A O   1 
ATOM   95  C  CB  . ASN A 1 20  ? -11.623 0.358   -13.889 1.00 63.72 ? 389 ASN A CB  1 
ATOM   96  N  N   . GLN A 1 21  ? -10.325 3.319   -12.217 1.00 65.51 ? 390 GLN A N   1 
ATOM   97  C  CA  . GLN A 1 21  ? -10.469 4.096   -10.984 1.00 66.50 ? 390 GLN A CA  1 
ATOM   98  C  C   . GLN A 1 21  ? -11.811 4.831   -10.956 1.00 68.39 ? 390 GLN A C   1 
ATOM   99  O  O   . GLN A 1 21  ? -12.078 5.722   -11.772 1.00 68.61 ? 390 GLN A O   1 
ATOM   100 C  CB  . GLN A 1 21  ? -9.278  5.048   -10.776 1.00 65.48 ? 390 GLN A CB  1 
ATOM   101 C  CG  . GLN A 1 21  ? -7.935  4.329   -10.556 1.00 61.74 ? 390 GLN A CG  1 
ATOM   102 C  CD  . GLN A 1 21  ? -7.793  3.685   -9.161  1.00 55.92 ? 390 GLN A CD  1 
ATOM   103 O  OE1 . GLN A 1 21  ? -8.384  4.151   -8.200  1.00 53.29 ? 390 GLN A OE1 1 
ATOM   104 N  NE2 . GLN A 1 21  ? -7.001  2.617   -9.066  1.00 50.49 ? 390 GLN A NE2 1 
ATOM   105 N  N   . LEU A 1 22  ? -12.657 4.434   -10.012 1.00 70.61 ? 391 LEU A N   1 
ATOM   106 C  CA  . LEU A 1 22  ? -14.013 4.955   -9.909  1.00 72.85 ? 391 LEU A CA  1 
ATOM   107 C  C   . LEU A 1 22  ? -14.027 6.390   -9.367  1.00 74.22 ? 391 LEU A C   1 
ATOM   108 O  O   . LEU A 1 22  ? -15.073 7.051   -9.375  1.00 74.69 ? 391 LEU A O   1 
ATOM   109 C  CB  . LEU A 1 22  ? -14.866 4.021   -9.041  1.00 72.75 ? 391 LEU A CB  1 
ATOM   110 C  CG  . LEU A 1 22  ? -16.306 3.737   -9.481  1.00 73.27 ? 391 LEU A CG  1 
ATOM   111 C  CD1 . LEU A 1 22  ? -16.332 2.864   -10.733 1.00 73.43 ? 391 LEU A CD1 1 
ATOM   112 C  CD2 . LEU A 1 22  ? -17.083 3.067   -8.345  1.00 73.36 ? 391 LEU A CD2 1 
ATOM   113 N  N   . PHE A 1 23  ? -12.858 6.854   -8.911  1.00 75.73 ? 392 PHE A N   1 
ATOM   114 C  CA  . PHE A 1 23  ? -12.630 8.220   -8.403  1.00 76.99 ? 392 PHE A CA  1 
ATOM   115 C  C   . PHE A 1 23  ? -13.663 8.715   -7.382  1.00 77.79 ? 392 PHE A C   1 
ATOM   116 O  O   . PHE A 1 23  ? -13.913 9.919   -7.289  1.00 78.17 ? 392 PHE A O   1 
ATOM   117 C  CB  . PHE A 1 23  ? -12.501 9.234   -9.559  1.00 77.10 ? 392 PHE A CB  1 
ATOM   118 C  CG  . PHE A 1 23  ? -11.176 9.189   -10.290 1.00 77.20 ? 392 PHE A CG  1 
ATOM   119 C  CD1 . PHE A 1 23  ? -9.967  9.343   -9.605  1.00 77.15 ? 392 PHE A CD1 1 
ATOM   120 C  CD2 . PHE A 1 23  ? -11.143 9.037   -11.681 1.00 76.99 ? 392 PHE A CD2 1 
ATOM   121 C  CE1 . PHE A 1 23  ? -8.746  9.314   -10.286 1.00 75.91 ? 392 PHE A CE1 1 
ATOM   122 C  CE2 . PHE A 1 23  ? -9.925  9.011   -12.375 1.00 76.72 ? 392 PHE A CE2 1 
ATOM   123 C  CZ  . PHE A 1 23  ? -8.723  9.149   -11.673 1.00 77.04 ? 392 PHE A CZ  1 
ATOM   124 N  N   . ARG A 1 24  ? -14.235 7.785   -6.616  1.00 78.71 ? 393 ARG A N   1 
ATOM   125 C  CA  . ARG A 1 24  ? -15.334 8.052   -5.673  1.00 79.52 ? 393 ARG A CA  1 
ATOM   126 C  C   . ARG A 1 24  ? -15.099 9.195   -4.673  1.00 79.82 ? 393 ARG A C   1 
ATOM   127 O  O   . ARG A 1 24  ? -14.751 8.949   -3.514  1.00 80.28 ? 393 ARG A O   1 
ATOM   128 C  CB  . ARG A 1 24  ? -15.682 6.779   -4.892  1.00 79.44 ? 393 ARG A CB  1 
ATOM   129 C  CG  . ARG A 1 24  ? -16.367 5.689   -5.695  1.00 79.87 ? 393 ARG A CG  1 
ATOM   130 C  CD  . ARG A 1 24  ? -16.645 4.473   -4.815  1.00 80.24 ? 393 ARG A CD  1 
ATOM   131 N  NE  . ARG A 1 24  ? -17.744 4.701   -3.871  1.00 82.11 ? 393 ARG A NE  1 
ATOM   132 C  CZ  . ARG A 1 24  ? -18.901 4.035   -3.872  1.00 82.79 ? 393 ARG A CZ  1 
ATOM   133 N  NH1 . ARG A 1 24  ? -19.129 3.072   -4.763  1.00 82.59 ? 393 ARG A NH1 1 
ATOM   134 N  NH2 . ARG A 1 24  ? -19.833 4.323   -2.969  1.00 82.69 ? 393 ARG A NH2 1 
ATOM   135 N  N   . VAL A 1 25  ? -15.321 10.434  -5.116  1.00 80.03 ? 394 VAL A N   1 
ATOM   136 C  CA  . VAL A 1 25  ? -15.184 11.618  -4.257  1.00 80.18 ? 394 VAL A CA  1 
ATOM   137 C  C   . VAL A 1 25  ? -16.349 11.767  -3.279  1.00 80.47 ? 394 VAL A C   1 
ATOM   138 O  O   . VAL A 1 25  ? -16.773 10.801  -2.632  1.00 80.82 ? 394 VAL A O   1 
ATOM   139 C  CB  . VAL A 1 25  ? -15.045 12.877  -5.107  1.00 80.06 ? 394 VAL A CB  1 
ATOM   140 N  N   . ALA A 1 28  ? -16.648 10.684  2.387   1.00 63.59 ? 397 ALA A N   1 
ATOM   141 C  CA  . ALA A 1 28  ? -15.318 11.174  2.019   1.00 63.39 ? 397 ALA A CA  1 
ATOM   142 C  C   . ALA A 1 28  ? -15.406 12.300  0.997   1.00 62.70 ? 397 ALA A C   1 
ATOM   143 O  O   . ALA A 1 28  ? -15.890 12.082  -0.127  1.00 63.50 ? 397 ALA A O   1 
ATOM   144 C  CB  . ALA A 1 28  ? -14.450 10.030  1.463   1.00 63.74 ? 397 ALA A CB  1 
ATOM   145 N  N   . GLY A 1 29  ? -14.956 13.493  1.400   1.00 60.87 ? 398 GLY A N   1 
ATOM   146 C  CA  . GLY A 1 29  ? -14.701 14.608  0.480   1.00 58.84 ? 398 GLY A CA  1 
ATOM   147 C  C   . GLY A 1 29  ? -13.296 14.529  -0.114  1.00 57.12 ? 398 GLY A C   1 
ATOM   148 O  O   . GLY A 1 29  ? -12.766 15.508  -0.636  1.00 57.04 ? 398 GLY A O   1 
ATOM   149 N  N   . GLU A 1 30  ? -12.695 13.348  -0.015  1.00 55.32 ? 399 GLU A N   1 
ATOM   150 C  CA  . GLU A 1 30  ? -11.365 13.086  -0.538  1.00 53.33 ? 399 GLU A CA  1 
ATOM   151 C  C   . GLU A 1 30  ? -11.489 12.462  -1.906  1.00 52.80 ? 399 GLU A C   1 
ATOM   152 O  O   . GLU A 1 30  ? -12.491 11.816  -2.198  1.00 52.97 ? 399 GLU A O   1 
ATOM   153 C  CB  . GLU A 1 30  ? -10.653 12.087  0.355   1.00 52.81 ? 399 GLU A CB  1 
ATOM   154 C  CG  . GLU A 1 30  ? -10.283 12.624  1.705   1.00 51.58 ? 399 GLU A CG  1 
ATOM   155 C  CD  . GLU A 1 30  ? -9.873  11.546  2.656   1.00 51.63 ? 399 GLU A CD  1 
ATOM   156 O  OE1 . GLU A 1 30  ? -10.261 10.368  2.450   1.00 50.54 ? 399 GLU A OE1 1 
ATOM   157 O  OE2 . GLU A 1 30  ? -9.160  11.881  3.624   1.00 51.16 ? 399 GLU A OE2 1 
ATOM   158 N  N   . VAL A 1 31  ? -10.460 12.611  -2.730  1.00 51.40 ? 400 VAL A N   1 
ATOM   159 C  CA  . VAL A 1 31  ? -10.362 11.775  -3.913  1.00 50.79 ? 400 VAL A CA  1 
ATOM   160 C  C   . VAL A 1 31  ? -9.718  10.436  -3.519  1.00 49.57 ? 400 VAL A C   1 
ATOM   161 O  O   . VAL A 1 31  ? -8.768  10.395  -2.734  1.00 48.62 ? 400 VAL A O   1 
ATOM   162 C  CB  . VAL A 1 31  ? -9.687  12.510  -5.139  1.00 51.86 ? 400 VAL A CB  1 
ATOM   163 C  CG1 . VAL A 1 31  ? -8.278  12.965  -4.829  1.00 52.45 ? 400 VAL A CG1 1 
ATOM   164 C  CG2 . VAL A 1 31  ? -9.729  11.640  -6.393  1.00 52.60 ? 400 VAL A CG2 1 
ATOM   165 N  N   . GLU A 1 32  ? -10.254 9.349   -4.055  1.00 47.98 ? 401 GLU A N   1 
ATOM   166 C  CA  . GLU A 1 32  ? -9.815  8.015   -3.696  1.00 47.65 ? 401 GLU A CA  1 
ATOM   167 C  C   . GLU A 1 32  ? -9.053  7.360   -4.840  1.00 46.92 ? 401 GLU A C   1 
ATOM   168 O  O   . GLU A 1 32  ? -9.319  7.667   -6.006  1.00 45.96 ? 401 GLU A O   1 
ATOM   169 C  CB  . GLU A 1 32  ? -11.048 7.183   -3.359  1.00 48.06 ? 401 GLU A CB  1 
ATOM   170 C  CG  . GLU A 1 32  ? -10.744 5.943   -2.574  1.00 49.34 ? 401 GLU A CG  1 
ATOM   171 C  CD  . GLU A 1 32  ? -11.973 5.342   -1.966  1.00 50.23 ? 401 GLU A CD  1 
ATOM   172 O  OE1 . GLU A 1 32  ? -12.895 5.006   -2.739  1.00 48.31 ? 401 GLU A OE1 1 
ATOM   173 O  OE2 . GLU A 1 32  ? -11.997 5.202   -0.714  1.00 52.52 ? 401 GLU A OE2 1 
ATOM   174 N  N   . ASN A 1 33  ? -8.089  6.496   -4.505  1.00 45.30 ? 402 ASN A N   1 
ATOM   175 C  CA  . ASN A 1 33  ? -7.491  5.552   -5.461  1.00 45.20 ? 402 ASN A CA  1 
ATOM   176 C  C   . ASN A 1 33  ? -7.507  4.184   -4.823  1.00 44.81 ? 402 ASN A C   1 
ATOM   177 O  O   . ASN A 1 33  ? -7.232  4.078   -3.630  1.00 44.93 ? 402 ASN A O   1 
ATOM   178 C  CB  . ASN A 1 33  ? -6.013  5.881   -5.760  1.00 45.10 ? 402 ASN A CB  1 
ATOM   179 C  CG  . ASN A 1 33  ? -5.826  6.911   -6.865  1.00 45.25 ? 402 ASN A CG  1 
ATOM   180 O  OD1 . ASN A 1 33  ? -4.736  7.023   -7.434  1.00 43.15 ? 402 ASN A OD1 1 
ATOM   181 N  ND2 . ASN A 1 33  ? -6.855  7.688   -7.144  1.00 46.60 ? 402 ASN A ND2 1 
ATOM   182 N  N   . THR A 1 34  ? -7.788  3.143   -5.601  1.00 44.69 ? 403 THR A N   1 
ATOM   183 C  CA  . THR A 1 34  ? -7.778  1.768   -5.081  1.00 45.32 ? 403 THR A CA  1 
ATOM   184 C  C   . THR A 1 34  ? -6.565  0.957   -5.549  1.00 45.25 ? 403 THR A C   1 
ATOM   185 O  O   . THR A 1 34  ? -6.047  1.152   -6.662  1.00 44.69 ? 403 THR A O   1 
ATOM   186 C  CB  . THR A 1 34  ? -9.057  0.988   -5.437  1.00 45.82 ? 403 THR A CB  1 
ATOM   187 O  OG1 . THR A 1 34  ? -9.210  0.943   -6.861  1.00 46.36 ? 403 THR A OG1 1 
ATOM   188 C  CG2 . THR A 1 34  ? -10.292 1.626   -4.797  1.00 46.53 ? 403 THR A CG2 1 
ATOM   189 N  N   . TYR A 1 35  ? -6.143  0.040   -4.679  1.00 44.93 ? 404 TYR A N   1 
ATOM   190 C  CA  . TYR A 1 35  ? -4.944  -0.775  -4.846  1.00 44.62 ? 404 TYR A CA  1 
ATOM   191 C  C   . TYR A 1 35  ? -5.185  -2.188  -4.328  1.00 44.68 ? 404 TYR A C   1 
ATOM   192 O  O   . TYR A 1 35  ? -6.046  -2.402  -3.468  1.00 44.25 ? 404 TYR A O   1 
ATOM   193 C  CB  . TYR A 1 35  ? -3.776  -0.187  -4.040  1.00 44.27 ? 404 TYR A CB  1 
ATOM   194 C  CG  . TYR A 1 35  ? -3.500  1.275   -4.311  1.00 44.36 ? 404 TYR A CG  1 
ATOM   195 C  CD1 . TYR A 1 35  ? -2.587  1.661   -5.286  1.00 41.97 ? 404 TYR A CD1 1 
ATOM   196 C  CD2 . TYR A 1 35  ? -4.164  2.276   -3.592  1.00 45.32 ? 404 TYR A CD2 1 
ATOM   197 C  CE1 . TYR A 1 35  ? -2.331  3.026   -5.539  1.00 45.32 ? 404 TYR A CE1 1 
ATOM   198 C  CE2 . TYR A 1 35  ? -3.924  3.627   -3.843  1.00 44.55 ? 404 TYR A CE2 1 
ATOM   199 C  CZ  . TYR A 1 35  ? -3.009  3.993   -4.814  1.00 44.67 ? 404 TYR A CZ  1 
ATOM   200 O  OH  . TYR A 1 35  ? -2.764  5.328   -5.047  1.00 45.06 ? 404 TYR A OH  1 
ATOM   201 N  N   . THR A 1 36  ? -4.400  -3.139  -4.828  1.00 44.31 ? 405 THR A N   1 
ATOM   202 C  CA  . THR A 1 36  ? -4.281  -4.444  -4.178  1.00 44.37 ? 405 THR A CA  1 
ATOM   203 C  C   . THR A 1 36  ? -2.816  -4.742  -3.880  1.00 44.85 ? 405 THR A C   1 
ATOM   204 O  O   . THR A 1 36  ? -1.968  -4.739  -4.783  1.00 44.47 ? 405 THR A O   1 
ATOM   205 C  CB  . THR A 1 36  ? -4.906  -5.559  -5.029  1.00 44.36 ? 405 THR A CB  1 
ATOM   206 O  OG1 . THR A 1 36  ? -6.264  -5.212  -5.315  1.00 42.62 ? 405 THR A OG1 1 
ATOM   207 C  CG2 . THR A 1 36  ? -4.878  -6.894  -4.283  1.00 45.07 ? 405 THR A CG2 1 
ATOM   208 N  N   . LEU A 1 37  ? -2.518  -4.961  -2.603  1.00 45.44 ? 406 LEU A N   1 
ATOM   209 C  CA  . LEU A 1 37  ? -1.189  -5.404  -2.194  1.00 46.47 ? 406 LEU A CA  1 
ATOM   210 C  C   . LEU A 1 37  ? -1.136  -6.933  -2.165  1.00 46.46 ? 406 LEU A C   1 
ATOM   211 O  O   . LEU A 1 37  ? -2.039  -7.565  -1.648  1.00 46.95 ? 406 LEU A O   1 
ATOM   212 C  CB  . LEU A 1 37  ? -0.818  -4.841  -0.813  1.00 46.00 ? 406 LEU A CB  1 
ATOM   213 C  CG  . LEU A 1 37  ? -0.967  -3.344  -0.513  1.00 47.54 ? 406 LEU A CG  1 
ATOM   214 C  CD1 . LEU A 1 37  ? -0.332  -2.989  0.851   1.00 46.73 ? 406 LEU A CD1 1 
ATOM   215 C  CD2 . LEU A 1 37  ? -0.393  -2.474  -1.585  1.00 45.42 ? 406 LEU A CD2 1 
ATOM   216 N  N   . LYS A 1 38  ? -0.085  -7.514  -2.736  1.00 46.41 ? 407 LYS A N   1 
ATOM   217 C  CA  . LYS A 1 38  ? 0.186   -8.947  -2.602  1.00 46.46 ? 407 LYS A CA  1 
ATOM   218 C  C   . LYS A 1 38  ? 1.412   -9.124  -1.719  1.00 45.83 ? 407 LYS A C   1 
ATOM   219 O  O   . LYS A 1 38  ? 2.477   -8.591  -2.016  1.00 46.57 ? 407 LYS A O   1 
ATOM   220 C  CB  . LYS A 1 38  ? 0.429   -9.579  -3.975  1.00 46.50 ? 407 LYS A CB  1 
ATOM   221 C  CG  . LYS A 1 38  ? 0.787   -11.070 -3.938  1.00 47.49 ? 407 LYS A CG  1 
ATOM   222 C  CD  . LYS A 1 38  ? 1.024   -11.645 -5.343  1.00 47.56 ? 407 LYS A CD  1 
ATOM   223 C  CE  . LYS A 1 38  ? -0.276  -11.754 -6.138  1.00 50.43 ? 407 LYS A CE  1 
ATOM   224 N  NZ  . LYS A 1 38  ? -0.114  -12.374 -7.504  1.00 49.70 ? 407 LYS A NZ  1 
ATOM   225 N  N   . VAL A 1 39  ? 1.256   -9.859  -0.625  1.00 45.34 ? 408 VAL A N   1 
ATOM   226 C  CA  . VAL A 1 39  ? 2.325   -10.018 0.346   1.00 44.47 ? 408 VAL A CA  1 
ATOM   227 C  C   . VAL A 1 39  ? 2.641   -11.497 0.531   1.00 44.55 ? 408 VAL A C   1 
ATOM   228 O  O   . VAL A 1 39  ? 1.743   -12.318 0.661   1.00 43.99 ? 408 VAL A O   1 
ATOM   229 C  CB  . VAL A 1 39  ? 1.938   -9.382  1.715   1.00 44.45 ? 408 VAL A CB  1 
ATOM   230 C  CG1 . VAL A 1 39  ? 2.927   -9.771  2.801   1.00 44.77 ? 408 VAL A CG1 1 
ATOM   231 C  CG2 . VAL A 1 39  ? 1.821   -7.856  1.608   1.00 43.08 ? 408 VAL A CG2 1 
ATOM   232 N  N   . ILE A 1 40  ? 3.922   -11.837 0.542   1.00 44.75 ? 409 ILE A N   1 
ATOM   233 C  CA  . ILE A 1 40  ? 4.306   -13.215 0.834   1.00 44.91 ? 409 ILE A CA  1 
ATOM   234 C  C   . ILE A 1 40  ? 5.337   -13.322 1.958   1.00 45.21 ? 409 ILE A C   1 
ATOM   235 O  O   . ILE A 1 40  ? 6.285   -12.535 2.025   1.00 44.62 ? 409 ILE A O   1 
ATOM   236 C  CB  . ILE A 1 40  ? 4.739   -14.006 -0.437  1.00 45.44 ? 409 ILE A CB  1 
ATOM   237 C  CG1 . ILE A 1 40  ? 5.220   -15.408 -0.041  1.00 46.55 ? 409 ILE A CG1 1 
ATOM   238 C  CG2 . ILE A 1 40  ? 5.792   -13.277 -1.242  1.00 45.31 ? 409 ILE A CG2 1 
ATOM   239 C  CD1 . ILE A 1 40  ? 5.173   -16.368 -1.143  1.00 48.76 ? 409 ILE A CD1 1 
ATOM   240 N  N   . ASN A 1 41  ? 5.111   -14.278 2.858   1.00 45.31 ? 410 ASN A N   1 
ATOM   241 C  CA  . ASN A 1 41  ? 6.087   -14.655 3.864   1.00 45.91 ? 410 ASN A CA  1 
ATOM   242 C  C   . ASN A 1 41  ? 6.938   -15.795 3.300   1.00 46.51 ? 410 ASN A C   1 
ATOM   243 O  O   . ASN A 1 41  ? 6.442   -16.901 3.087   1.00 46.33 ? 410 ASN A O   1 
ATOM   244 C  CB  . ASN A 1 41  ? 5.355   -15.110 5.120   1.00 46.32 ? 410 ASN A CB  1 
ATOM   245 C  CG  . ASN A 1 41  ? 6.291   -15.539 6.246   1.00 45.59 ? 410 ASN A CG  1 
ATOM   246 O  OD1 . ASN A 1 41  ? 7.515   -15.647 6.081   1.00 46.02 ? 410 ASN A OD1 1 
ATOM   247 N  ND2 . ASN A 1 41  ? 5.705   -15.789 7.400   1.00 43.53 ? 410 ASN A ND2 1 
ATOM   248 N  N   . LYS A 1 42  ? 8.214   -15.523 3.051   1.00 46.91 ? 411 LYS A N   1 
ATOM   249 C  CA  . LYS A 1 42  ? 9.087   -16.522 2.421   1.00 47.37 ? 411 LYS A CA  1 
ATOM   250 C  C   . LYS A 1 42  ? 9.908   -17.303 3.445   1.00 47.70 ? 411 LYS A C   1 
ATOM   251 O  O   . LYS A 1 42  ? 10.804  -18.072 3.080   1.00 47.97 ? 411 LYS A O   1 
ATOM   252 C  CB  . LYS A 1 42  ? 10.004  -15.858 1.399   1.00 47.15 ? 411 LYS A CB  1 
ATOM   253 C  CG  . LYS A 1 42  ? 9.268   -15.212 0.236   1.00 48.27 ? 411 LYS A CG  1 
ATOM   254 C  CD  . LYS A 1 42  ? 10.254  -14.642 -0.772  1.00 47.52 ? 411 LYS A CD  1 
ATOM   255 C  CE  . LYS A 1 42  ? 9.578   -13.635 -1.666  1.00 47.92 ? 411 LYS A CE  1 
ATOM   256 N  NZ  . LYS A 1 42  ? 10.292  -13.566 -2.950  1.00 48.54 ? 411 LYS A NZ  1 
ATOM   257 N  N   . THR A 1 43  ? 9.583   -17.111 4.723   1.00 48.23 ? 412 THR A N   1 
ATOM   258 C  CA  . THR A 1 43  ? 10.284  -17.768 5.823   1.00 48.58 ? 412 THR A CA  1 
ATOM   259 C  C   . THR A 1 43  ? 9.457   -18.960 6.300   1.00 49.46 ? 412 THR A C   1 
ATOM   260 O  O   . THR A 1 43  ? 8.314   -19.171 5.834   1.00 49.61 ? 412 THR A O   1 
ATOM   261 C  CB  . THR A 1 43  ? 10.533  -16.794 6.999   1.00 48.37 ? 412 THR A CB  1 
ATOM   262 O  OG1 . THR A 1 43  ? 9.289   -16.538 7.701   1.00 47.55 ? 412 THR A OG1 1 
ATOM   263 C  CG2 . THR A 1 43  ? 11.113  -15.457 6.487   1.00 48.36 ? 412 THR A CG2 1 
ATOM   264 N  N   . GLN A 1 44  ? 10.037  -19.738 7.229   1.00 50.44 ? 413 GLN A N   1 
ATOM   265 C  CA  . GLN A 1 44  ? 9.372   -20.920 7.756   1.00 51.04 ? 413 GLN A CA  1 
ATOM   266 C  C   . GLN A 1 44  ? 8.702   -20.646 9.102   1.00 50.93 ? 413 GLN A C   1 
ATOM   267 O  O   . GLN A 1 44  ? 8.235   -21.568 9.756   1.00 50.30 ? 413 GLN A O   1 
ATOM   268 C  CB  . GLN A 1 44  ? 10.349  -22.100 7.859   1.00 51.61 ? 413 GLN A CB  1 
ATOM   269 C  CG  . GLN A 1 44  ? 10.891  -22.591 6.522   1.00 54.77 ? 413 GLN A CG  1 
ATOM   270 C  CD  . GLN A 1 44  ? 9.789   -22.973 5.530   1.00 58.42 ? 413 GLN A CD  1 
ATOM   271 O  OE1 . GLN A 1 44  ? 9.708   -22.394 4.408   1.00 60.21 ? 413 GLN A OE1 1 
ATOM   272 N  NE2 . GLN A 1 44  ? 8.935   -23.940 5.944   1.00 59.92 ? 413 GLN A NE2 1 
ATOM   273 N  N   . GLN A 1 45  ? 8.644   -19.372 9.496   1.00 50.67 ? 414 GLN A N   1 
ATOM   274 C  CA  . GLN A 1 45  ? 7.973   -18.953 10.727  1.00 50.90 ? 414 GLN A CA  1 
ATOM   275 C  C   . GLN A 1 45  ? 6.888   -17.920 10.396  1.00 50.28 ? 414 GLN A C   1 
ATOM   276 O  O   . GLN A 1 45  ? 6.962   -17.262 9.350   1.00 49.67 ? 414 GLN A O   1 
ATOM   277 C  CB  . GLN A 1 45  ? 8.978   -18.321 11.697  1.00 50.72 ? 414 GLN A CB  1 
ATOM   278 C  CG  . GLN A 1 45  ? 9.979   -19.278 12.355  1.00 52.48 ? 414 GLN A CG  1 
ATOM   279 C  CD  . GLN A 1 45  ? 10.630  -18.662 13.597  1.00 52.54 ? 414 GLN A CD  1 
ATOM   280 O  OE1 . GLN A 1 45  ? 10.788  -17.432 13.695  1.00 54.93 ? 414 GLN A OE1 1 
ATOM   281 N  NE2 . GLN A 1 45  ? 10.999  -19.509 14.551  1.00 54.85 ? 414 GLN A NE2 1 
ATOM   282 N  N   . VAL A 1 46  ? 5.895   -17.793 11.281  1.00 49.42 ? 415 VAL A N   1 
ATOM   283 C  CA  . VAL A 1 46  ? 4.894   -16.711 11.225  1.00 49.17 ? 415 VAL A CA  1 
ATOM   284 C  C   . VAL A 1 46  ? 5.604   -15.365 11.376  1.00 48.31 ? 415 VAL A C   1 
ATOM   285 O  O   . VAL A 1 46  ? 6.514   -15.230 12.191  1.00 47.87 ? 415 VAL A O   1 
ATOM   286 C  CB  . VAL A 1 46  ? 3.827   -16.860 12.360  1.00 49.28 ? 415 VAL A CB  1 
ATOM   287 C  CG1 . VAL A 1 46  ? 2.782   -15.722 12.314  1.00 49.60 ? 415 VAL A CG1 1 
ATOM   288 C  CG2 . VAL A 1 46  ? 3.136   -18.199 12.278  1.00 49.80 ? 415 VAL A CG2 1 
ATOM   289 N  N   . GLN A 1 47  ? 5.199   -14.372 10.584  1.00 48.34 ? 416 GLN A N   1 
ATOM   290 C  CA  . GLN A 1 47  ? 5.790   -13.039 10.660  1.00 47.83 ? 416 GLN A CA  1 
ATOM   291 C  C   . GLN A 1 47  ? 4.707   -11.953 10.767  1.00 47.72 ? 416 GLN A C   1 
ATOM   292 O  O   . GLN A 1 47  ? 3.560   -12.190 10.397  1.00 47.35 ? 416 GLN A O   1 
ATOM   293 C  CB  . GLN A 1 47  ? 6.701   -12.789 9.443   1.00 47.76 ? 416 GLN A CB  1 
ATOM   294 C  CG  . GLN A 1 47  ? 7.776   -13.886 9.180   1.00 47.84 ? 416 GLN A CG  1 
ATOM   295 C  CD  . GLN A 1 47  ? 8.876   -13.945 10.231  1.00 48.55 ? 416 GLN A CD  1 
ATOM   296 O  OE1 . GLN A 1 47  ? 9.008   -13.052 11.070  1.00 47.73 ? 416 GLN A OE1 1 
ATOM   297 N  NE2 . GLN A 1 47  ? 9.675   -15.020 10.192  1.00 50.15 ? 416 GLN A NE2 1 
ATOM   298 N  N   . GLU A 1 48  ? 5.081   -10.771 11.273  1.00 47.85 ? 417 GLU A N   1 
ATOM   299 C  CA  . GLU A 1 48  ? 4.178   -9.607  11.367  1.00 47.44 ? 417 GLU A CA  1 
ATOM   300 C  C   . GLU A 1 48  ? 4.746   -8.469  10.554  1.00 46.57 ? 417 GLU A C   1 
ATOM   301 O  O   . GLU A 1 48  ? 5.915   -8.120  10.703  1.00 46.89 ? 417 GLU A O   1 
ATOM   302 C  CB  . GLU A 1 48  ? 3.940   -9.119  12.824  1.00 47.51 ? 417 GLU A CB  1 
ATOM   303 C  CG  . GLU A 1 48  ? 3.132   -7.764  12.897  1.00 48.05 ? 417 GLU A CG  1 
ATOM   304 C  CD  . GLU A 1 48  ? 2.910   -7.171  14.310  1.00 50.42 ? 417 GLU A CD  1 
ATOM   305 O  OE1 . GLU A 1 48  ? 2.346   -7.876  15.158  1.00 54.07 ? 417 GLU A OE1 1 
ATOM   306 O  OE2 . GLU A 1 48  ? 3.275   -5.981  14.546  1.00 55.91 ? 417 GLU A OE2 1 
ATOM   307 N  N   . TYR A 1 49  ? 3.912   -7.885  9.704   1.00 46.12 ? 418 TYR A N   1 
ATOM   308 C  CA  . TYR A 1 49  ? 4.332   -6.775  8.840   1.00 46.50 ? 418 TYR A CA  1 
ATOM   309 C  C   . TYR A 1 49  ? 3.479   -5.524  9.115   1.00 45.91 ? 418 TYR A C   1 
ATOM   310 O  O   . TYR A 1 49  ? 2.311   -5.641  9.473   1.00 45.42 ? 418 TYR A O   1 
ATOM   311 C  CB  . TYR A 1 49  ? 4.256   -7.172  7.350   1.00 46.88 ? 418 TYR A CB  1 
ATOM   312 C  CG  . TYR A 1 49  ? 4.924   -8.504  7.009   1.00 48.47 ? 418 TYR A CG  1 
ATOM   313 C  CD1 . TYR A 1 49  ? 6.285   -8.701  7.210   1.00 49.19 ? 418 TYR A CD1 1 
ATOM   314 C  CD2 . TYR A 1 49  ? 4.192   -9.562  6.475   1.00 49.67 ? 418 TYR A CD2 1 
ATOM   315 C  CE1 . TYR A 1 49  ? 6.904   -9.927  6.886   1.00 49.15 ? 418 TYR A CE1 1 
ATOM   316 C  CE2 . TYR A 1 49  ? 4.808   -10.785 6.139   1.00 50.77 ? 418 TYR A CE2 1 
ATOM   317 C  CZ  . TYR A 1 49  ? 6.162   -10.959 6.354   1.00 49.58 ? 418 TYR A CZ  1 
ATOM   318 O  OH  . TYR A 1 49  ? 6.776   -12.172 6.046   1.00 49.71 ? 418 TYR A OH  1 
ATOM   319 N  N   . ASN A 1 50  ? 4.077   -4.341  8.989   1.00 45.64 ? 419 ASN A N   1 
ATOM   320 C  CA  . ASN A 1 50  ? 3.308   -3.101  8.927   1.00 45.43 ? 419 ASN A CA  1 
ATOM   321 C  C   . ASN A 1 50  ? 3.325   -2.664  7.464   1.00 45.08 ? 419 ASN A C   1 
ATOM   322 O  O   . ASN A 1 50  ? 4.335   -2.850  6.760   1.00 43.82 ? 419 ASN A O   1 
ATOM   323 C  CB  . ASN A 1 50  ? 3.944   -1.971  9.736   1.00 46.40 ? 419 ASN A CB  1 
ATOM   324 C  CG  . ASN A 1 50  ? 3.657   -2.034  11.257  1.00 50.78 ? 419 ASN A CG  1 
ATOM   325 O  OD1 . ASN A 1 50  ? 2.702   -2.649  11.742  1.00 50.63 ? 419 ASN A OD1 1 
ATOM   326 N  ND2 . ASN A 1 50  ? 4.492   -1.321  12.008  1.00 55.78 ? 419 ASN A ND2 1 
ATOM   327 N  N   . LEU A 1 51  ? 2.231   -2.043  7.039   1.00 43.40 ? 420 LEU A N   1 
ATOM   328 C  CA  . LEU A 1 51  ? 2.086   -1.536  5.682   1.00 44.00 ? 420 LEU A CA  1 
ATOM   329 C  C   . LEU A 1 51  ? 1.838   -0.053  5.789   1.00 43.80 ? 420 LEU A C   1 
ATOM   330 O  O   . LEU A 1 51  ? 1.042   0.401   6.619   1.00 42.88 ? 420 LEU A O   1 
ATOM   331 C  CB  . LEU A 1 51  ? 0.945   -2.227  4.939   1.00 43.23 ? 420 LEU A CB  1 
ATOM   332 C  CG  . LEU A 1 51  ? 0.957   -3.765  4.966   1.00 45.64 ? 420 LEU A CG  1 
ATOM   333 C  CD1 . LEU A 1 51  ? -0.390  -4.289  4.563   1.00 46.48 ? 420 LEU A CD1 1 
ATOM   334 C  CD2 . LEU A 1 51  ? 2.067   -4.381  4.073   1.00 46.94 ? 420 LEU A CD2 1 
ATOM   335 N  N   . ASP A 1 52  ? 2.537   0.692   4.945   1.00 44.38 ? 421 ASP A N   1 
ATOM   336 C  CA  . ASP A 1 52  ? 2.532   2.158   4.974   1.00 45.50 ? 421 ASP A CA  1 
ATOM   337 C  C   . ASP A 1 52  ? 2.607   2.710   3.574   1.00 44.55 ? 421 ASP A C   1 
ATOM   338 O  O   . ASP A 1 52  ? 2.831   1.966   2.644   1.00 44.23 ? 421 ASP A O   1 
ATOM   339 C  CB  . ASP A 1 52  ? 3.743   2.656   5.773   1.00 46.42 ? 421 ASP A CB  1 
ATOM   340 C  CG  . ASP A 1 52  ? 3.516   2.549   7.250   1.00 51.40 ? 421 ASP A CG  1 
ATOM   341 O  OD1 . ASP A 1 52  ? 2.718   3.373   7.772   1.00 53.32 ? 421 ASP A OD1 1 
ATOM   342 O  OD2 . ASP A 1 52  ? 4.117   1.635   7.877   1.00 52.58 ? 421 ASP A OD2 1 
ATOM   343 N  N   . VAL A 1 53  ? 2.406   4.017   3.436   1.00 44.27 ? 422 VAL A N   1 
ATOM   344 C  CA  . VAL A 1 53  ? 2.577   4.697   2.152   1.00 44.23 ? 422 VAL A CA  1 
ATOM   345 C  C   . VAL A 1 53  ? 3.369   5.977   2.436   1.00 45.36 ? 422 VAL A C   1 
ATOM   346 O  O   . VAL A 1 53  ? 3.225   6.602   3.512   1.00 45.83 ? 422 VAL A O   1 
ATOM   347 C  CB  . VAL A 1 53  ? 1.233   5.032   1.411   1.00 44.53 ? 422 VAL A CB  1 
ATOM   348 C  CG1 . VAL A 1 53  ? 0.303   5.983   2.263   1.00 43.37 ? 422 VAL A CG1 1 
ATOM   349 C  CG2 . VAL A 1 53  ? 1.507   5.638   0.021   1.00 43.41 ? 422 VAL A CG2 1 
ATOM   350 N  N   . LYS A 1 54  ? 4.246   6.333   1.521   1.00 44.54 ? 423 LYS A N   1 
ATOM   351 C  CA  . LYS A 1 54  ? 4.878   7.627   1.634   1.00 45.80 ? 423 LYS A CA  1 
ATOM   352 C  C   . LYS A 1 54  ? 4.730   8.404   0.339   1.00 44.85 ? 423 LYS A C   1 
ATOM   353 O  O   . LYS A 1 54  ? 4.563   7.797   -0.731  1.00 43.96 ? 423 LYS A O   1 
ATOM   354 C  CB  . LYS A 1 54  ? 6.318   7.479   2.130   1.00 47.33 ? 423 LYS A CB  1 
ATOM   355 C  CG  . LYS A 1 54  ? 7.371   7.370   1.097   1.00 52.75 ? 423 LYS A CG  1 
ATOM   356 C  CD  . LYS A 1 54  ? 8.748   7.753   1.668   1.00 54.40 ? 423 LYS A CD  1 
ATOM   357 C  CE  . LYS A 1 54  ? 9.073   6.992   2.942   1.00 53.08 ? 423 LYS A CE  1 
ATOM   358 N  NZ  . LYS A 1 54  ? 10.560  6.802   3.091   1.00 52.34 ? 423 LYS A NZ  1 
ATOM   359 N  N   . GLY A 1 55  ? 4.702   9.733   0.446   1.00 43.74 ? 424 GLY A N   1 
ATOM   360 C  CA  . GLY A 1 55  ? 4.633   10.592  -0.727  1.00 43.42 ? 424 GLY A CA  1 
ATOM   361 C  C   . GLY A 1 55  ? 3.423   11.497  -0.806  1.00 43.84 ? 424 GLY A C   1 
ATOM   362 O  O   . GLY A 1 55  ? 3.364   12.352  -1.684  1.00 43.10 ? 424 GLY A O   1 
ATOM   363 N  N   . LEU A 1 56  ? 2.460   11.318  0.098   1.00 43.14 ? 425 LEU A N   1 
ATOM   364 C  CA  . LEU A 1 56  ? 1.278   12.207  0.142   1.00 44.10 ? 425 LEU A CA  1 
ATOM   365 C  C   . LEU A 1 56  ? 1.336   13.099  1.374   1.00 44.17 ? 425 LEU A C   1 
ATOM   366 O  O   . LEU A 1 56  ? 1.593   12.613  2.477   1.00 43.65 ? 425 LEU A O   1 
ATOM   367 C  CB  . LEU A 1 56  ? -0.019  11.377  0.134   1.00 43.75 ? 425 LEU A CB  1 
ATOM   368 C  CG  . LEU A 1 56  ? -0.345  10.795  -1.247  1.00 43.54 ? 425 LEU A CG  1 
ATOM   369 C  CD1 . LEU A 1 56  ? -1.300  9.596   -1.176  1.00 45.55 ? 425 LEU A CD1 1 
ATOM   370 C  CD2 . LEU A 1 56  ? -0.924  11.906  -2.142  1.00 41.79 ? 425 LEU A CD2 1 
ATOM   371 N  N   . ASN A 1 57  ? 1.104   14.399  1.185   1.00 43.79 ? 426 ASN A N   1 
ATOM   372 C  CA  . ASN A 1 57  ? 1.171   15.375  2.288   1.00 45.32 ? 426 ASN A CA  1 
ATOM   373 C  C   . ASN A 1 57  ? -0.098  15.394  3.148   1.00 45.12 ? 426 ASN A C   1 
ATOM   374 O  O   . ASN A 1 57  ? -0.115  15.882  4.280   1.00 44.70 ? 426 ASN A O   1 
ATOM   375 C  CB  . ASN A 1 57  ? 1.486   16.778  1.720   1.00 45.98 ? 426 ASN A CB  1 
ATOM   376 C  CG  . ASN A 1 57  ? 2.865   16.844  1.077   1.00 47.64 ? 426 ASN A CG  1 
ATOM   377 O  OD1 . ASN A 1 57  ? 3.731   15.999  1.332   1.00 53.83 ? 426 ASN A OD1 1 
ATOM   378 N  ND2 . ASN A 1 57  ? 3.082   17.846  0.272   1.00 51.71 ? 426 ASN A ND2 1 
ATOM   379 N  N   . ASP A 1 58  ? -1.162  14.843  2.590   1.00 45.46 ? 427 ASP A N   1 
ATOM   380 C  CA  . ASP A 1 58  ? -2.421  14.658  3.292   1.00 45.33 ? 427 ASP A CA  1 
ATOM   381 C  C   . ASP A 1 58  ? -2.998  13.392  2.693   1.00 45.06 ? 427 ASP A C   1 
ATOM   382 O  O   . ASP A 1 58  ? -3.116  13.277  1.465   1.00 44.53 ? 427 ASP A O   1 
ATOM   383 C  CB  . ASP A 1 58  ? -3.357  15.847  3.053   1.00 46.66 ? 427 ASP A CB  1 
ATOM   384 C  CG  . ASP A 1 58  ? -4.760  15.607  3.597   1.00 49.48 ? 427 ASP A CG  1 
ATOM   385 O  OD1 . ASP A 1 58  ? -5.544  14.864  2.947   1.00 53.72 ? 427 ASP A OD1 1 
ATOM   386 O  OD2 . ASP A 1 58  ? -5.084  16.158  4.663   1.00 49.16 ? 427 ASP A OD2 1 
ATOM   387 N  N   . VAL A 1 59  ? -3.314  12.413  3.541   1.00 43.77 ? 428 VAL A N   1 
ATOM   388 C  CA  . VAL A 1 59  ? -3.851  11.168  3.027   1.00 43.50 ? 428 VAL A CA  1 
ATOM   389 C  C   . VAL A 1 59  ? -4.590  10.410  4.128   1.00 43.44 ? 428 VAL A C   1 
ATOM   390 O  O   . VAL A 1 59  ? -4.232  10.484  5.324   1.00 42.99 ? 428 VAL A O   1 
ATOM   391 C  CB  . VAL A 1 59  ? -2.748  10.281  2.328   1.00 44.07 ? 428 VAL A CB  1 
ATOM   392 C  CG1 . VAL A 1 59  ? -1.624  9.921   3.298   1.00 44.28 ? 428 VAL A CG1 1 
ATOM   393 C  CG2 . VAL A 1 59  ? -3.344  9.010   1.687   1.00 45.13 ? 428 VAL A CG2 1 
ATOM   394 N  N   . SER A 1 60  ? -5.663  9.752   3.709   1.00 42.64 ? 429 SER A N   1 
ATOM   395 C  CA  . SER A 1 60  ? -6.353  8.761   4.514   1.00 42.78 ? 429 SER A CA  1 
ATOM   396 C  C   . SER A 1 60  ? -6.026  7.380   3.972   1.00 43.00 ? 429 SER A C   1 
ATOM   397 O  O   . SER A 1 60  ? -5.933  7.184   2.750   1.00 43.17 ? 429 SER A O   1 
ATOM   398 C  CB  . SER A 1 60  ? -7.859  8.987   4.465   1.00 42.63 ? 429 SER A CB  1 
ATOM   399 O  OG  . SER A 1 60  ? -8.185  10.250  5.001   1.00 41.48 ? 429 SER A OG  1 
ATOM   400 N  N   . TRP A 1 61  ? -5.789  6.454   4.893   1.00 43.04 ? 430 TRP A N   1 
ATOM   401 C  CA  . TRP A 1 61  ? -5.557  5.052   4.584   1.00 42.72 ? 430 TRP A CA  1 
ATOM   402 C  C   . TRP A 1 61  ? -6.840  4.288   4.901   1.00 42.65 ? 430 TRP A C   1 
ATOM   403 O  O   . TRP A 1 61  ? -7.486  4.533   5.932   1.00 42.98 ? 430 TRP A O   1 
ATOM   404 C  CB  . TRP A 1 61  ? -4.392  4.525   5.434   1.00 42.45 ? 430 TRP A CB  1 
ATOM   405 C  CG  . TRP A 1 61  ? -4.027  3.080   5.232   1.00 42.42 ? 430 TRP A CG  1 
ATOM   406 C  CD1 . TRP A 1 61  ? -4.704  1.973   5.719   1.00 41.67 ? 430 TRP A CD1 1 
ATOM   407 C  CD2 . TRP A 1 61  ? -2.870  2.573   4.552   1.00 41.04 ? 430 TRP A CD2 1 
ATOM   408 N  NE1 . TRP A 1 61  ? -4.041  0.821   5.351   1.00 41.00 ? 430 TRP A NE1 1 
ATOM   409 C  CE2 . TRP A 1 61  ? -2.915  1.161   4.638   1.00 42.21 ? 430 TRP A CE2 1 
ATOM   410 C  CE3 . TRP A 1 61  ? -1.802  3.177   3.858   1.00 42.15 ? 430 TRP A CE3 1 
ATOM   411 C  CZ2 . TRP A 1 61  ? -1.933  0.340   4.051   1.00 42.98 ? 430 TRP A CZ2 1 
ATOM   412 C  CZ3 . TRP A 1 61  ? -0.822  2.364   3.286   1.00 40.76 ? 430 TRP A CZ3 1 
ATOM   413 C  CH2 . TRP A 1 61  ? -0.897  0.961   3.385   1.00 42.64 ? 430 TRP A CH2 1 
ATOM   414 N  N   . TYR A 1 62  ? -7.207  3.371   4.011   1.00 42.21 ? 431 TYR A N   1 
ATOM   415 C  CA  . TYR A 1 62  ? -8.376  2.524   4.193   1.00 42.36 ? 431 TYR A CA  1 
ATOM   416 C  C   . TYR A 1 62  ? -8.052  1.067   3.873   1.00 42.98 ? 431 TYR A C   1 
ATOM   417 O  O   . TYR A 1 62  ? -8.060  0.662   2.710   1.00 42.94 ? 431 TYR A O   1 
ATOM   418 C  CB  . TYR A 1 62  ? -9.540  3.005   3.338   1.00 42.77 ? 431 TYR A CB  1 
ATOM   419 C  CG  . TYR A 1 62  ? -9.955  4.441   3.579   1.00 43.19 ? 431 TYR A CG  1 
ATOM   420 C  CD1 . TYR A 1 62  ? -10.803 4.769   4.634   1.00 44.20 ? 431 TYR A CD1 1 
ATOM   421 C  CD2 . TYR A 1 62  ? -9.538  5.461   2.716   1.00 44.51 ? 431 TYR A CD2 1 
ATOM   422 C  CE1 . TYR A 1 62  ? -11.209 6.091   4.853   1.00 44.93 ? 431 TYR A CE1 1 
ATOM   423 C  CE2 . TYR A 1 62  ? -9.934  6.787   2.924   1.00 44.51 ? 431 TYR A CE2 1 
ATOM   424 C  CZ  . TYR A 1 62  ? -10.766 7.091   4.001   1.00 43.76 ? 431 TYR A CZ  1 
ATOM   425 O  OH  . TYR A 1 62  ? -11.172 8.397   4.223   1.00 42.88 ? 431 TYR A OH  1 
ATOM   426 N  N   . GLY A 1 63  ? -7.731  0.288   4.902   1.00 42.86 ? 432 GLY A N   1 
ATOM   427 C  CA  . GLY A 1 63  ? -7.498  -1.153  4.731   1.00 43.16 ? 432 GLY A CA  1 
ATOM   428 C  C   . GLY A 1 63  ? -6.453  -1.681  5.691   1.00 43.39 ? 432 GLY A C   1 
ATOM   429 O  O   . GLY A 1 63  ? -6.043  -0.963  6.608   1.00 42.80 ? 432 GLY A O   1 
ATOM   430 N  N   . LYS A 1 64  ? -6.011  -2.921  5.479   1.00 43.65 ? 433 LYS A N   1 
ATOM   431 C  CA  . LYS A 1 64  ? -4.999  -3.544  6.346   1.00 44.47 ? 433 LYS A CA  1 
ATOM   432 C  C   . LYS A 1 64  ? -3.747  -2.706  6.522   1.00 44.52 ? 433 LYS A C   1 
ATOM   433 O  O   . LYS A 1 64  ? -3.179  -2.184  5.556   1.00 44.72 ? 433 LYS A O   1 
ATOM   434 C  CB  . LYS A 1 64  ? -4.596  -4.942  5.869   1.00 44.47 ? 433 LYS A CB  1 
ATOM   435 C  CG  . LYS A 1 64  ? -5.561  -6.032  6.201   1.00 46.57 ? 433 LYS A CG  1 
ATOM   436 C  CD  . LYS A 1 64  ? -5.665  -6.357  7.701   1.00 47.65 ? 433 LYS A CD  1 
ATOM   437 C  CE  . LYS A 1 64  ? -6.596  -7.534  7.876   1.00 48.19 ? 433 LYS A CE  1 
ATOM   438 N  NZ  . LYS A 1 64  ? -7.368  -7.573  9.157   1.00 48.55 ? 433 LYS A NZ  1 
ATOM   439 N  N   . GLN A 1 65  ? -3.326  -2.597  7.775   1.00 44.13 ? 434 GLN A N   1 
ATOM   440 C  CA  . GLN A 1 65  ? -2.163  -1.827  8.157   1.00 45.60 ? 434 GLN A CA  1 
ATOM   441 C  C   . GLN A 1 65  ? -1.084  -2.717  8.802   1.00 44.83 ? 434 GLN A C   1 
ATOM   442 O  O   . GLN A 1 65  ? 0.111   -2.511  8.594   1.00 44.94 ? 434 GLN A O   1 
ATOM   443 C  CB  . GLN A 1 65  ? -2.587  -0.738  9.158   1.00 46.12 ? 434 GLN A CB  1 
ATOM   444 C  CG  . GLN A 1 65  ? -1.477  0.186   9.518   1.00 48.97 ? 434 GLN A CG  1 
ATOM   445 C  CD  . GLN A 1 65  ? -1.931  1.380   10.311  1.00 47.59 ? 434 GLN A CD  1 
ATOM   446 O  OE1 . GLN A 1 65  ? -2.209  1.287   11.514  1.00 46.91 ? 434 GLN A OE1 1 
ATOM   447 N  NE2 . GLN A 1 65  ? -1.965  2.529   9.649   1.00 45.77 ? 434 GLN A NE2 1 
ATOM   448 N  N   . THR A 1 66  ? -1.515  -3.655  9.635   1.00 44.21 ? 435 THR A N   1 
ATOM   449 C  CA  . THR A 1 66  ? -0.617  -4.546  10.342  1.00 43.95 ? 435 THR A CA  1 
ATOM   450 C  C   . THR A 1 66  ? -1.201  -5.938  10.160  1.00 44.86 ? 435 THR A C   1 
ATOM   451 O  O   . THR A 1 66  ? -2.395  -6.137  10.398  1.00 44.68 ? 435 THR A O   1 
ATOM   452 C  CB  . THR A 1 66  ? -0.558  -4.183  11.854  1.00 43.46 ? 435 THR A CB  1 
ATOM   453 O  OG1 . THR A 1 66  ? -0.035  -2.857  12.006  1.00 44.26 ? 435 THR A OG1 1 
ATOM   454 C  CG2 . THR A 1 66  ? 0.342   -5.136  12.612  1.00 43.03 ? 435 THR A CG2 1 
ATOM   455 N  N   . ILE A 1 67  ? -0.370  -6.898  9.769   1.00 45.61 ? 436 ILE A N   1 
ATOM   456 C  CA  . ILE A 1 67  ? -0.844  -8.252  9.446   1.00 47.66 ? 436 ILE A CA  1 
ATOM   457 C  C   . ILE A 1 67  ? 0.059   -9.345  10.009  1.00 48.65 ? 436 ILE A C   1 
ATOM   458 O  O   . ILE A 1 67  ? 1.257   -9.128  10.176  1.00 48.28 ? 436 ILE A O   1 
ATOM   459 C  CB  . ILE A 1 67  ? -0.969  -8.464  7.904   1.00 48.03 ? 436 ILE A CB  1 
ATOM   460 C  CG1 . ILE A 1 67  ? 0.308   -7.992  7.190   1.00 47.84 ? 436 ILE A CG1 1 
ATOM   461 C  CG2 . ILE A 1 67  ? -2.160  -7.712  7.349   1.00 48.74 ? 436 ILE A CG2 1 
ATOM   462 C  CD1 . ILE A 1 67  ? 0.352   -8.272  5.708   1.00 48.48 ? 436 ILE A CD1 1 
ATOM   463 N  N   . GLN A 1 68  ? -0.529  -10.505 10.319  1.00 49.70 ? 437 GLN A N   1 
ATOM   464 C  CA  . GLN A 1 68  ? 0.223   -11.714 10.652  1.00 51.52 ? 437 GLN A CA  1 
ATOM   465 C  C   . GLN A 1 68  ? 0.150   -12.681 9.469   1.00 51.58 ? 437 GLN A C   1 
ATOM   466 O  O   . GLN A 1 68  ? -0.945  -13.011 8.995   1.00 51.83 ? 437 GLN A O   1 
ATOM   467 C  CB  . GLN A 1 68  ? -0.365  -12.408 11.896  1.00 51.66 ? 437 GLN A CB  1 
ATOM   468 C  CG  . GLN A 1 68  ? 0.167   -11.908 13.220  1.00 52.74 ? 437 GLN A CG  1 
ATOM   469 C  CD  . GLN A 1 68  ? -0.352  -12.709 14.395  1.00 53.87 ? 437 GLN A CD  1 
ATOM   470 O  OE1 . GLN A 1 68  ? -0.763  -13.876 14.255  1.00 58.66 ? 437 GLN A OE1 1 
ATOM   471 N  NE2 . GLN A 1 68  ? -0.330  -12.097 15.575  1.00 56.25 ? 437 GLN A NE2 1 
ATOM   472 N  N   . VAL A 1 69  ? 1.310   -13.128 8.992   1.00 51.68 ? 438 VAL A N   1 
ATOM   473 C  CA  . VAL A 1 69  ? 1.386   -13.962 7.786   1.00 51.70 ? 438 VAL A CA  1 
ATOM   474 C  C   . VAL A 1 69  ? 2.075   -15.299 8.080   1.00 51.92 ? 438 VAL A C   1 
ATOM   475 O  O   . VAL A 1 69  ? 3.157   -15.329 8.664   1.00 51.84 ? 438 VAL A O   1 
ATOM   476 C  CB  . VAL A 1 69  ? 2.118   -13.219 6.638   1.00 51.81 ? 438 VAL A CB  1 
ATOM   477 C  CG1 . VAL A 1 69  ? 1.994   -13.980 5.311   1.00 51.60 ? 438 VAL A CG1 1 
ATOM   478 C  CG2 . VAL A 1 69  ? 1.566   -11.813 6.485   1.00 51.34 ? 438 VAL A CG2 1 
ATOM   479 N  N   . GLU A 1 70  ? 1.432   -16.398 7.676   1.00 52.47 ? 439 GLU A N   1 
ATOM   480 C  CA  . GLU A 1 70  ? 1.934   -17.752 7.935   1.00 52.70 ? 439 GLU A CA  1 
ATOM   481 C  C   . GLU A 1 70  ? 3.067   -18.120 6.972   1.00 52.65 ? 439 GLU A C   1 
ATOM   482 O  O   . GLU A 1 70  ? 3.191   -17.508 5.911   1.00 52.99 ? 439 GLU A O   1 
ATOM   483 C  CB  . GLU A 1 70  ? 0.791   -18.777 7.835   1.00 53.07 ? 439 GLU A CB  1 
ATOM   484 C  CG  . GLU A 1 70  ? -0.272  -18.674 8.939   1.00 54.21 ? 439 GLU A CG  1 
ATOM   485 C  CD  . GLU A 1 70  ? 0.219   -19.162 10.291  1.00 56.39 ? 439 GLU A CD  1 
ATOM   486 O  OE1 . GLU A 1 70  ? 1.108   -20.038 10.335  1.00 58.00 ? 439 GLU A OE1 1 
ATOM   487 O  OE2 . GLU A 1 70  ? -0.299  -18.685 11.322  1.00 58.42 ? 439 GLU A OE2 1 
ATOM   488 N  N   . PRO A 1 71  ? 3.915   -19.108 7.340   1.00 52.70 ? 440 PRO A N   1 
ATOM   489 C  CA  . PRO A 1 71  ? 4.998   -19.535 6.439   1.00 52.45 ? 440 PRO A CA  1 
ATOM   490 C  C   . PRO A 1 71  ? 4.493   -19.873 5.034   1.00 52.49 ? 440 PRO A C   1 
ATOM   491 O  O   . PRO A 1 71  ? 3.574   -20.694 4.885   1.00 52.23 ? 440 PRO A O   1 
ATOM   492 C  CB  . PRO A 1 71  ? 5.560   -20.783 7.122   1.00 52.50 ? 440 PRO A CB  1 
ATOM   493 C  CG  . PRO A 1 71  ? 5.204   -20.646 8.536   1.00 52.77 ? 440 PRO A CG  1 
ATOM   494 C  CD  . PRO A 1 71  ? 3.944   -19.834 8.621   1.00 52.28 ? 440 PRO A CD  1 
ATOM   495 N  N   . GLY A 1 72  ? 5.073   -19.216 4.016   1.00 52.30 ? 441 GLY A N   1 
ATOM   496 C  CA  . GLY A 1 72  ? 4.691   -19.458 2.624   1.00 52.29 ? 441 GLY A CA  1 
ATOM   497 C  C   . GLY A 1 72  ? 3.334   -18.903 2.219   1.00 52.24 ? 441 GLY A C   1 
ATOM   498 O  O   . GLY A 1 72  ? 2.958   -18.989 1.004   1.00 52.30 ? 441 GLY A O   1 
ATOM   499 N  N   . GLU A 1 73  ? 2.589   -18.347 3.238   1.00 52.27 ? 442 GLU A N   1 
ATOM   500 C  CA  . GLU A 1 73  ? 1.283   -17.774 2.945   1.00 52.60 ? 442 GLU A CA  1 
ATOM   501 C  C   . GLU A 1 73  ? 1.390   -16.568 2.000   1.00 51.98 ? 442 GLU A C   1 
ATOM   502 O  O   . GLU A 1 73  ? 2.240   -15.684 2.182   1.00 51.94 ? 442 GLU A O   1 
ATOM   503 C  CB  . GLU A 1 73  ? 0.573   -17.371 4.239   1.00 52.69 ? 442 GLU A CB  1 
ATOM   504 C  CG  . GLU A 1 73  ? -0.800  -16.746 4.034   1.00 53.57 ? 442 GLU A CG  1 
ATOM   505 C  CD  . GLU A 1 73  ? -1.490  -16.424 5.335   1.00 53.92 ? 442 GLU A CD  1 
ATOM   506 O  OE1 . GLU A 1 73  ? -0.797  -16.046 6.305   1.00 55.91 ? 442 GLU A OE1 1 
ATOM   507 O  OE2 . GLU A 1 73  ? -2.733  -16.555 5.391   1.00 56.26 ? 442 GLU A OE2 1 
ATOM   508 N  N   . VAL A 1 74  ? 0.524   -16.559 0.989   1.00 51.36 ? 443 VAL A N   1 
ATOM   509 C  CA  . VAL A 1 74  ? 0.365   -15.421 0.089   1.00 50.96 ? 443 VAL A CA  1 
ATOM   510 C  C   . VAL A 1 74  ? -0.958  -14.734 0.430   1.00 50.70 ? 443 VAL A C   1 
ATOM   511 O  O   . VAL A 1 74  ? -2.018  -15.365 0.392   1.00 50.37 ? 443 VAL A O   1 
ATOM   512 C  CB  . VAL A 1 74  ? 0.385   -15.859 -1.401  1.00 51.02 ? 443 VAL A CB  1 
ATOM   513 C  CG1 . VAL A 1 74  ? 0.193   -14.673 -2.324  1.00 50.52 ? 443 VAL A CG1 1 
ATOM   514 C  CG2 . VAL A 1 74  ? 1.678   -16.563 -1.731  1.00 50.86 ? 443 VAL A CG2 1 
ATOM   515 N  N   . LEU A 1 75  ? -0.882  -13.452 0.791   1.00 49.97 ? 444 LEU A N   1 
ATOM   516 C  CA  . LEU A 1 75  ? -2.066  -12.662 1.115   1.00 49.69 ? 444 LEU A CA  1 
ATOM   517 C  C   . LEU A 1 75  ? -2.395  -11.642 0.022   1.00 49.23 ? 444 LEU A C   1 
ATOM   518 O  O   . LEU A 1 75  ? -1.509  -11.046 -0.587  1.00 49.18 ? 444 LEU A O   1 
ATOM   519 C  CB  . LEU A 1 75  ? -1.889  -11.932 2.454   1.00 49.88 ? 444 LEU A CB  1 
ATOM   520 C  CG  . LEU A 1 75  ? -1.843  -12.709 3.772   1.00 51.10 ? 444 LEU A CG  1 
ATOM   521 C  CD1 . LEU A 1 75  ? -1.587  -11.737 4.928   1.00 51.34 ? 444 LEU A CD1 1 
ATOM   522 C  CD2 . LEU A 1 75  ? -3.133  -13.465 4.008   1.00 51.75 ? 444 LEU A CD2 1 
ATOM   523 N  N   . ASN A 1 76  ? -3.685  -11.432 -0.189  1.00 48.70 ? 445 ASN A N   1 
ATOM   524 C  CA  . ASN A 1 76  ? -4.172  -10.506 -1.187  1.00 48.24 ? 445 ASN A CA  1 
ATOM   525 C  C   . ASN A 1 76  ? -4.965  -9.408  -0.496  1.00 47.02 ? 445 ASN A C   1 
ATOM   526 O  O   . ASN A 1 76  ? -5.997  -9.687  0.127   1.00 46.47 ? 445 ASN A O   1 
ATOM   527 C  CB  . ASN A 1 76  ? -5.051  -11.248 -2.183  1.00 49.21 ? 445 ASN A CB  1 
ATOM   528 C  CG  . ASN A 1 76  ? -5.281  -10.464 -3.438  1.00 51.47 ? 445 ASN A CG  1 
ATOM   529 O  OD1 . ASN A 1 76  ? -6.410  -10.061 -3.740  1.00 55.05 ? 445 ASN A OD1 1 
ATOM   530 N  ND2 . ASN A 1 76  ? -4.213  -10.242 -4.193  1.00 53.76 ? 445 ASN A ND2 1 
ATOM   531 N  N   . LEU A 1 77  ? -4.481  -8.170  -0.593  1.00 45.03 ? 446 LEU A N   1 
ATOM   532 C  CA  . LEU A 1 77  ? -4.994  -7.095  0.249   1.00 44.51 ? 446 LEU A CA  1 
ATOM   533 C  C   . LEU A 1 77  ? -5.527  -5.884  -0.510  1.00 44.58 ? 446 LEU A C   1 
ATOM   534 O  O   . LEU A 1 77  ? -4.772  -4.940  -0.800  1.00 43.53 ? 446 LEU A O   1 
ATOM   535 C  CB  . LEU A 1 77  ? -3.936  -6.663  1.278   1.00 44.17 ? 446 LEU A CB  1 
ATOM   536 C  CG  . LEU A 1 77  ? -3.232  -7.752  2.099   1.00 44.99 ? 446 LEU A CG  1 
ATOM   537 C  CD1 . LEU A 1 77  ? -2.087  -7.188  2.899   1.00 47.52 ? 446 LEU A CD1 1 
ATOM   538 C  CD2 . LEU A 1 77  ? -4.216  -8.509  3.015   1.00 46.58 ? 446 LEU A CD2 1 
ATOM   539 N  N   . PRO A 1 78  ? -6.836  -5.900  -0.828  1.00 44.84 ? 447 PRO A N   1 
ATOM   540 C  CA  . PRO A 1 78  ? -7.518  -4.760  -1.420  1.00 45.11 ? 447 PRO A CA  1 
ATOM   541 C  C   . PRO A 1 78  ? -7.581  -3.595  -0.431  1.00 45.61 ? 447 PRO A C   1 
ATOM   542 O  O   . PRO A 1 78  ? -7.828  -3.800  0.760   1.00 45.08 ? 447 PRO A O   1 
ATOM   543 C  CB  . PRO A 1 78  ? -8.927  -5.301  -1.700  1.00 44.86 ? 447 PRO A CB  1 
ATOM   544 C  CG  . PRO A 1 78  ? -9.099  -6.405  -0.755  1.00 45.23 ? 447 PRO A CG  1 
ATOM   545 C  CD  . PRO A 1 78  ? -7.759  -7.031  -0.613  1.00 45.08 ? 447 PRO A CD  1 
HETATM 546 N  N   . MSE A 1 79  ? -7.358  -2.383  -0.921  1.00 46.21 ? 448 MSE A N   1 
HETATM 547 C  CA  . MSE A 1 79  ? -7.362  -1.208  -0.059  1.00 48.00 ? 448 MSE A CA  1 
HETATM 548 C  C   . MSE A 1 79  ? -7.582  0.043   -0.891  1.00 46.90 ? 448 MSE A C   1 
HETATM 549 O  O   . MSE A 1 79  ? -7.593  -0.009  -2.122  1.00 46.86 ? 448 MSE A O   1 
HETATM 550 C  CB  . MSE A 1 79  ? -6.015  -1.088  0.655   1.00 47.45 ? 448 MSE A CB  1 
HETATM 551 C  CG  . MSE A 1 79  ? -4.839  -0.888  -0.319  1.00 47.82 ? 448 MSE A CG  1 
HETATM 552 SE SE  . MSE A 1 79  ? -3.256  -0.372  0.630   1.00 55.57 ? 448 MSE A SE  1 
HETATM 553 C  CE  . MSE A 1 79  ? -3.842  1.375   1.296   1.00 47.92 ? 448 MSE A CE  1 
ATOM   554 N  N   . SER A 1 80  ? -7.751  1.172   -0.213  1.00 46.04 ? 449 SER A N   1 
ATOM   555 C  CA  . SER A 1 80  ? -7.758  2.453   -0.899  1.00 45.21 ? 449 SER A CA  1 
ATOM   556 C  C   . SER A 1 80  ? -7.046  3.557   -0.096  1.00 44.18 ? 449 SER A C   1 
ATOM   557 O  O   . SER A 1 80  ? -6.808  3.420   1.130   1.00 42.19 ? 449 SER A O   1 
ATOM   558 C  CB  . SER A 1 80  ? -9.182  2.839   -1.305  1.00 45.62 ? 449 SER A CB  1 
ATOM   559 O  OG  . SER A 1 80  ? -9.921  3.318   -0.215  1.00 47.94 ? 449 SER A OG  1 
ATOM   560 N  N   . LEU A 1 81  ? -6.672  4.615   -0.817  1.00 42.78 ? 450 LEU A N   1 
ATOM   561 C  CA  . LEU A 1 81  ? -6.102  5.837   -0.248  1.00 42.68 ? 450 LEU A CA  1 
ATOM   562 C  C   . LEU A 1 81  ? -7.024  6.989   -0.595  1.00 42.79 ? 450 LEU A C   1 
ATOM   563 O  O   . LEU A 1 81  ? -7.534  7.049   -1.721  1.00 41.65 ? 450 LEU A O   1 
ATOM   564 C  CB  . LEU A 1 81  ? -4.702  6.113   -0.841  1.00 42.39 ? 450 LEU A CB  1 
ATOM   565 C  CG  . LEU A 1 81  ? -3.556  5.130   -0.509  1.00 42.86 ? 450 LEU A CG  1 
ATOM   566 C  CD1 . LEU A 1 81  ? -2.251  5.585   -1.190  1.00 40.24 ? 450 LEU A CD1 1 
ATOM   567 C  CD2 . LEU A 1 81  ? -3.360  4.984   0.995   1.00 40.81 ? 450 LEU A CD2 1 
ATOM   568 N  N   . GLY A 1 82  ? -7.248  7.889   0.364   1.00 42.77 ? 451 GLY A N   1 
ATOM   569 C  CA  . GLY A 1 82  ? -8.020  9.114   0.130   1.00 43.41 ? 451 GLY A CA  1 
ATOM   570 C  C   . GLY A 1 82  ? -7.131  10.323  0.372   1.00 44.37 ? 451 GLY A C   1 
ATOM   571 O  O   . GLY A 1 82  ? -6.311  10.318  1.291   1.00 45.34 ? 451 GLY A O   1 
ATOM   572 N  N   . ALA A 1 83  ? -7.253  11.356  -0.450  1.00 43.95 ? 452 ALA A N   1 
ATOM   573 C  CA  . ALA A 1 83  ? -6.485  12.568  -0.219  1.00 44.06 ? 452 ALA A CA  1 
ATOM   574 C  C   . ALA A 1 83  ? -7.354  13.776  -0.452  1.00 43.85 ? 452 ALA A C   1 
ATOM   575 O  O   . ALA A 1 83  ? -8.194  13.763  -1.338  1.00 43.66 ? 452 ALA A O   1 
ATOM   576 C  CB  . ALA A 1 83  ? -5.250  12.612  -1.156  1.00 44.06 ? 452 ALA A CB  1 
ATOM   577 N  N   . ASP A 1 84  ? -7.140  14.825  0.330   1.00 44.12 ? 453 ASP A N   1 
ATOM   578 C  CA  . ASP A 1 84  ? -7.806  16.115  0.096   1.00 44.34 ? 453 ASP A CA  1 
ATOM   579 C  C   . ASP A 1 84  ? -7.156  16.714  -1.143  1.00 45.00 ? 453 ASP A C   1 
ATOM   580 O  O   . ASP A 1 84  ? -5.946  16.970  -1.118  1.00 45.01 ? 453 ASP A O   1 
ATOM   581 C  CB  . ASP A 1 84  ? -7.576  17.015  1.314   1.00 44.66 ? 453 ASP A CB  1 
ATOM   582 C  CG  . ASP A 1 84  ? -8.159  18.411  1.164   1.00 44.89 ? 453 ASP A CG  1 
ATOM   583 O  OD1 . ASP A 1 84  ? -8.629  18.800  0.070   1.00 43.55 ? 453 ASP A OD1 1 
ATOM   584 O  OD2 . ASP A 1 84  ? -8.130  19.132  2.179   1.00 45.74 ? 453 ASP A OD2 1 
ATOM   585 N  N   . PRO A 1 85  ? -7.937  16.918  -2.240  1.00 45.73 ? 454 PRO A N   1 
ATOM   586 C  CA  . PRO A 1 85  ? -7.332  17.401  -3.501  1.00 46.48 ? 454 PRO A CA  1 
ATOM   587 C  C   . PRO A 1 85  ? -6.696  18.790  -3.369  1.00 47.47 ? 454 PRO A C   1 
ATOM   588 O  O   . PRO A 1 85  ? -5.743  19.103  -4.086  1.00 47.94 ? 454 PRO A O   1 
ATOM   589 C  CB  . PRO A 1 85  ? -8.517  17.436  -4.479  1.00 46.32 ? 454 PRO A CB  1 
ATOM   590 C  CG  . PRO A 1 85  ? -9.752  17.513  -3.603  1.00 46.42 ? 454 PRO A CG  1 
ATOM   591 C  CD  . PRO A 1 85  ? -9.394  16.707  -2.375  1.00 45.77 ? 454 PRO A CD  1 
ATOM   592 N  N   . ASP A 1 86  ? -7.217  19.605  -2.448  1.00 47.65 ? 455 ASP A N   1 
ATOM   593 C  CA  . ASP A 1 86  ? -6.652  20.922  -2.146  1.00 48.17 ? 455 ASP A CA  1 
ATOM   594 C  C   . ASP A 1 86  ? -5.228  20.847  -1.603  1.00 48.22 ? 455 ASP A C   1 
ATOM   595 O  O   . ASP A 1 86  ? -4.492  21.831  -1.660  1.00 48.51 ? 455 ASP A O   1 
ATOM   596 C  CB  . ASP A 1 86  ? -7.545  21.686  -1.151  1.00 48.55 ? 455 ASP A CB  1 
ATOM   597 C  CG  . ASP A 1 86  ? -8.899  22.046  -1.736  1.00 50.07 ? 455 ASP A CG  1 
ATOM   598 O  OD1 . ASP A 1 86  ? -9.064  21.970  -2.971  1.00 49.63 ? 455 ASP A OD1 1 
ATOM   599 O  OD2 . ASP A 1 86  ? -9.801  22.412  -0.954  1.00 53.78 ? 455 ASP A OD2 1 
ATOM   600 N  N   . LYS A 1 87  ? -4.830  19.685  -1.088  1.00 47.82 ? 456 LYS A N   1 
ATOM   601 C  CA  . LYS A 1 87  ? -3.490  19.539  -0.539  1.00 48.00 ? 456 LYS A CA  1 
ATOM   602 C  C   . LYS A 1 87  ? -2.566  18.697  -1.445  1.00 48.09 ? 456 LYS A C   1 
ATOM   603 O  O   . LYS A 1 87  ? -1.415  18.435  -1.098  1.00 48.84 ? 456 LYS A O   1 
ATOM   604 C  CB  . LYS A 1 87  ? -3.565  19.015  0.911   1.00 48.47 ? 456 LYS A CB  1 
ATOM   605 C  CG  . LYS A 1 87  ? -4.327  20.011  1.832   1.00 48.71 ? 456 LYS A CG  1 
ATOM   606 C  CD  . LYS A 1 87  ? -4.545  19.497  3.233   1.00 48.95 ? 456 LYS A CD  1 
ATOM   607 C  CE  . LYS A 1 87  ? -5.341  20.513  4.065   1.00 51.02 ? 456 LYS A CE  1 
ATOM   608 N  NZ  . LYS A 1 87  ? -4.792  21.888  3.910   1.00 52.68 ? 456 LYS A NZ  1 
ATOM   609 N  N   . LEU A 1 88  ? -3.074  18.264  -2.598  1.00 47.55 ? 457 LEU A N   1 
ATOM   610 C  CA  . LEU A 1 88  ? -2.235  17.555  -3.580  1.00 47.23 ? 457 LEU A CA  1 
ATOM   611 C  C   . LEU A 1 88  ? -1.391  18.596  -4.313  1.00 46.75 ? 457 LEU A C   1 
ATOM   612 O  O   . LEU A 1 88  ? -1.880  19.681  -4.617  1.00 45.23 ? 457 LEU A O   1 
ATOM   613 C  CB  . LEU A 1 88  ? -3.088  16.746  -4.575  1.00 47.35 ? 457 LEU A CB  1 
ATOM   614 C  CG  . LEU A 1 88  ? -3.913  15.543  -4.045  1.00 47.54 ? 457 LEU A CG  1 
ATOM   615 C  CD1 . LEU A 1 88  ? -4.825  15.031  -5.153  1.00 49.27 ? 457 LEU A CD1 1 
ATOM   616 C  CD2 . LEU A 1 88  ? -3.066  14.405  -3.544  1.00 45.94 ? 457 LEU A CD2 1 
ATOM   617 N  N   . ASN A 1 89  ? -0.124  18.262  -4.583  1.00 46.75 ? 458 ASN A N   1 
ATOM   618 C  CA  . ASN A 1 89  ? 0.794   19.175  -5.289  1.00 46.93 ? 458 ASN A CA  1 
ATOM   619 C  C   . ASN A 1 89  ? 0.445   19.295  -6.775  1.00 46.30 ? 458 ASN A C   1 
ATOM   620 O  O   . ASN A 1 89  ? 0.585   20.369  -7.385  1.00 46.24 ? 458 ASN A O   1 
ATOM   621 C  CB  . ASN A 1 89  ? 2.250   18.691  -5.115  1.00 46.99 ? 458 ASN A CB  1 
ATOM   622 C  CG  . ASN A 1 89  ? 2.760   18.855  -3.670  1.00 50.19 ? 458 ASN A CG  1 
ATOM   623 O  OD1 . ASN A 1 89  ? 2.194   19.610  -2.873  1.00 53.21 ? 458 ASN A OD1 1 
ATOM   624 N  ND2 . ASN A 1 89  ? 3.835   18.153  -3.344  1.00 52.79 ? 458 ASN A ND2 1 
ATOM   625 N  N   . SER A 1 90  ? -0.020  18.177  -7.329  1.00 46.05 ? 459 SER A N   1 
ATOM   626 C  CA  . SER A 1 90  ? -0.406  18.053  -8.737  1.00 46.62 ? 459 SER A CA  1 
ATOM   627 C  C   . SER A 1 90  ? -1.311  16.826  -8.890  1.00 45.92 ? 459 SER A C   1 
ATOM   628 O  O   . SER A 1 90  ? -1.551  16.106  -7.929  1.00 44.96 ? 459 SER A O   1 
ATOM   629 C  CB  . SER A 1 90  ? 0.830   17.852  -9.605  1.00 47.01 ? 459 SER A CB  1 
ATOM   630 O  OG  . SER A 1 90  ? 1.482   16.649  -9.238  1.00 47.93 ? 459 SER A OG  1 
ATOM   631 N  N   . ALA A 1 91  ? -1.803  16.595  -10.111 1.00 45.13 ? 460 ALA A N   1 
ATOM   632 C  CA  . ALA A 1 91  ? -2.748  15.513  -10.358 1.00 44.99 ? 460 ALA A CA  1 
ATOM   633 C  C   . ALA A 1 91  ? -2.103  14.140  -10.217 1.00 44.93 ? 460 ALA A C   1 
ATOM   634 O  O   . ALA A 1 91  ? -2.798  13.157  -9.975  1.00 45.20 ? 460 ALA A O   1 
ATOM   635 C  CB  . ALA A 1 91  ? -3.379  15.655  -11.732 1.00 44.02 ? 460 ALA A CB  1 
ATOM   636 N  N   . ILE A 1 92  ? -0.792  14.068  -10.421 1.00 45.11 ? 461 ILE A N   1 
ATOM   637 C  CA  . ILE A 1 92  ? -0.061  12.792  -10.290 1.00 45.61 ? 461 ILE A CA  1 
ATOM   638 C  C   . ILE A 1 92  ? 1.000   12.869  -9.218  1.00 45.90 ? 461 ILE A C   1 
ATOM   639 O  O   . ILE A 1 92  ? 1.987   13.614  -9.346  1.00 46.40 ? 461 ILE A O   1 
ATOM   640 C  CB  . ILE A 1 92  ? 0.622   12.346  -11.607 1.00 45.80 ? 461 ILE A CB  1 
ATOM   641 C  CG1 . ILE A 1 92  ? -0.402  12.259  -12.722 1.00 44.57 ? 461 ILE A CG1 1 
ATOM   642 C  CG2 . ILE A 1 92  ? 1.349   10.962  -11.399 1.00 45.38 ? 461 ILE A CG2 1 
ATOM   643 C  CD1 . ILE A 1 92  ? 0.160   12.276  -14.059 1.00 43.78 ? 461 ILE A CD1 1 
ATOM   644 N  N   . THR A 1 93  ? 0.817   12.068  -8.171  1.00 45.88 ? 462 THR A N   1 
ATOM   645 C  CA  . THR A 1 93  ? 1.779   11.984  -7.100  1.00 45.05 ? 462 THR A CA  1 
ATOM   646 C  C   . THR A 1 93  ? 2.487   10.619  -7.103  1.00 45.84 ? 462 THR A C   1 
ATOM   647 O  O   . THR A 1 93  ? 1.826   9.559   -7.117  1.00 44.32 ? 462 THR A O   1 
ATOM   648 C  CB  . THR A 1 93  ? 1.082   12.225  -5.748  1.00 45.82 ? 462 THR A CB  1 
ATOM   649 O  OG1 . THR A 1 93  ? 0.323   13.445  -5.814  1.00 45.28 ? 462 THR A OG1 1 
ATOM   650 C  CG2 . THR A 1 93  ? 2.087   12.340  -4.613  1.00 45.44 ? 462 THR A CG2 1 
ATOM   651 N  N   . THR A 1 94  ? 3.825   10.644  -7.069  1.00 44.11 ? 463 THR A N   1 
ATOM   652 C  CA  . THR A 1 94  ? 4.604   9.425   -6.829  1.00 45.08 ? 463 THR A CA  1 
ATOM   653 C  C   . THR A 1 94  ? 4.530   9.029   -5.376  1.00 45.26 ? 463 THR A C   1 
ATOM   654 O  O   . THR A 1 94  ? 4.748   9.860   -4.486  1.00 45.60 ? 463 THR A O   1 
ATOM   655 C  CB  . THR A 1 94  ? 6.095   9.596   -7.233  1.00 45.77 ? 463 THR A CB  1 
ATOM   656 O  OG1 . THR A 1 94  ? 6.136   9.872   -8.622  1.00 46.41 ? 463 THR A OG1 1 
ATOM   657 C  CG2 . THR A 1 94  ? 6.878   8.284   -7.001  1.00 46.06 ? 463 THR A CG2 1 
ATOM   658 N  N   . ILE A 1 95  ? 4.181   7.761   -5.131  1.00 44.85 ? 464 ILE A N   1 
ATOM   659 C  CA  . ILE A 1 95  ? 4.088   7.243   -3.783  1.00 44.27 ? 464 ILE A CA  1 
ATOM   660 C  C   . ILE A 1 95  ? 4.865   5.935   -3.731  1.00 45.00 ? 464 ILE A C   1 
ATOM   661 O  O   . ILE A 1 95  ? 5.204   5.377   -4.775  1.00 45.07 ? 464 ILE A O   1 
ATOM   662 C  CB  . ILE A 1 95  ? 2.593   7.030   -3.339  1.00 44.55 ? 464 ILE A CB  1 
ATOM   663 C  CG1 . ILE A 1 95  ? 1.874   6.055   -4.298  1.00 44.40 ? 464 ILE A CG1 1 
ATOM   664 C  CG2 . ILE A 1 95  ? 1.824   8.412   -3.302  1.00 43.38 ? 464 ILE A CG2 1 
ATOM   665 C  CD1 . ILE A 1 95  ? 0.482   5.518   -3.811  1.00 42.79 ? 464 ILE A CD1 1 
ATOM   666 N  N   . GLN A 1 96  ? 5.139   5.455   -2.524  1.00 44.52 ? 465 GLN A N   1 
ATOM   667 C  CA  . GLN A 1 96  ? 5.704   4.135   -2.336  1.00 45.48 ? 465 GLN A CA  1 
ATOM   668 C  C   . GLN A 1 96  ? 4.913   3.486   -1.252  1.00 45.46 ? 465 GLN A C   1 
ATOM   669 O  O   . GLN A 1 96  ? 4.674   4.110   -0.205  1.00 45.55 ? 465 GLN A O   1 
ATOM   670 C  CB  . GLN A 1 96  ? 7.107   4.228   -1.763  1.00 45.73 ? 465 GLN A CB  1 
ATOM   671 C  CG  . GLN A 1 96  ? 8.227   4.334   -2.738  1.00 48.95 ? 465 GLN A CG  1 
ATOM   672 C  CD  . GLN A 1 96  ? 9.525   4.336   -1.977  1.00 52.10 ? 465 GLN A CD  1 
ATOM   673 O  OE1 . GLN A 1 96  ? 9.538   4.624   -0.766  1.00 53.18 ? 465 GLN A OE1 1 
ATOM   674 N  NE2 . GLN A 1 96  ? 10.603  3.985   -2.645  1.00 50.86 ? 465 GLN A NE2 1 
ATOM   675 N  N   . PHE A 1 97  ? 4.530   2.234   -1.484  1.00 44.87 ? 466 PHE A N   1 
ATOM   676 C  CA  . PHE A 1 97  ? 4.041   1.382   -0.426  1.00 43.72 ? 466 PHE A CA  1 
ATOM   677 C  C   . PHE A 1 97  ? 5.223   0.673   0.226   1.00 44.54 ? 466 PHE A C   1 
ATOM   678 O  O   . PHE A 1 97  ? 6.202   0.273   -0.452  1.00 44.17 ? 466 PHE A O   1 
ATOM   679 C  CB  . PHE A 1 97  ? 3.048   0.387   -0.982  1.00 43.76 ? 466 PHE A CB  1 
ATOM   680 C  CG  . PHE A 1 97  ? 1.748   1.017   -1.410  1.00 44.01 ? 466 PHE A CG  1 
ATOM   681 C  CD1 . PHE A 1 97  ? 0.778   1.334   -0.471  1.00 43.57 ? 466 PHE A CD1 1 
ATOM   682 C  CD2 . PHE A 1 97  ? 1.497   1.275   -2.756  1.00 43.91 ? 466 PHE A CD2 1 
ATOM   683 C  CE1 . PHE A 1 97  ? -0.431  1.908   -0.858  1.00 44.75 ? 466 PHE A CE1 1 
ATOM   684 C  CE2 . PHE A 1 97  ? 0.292   1.848   -3.149  1.00 44.34 ? 466 PHE A CE2 1 
ATOM   685 C  CZ  . PHE A 1 97  ? -0.668  2.167   -2.195  1.00 43.69 ? 466 PHE A CZ  1 
ATOM   686 N  N   . ILE A 1 98  ? 5.159   0.550   1.547   1.00 43.71 ? 467 ILE A N   1 
ATOM   687 C  CA  . ILE A 1 98  ? 6.291   0.042   2.271   1.00 44.45 ? 467 ILE A CA  1 
ATOM   688 C  C   . ILE A 1 98  ? 5.819   -1.077  3.162   1.00 45.45 ? 467 ILE A C   1 
ATOM   689 O  O   . ILE A 1 98  ? 4.875   -0.895  3.940   1.00 44.93 ? 467 ILE A O   1 
ATOM   690 C  CB  . ILE A 1 98  ? 6.988   1.169   3.051   1.00 45.05 ? 467 ILE A CB  1 
ATOM   691 C  CG1 . ILE A 1 98  ? 7.489   2.242   2.053   1.00 46.35 ? 467 ILE A CG1 1 
ATOM   692 C  CG2 . ILE A 1 98  ? 8.143   0.608   3.933   1.00 44.68 ? 467 ILE A CG2 1 
ATOM   693 C  CD1 . ILE A 1 98  ? 7.508   3.631   2.623   1.00 49.22 ? 467 ILE A CD1 1 
ATOM   694 N  N   . LEU A 1 99  ? 6.448   -2.240  3.013   1.00 45.47 ? 468 LEU A N   1 
ATOM   695 C  CA  . LEU A 1 99  ? 6.204   -3.338  3.938   1.00 46.04 ? 468 LEU A CA  1 
ATOM   696 C  C   . LEU A 1 99  ? 7.365   -3.337  4.933   1.00 46.65 ? 468 LEU A C   1 
ATOM   697 O  O   . LEU A 1 99  ? 8.530   -3.364  4.540   1.00 45.86 ? 468 LEU A O   1 
ATOM   698 C  CB  . LEU A 1 99  ? 6.111   -4.686  3.187   1.00 46.45 ? 468 LEU A CB  1 
ATOM   699 C  CG  . LEU A 1 99  ? 5.965   -5.912  4.102   1.00 46.49 ? 468 LEU A CG  1 
ATOM   700 C  CD1 . LEU A 1 99  ? 5.214   -7.026  3.398   1.00 47.74 ? 468 LEU A CD1 1 
ATOM   701 C  CD2 . LEU A 1 99  ? 7.315   -6.407  4.585   1.00 48.12 ? 468 LEU A CD2 1 
ATOM   702 N  N   . THR A 1 100 ? 7.042   -3.270  6.211   1.00 46.64 ? 469 THR A N   1 
ATOM   703 C  CA  . THR A 1 100 ? 8.045   -3.325  7.254   1.00 48.25 ? 469 THR A CA  1 
ATOM   704 C  C   . THR A 1 100 ? 7.884   -4.625  8.037   1.00 49.27 ? 469 THR A C   1 
ATOM   705 O  O   . THR A 1 100 ? 6.825   -4.878  8.600   1.00 48.11 ? 469 THR A O   1 
ATOM   706 C  CB  . THR A 1 100 ? 7.919   -2.121  8.209   1.00 48.35 ? 469 THR A CB  1 
ATOM   707 O  OG1 . THR A 1 100 ? 8.077   -0.912  7.453   1.00 48.00 ? 469 THR A OG1 1 
ATOM   708 C  CG2 . THR A 1 100 ? 9.002   -2.178  9.306   1.00 48.46 ? 469 THR A CG2 1 
ATOM   709 N  N   . ASP A 1 101 ? 8.939   -5.437  8.025   1.00 51.05 ? 470 ASP A N   1 
ATOM   710 C  CA  . ASP A 1 101 ? 9.047   -6.680  8.805   1.00 54.00 ? 470 ASP A CA  1 
ATOM   711 C  C   . ASP A 1 101 ? 10.144  -6.391  9.804   1.00 55.82 ? 470 ASP A C   1 
ATOM   712 O  O   . ASP A 1 101 ? 11.323  -6.651  9.519   1.00 56.56 ? 470 ASP A O   1 
ATOM   713 C  CB  . ASP A 1 101 ? 9.479   -7.830  7.873   1.00 53.97 ? 470 ASP A CB  1 
ATOM   714 C  CG  . ASP A 1 101 ? 9.770   -9.161  8.607   1.00 55.67 ? 470 ASP A CG  1 
ATOM   715 O  OD1 . ASP A 1 101 ? 9.946   -9.212  9.839   1.00 53.42 ? 470 ASP A OD1 1 
ATOM   716 O  OD2 . ASP A 1 101 ? 9.852   -10.183 7.900   1.00 60.66 ? 470 ASP A OD2 1 
ATOM   717 N  N   . LYS A 1 102 ? 9.774   -5.809  10.943  1.00 57.58 ? 471 LYS A N   1 
ATOM   718 C  CA  . LYS A 1 102 ? 10.735  -5.501  12.014  1.00 60.13 ? 471 LYS A CA  1 
ATOM   719 C  C   . LYS A 1 102 ? 11.585  -6.688  12.493  1.00 60.39 ? 471 LYS A C   1 
ATOM   720 O  O   . LYS A 1 102 ? 12.781  -6.529  12.731  1.00 60.64 ? 471 LYS A O   1 
ATOM   721 C  CB  . LYS A 1 102 ? 10.031  -4.864  13.225  1.00 60.44 ? 471 LYS A CB  1 
ATOM   722 C  CG  . LYS A 1 102 ? 9.076   -5.776  13.985  1.00 61.05 ? 471 LYS A CG  1 
ATOM   723 C  CD  . LYS A 1 102 ? 8.290   -4.978  15.038  1.00 61.96 ? 471 LYS A CD  1 
ATOM   724 C  CE  . LYS A 1 102 ? 8.946   -5.046  16.423  1.00 65.34 ? 471 LYS A CE  1 
ATOM   725 N  NZ  . LYS A 1 102 ? 8.679   -3.815  17.235  1.00 65.78 ? 471 LYS A NZ  1 
ATOM   726 N  N   . SER A 1 103 ? 10.965  -7.861  12.634  1.00 61.48 ? 472 SER A N   1 
ATOM   727 C  CA  . SER A 1 103 ? 11.612  -9.041  13.244  1.00 61.93 ? 472 SER A CA  1 
ATOM   728 C  C   . SER A 1 103 ? 12.797  -9.592  12.432  1.00 62.19 ? 472 SER A C   1 
ATOM   729 O  O   . SER A 1 103 ? 13.730  -10.193 12.997  1.00 62.29 ? 472 SER A O   1 
ATOM   730 C  CB  . SER A 1 103 ? 10.588  -10.155 13.432  1.00 62.32 ? 472 SER A CB  1 
ATOM   731 O  OG  . SER A 1 103 ? 10.282  -10.742 12.173  1.00 63.88 ? 472 SER A OG  1 
ATOM   732 N  N   . ASN A 1 104 ? 12.728  -9.427  11.111  1.00 62.25 ? 473 ASN A N   1 
ATOM   733 C  CA  . ASN A 1 104 ? 13.848  -9.730  10.222  1.00 62.15 ? 473 ASN A CA  1 
ATOM   734 C  C   . ASN A 1 104 ? 14.573  -8.454  9.812   1.00 62.00 ? 473 ASN A C   1 
ATOM   735 O  O   . ASN A 1 104 ? 15.469  -8.494  8.954   1.00 62.33 ? 473 ASN A O   1 
ATOM   736 C  CB  . ASN A 1 104 ? 13.374  -10.498 8.975   1.00 62.31 ? 473 ASN A CB  1 
ATOM   737 C  CG  . ASN A 1 104 ? 12.838  -11.892 9.304   1.00 63.03 ? 473 ASN A CG  1 
ATOM   738 O  OD1 . ASN A 1 104 ? 13.587  -12.780 9.721   1.00 63.08 ? 473 ASN A OD1 1 
ATOM   739 N  ND2 . ASN A 1 104 ? 11.537  -12.089 9.102   1.00 62.97 ? 473 ASN A ND2 1 
ATOM   740 N  N   . GLU A 1 105 ? 14.174  -7.327  10.415  1.00 61.31 ? 474 GLU A N   1 
ATOM   741 C  CA  . GLU A 1 105 ? 14.771  -6.008  10.136  1.00 60.65 ? 474 GLU A CA  1 
ATOM   742 C  C   . GLU A 1 105 ? 14.861  -5.777  8.612   1.00 59.09 ? 474 GLU A C   1 
ATOM   743 O  O   . GLU A 1 105 ? 15.947  -5.633  8.036   1.00 59.26 ? 474 GLU A O   1 
ATOM   744 C  CB  . GLU A 1 105 ? 16.138  -5.881  10.852  1.00 61.60 ? 474 GLU A CB  1 
ATOM   745 C  CG  . GLU A 1 105 ? 16.795  -4.482  10.830  1.00 64.59 ? 474 GLU A CG  1 
ATOM   746 C  CD  . GLU A 1 105 ? 16.026  -3.406  11.615  1.00 68.32 ? 474 GLU A CD  1 
ATOM   747 O  OE1 . GLU A 1 105 ? 15.347  -3.738  12.623  1.00 69.14 ? 474 GLU A OE1 1 
ATOM   748 O  OE2 . GLU A 1 105 ? 16.125  -2.218  11.224  1.00 68.19 ? 474 GLU A OE2 1 
ATOM   749 N  N   . PHE A 1 106 ? 13.692  -5.745  7.976   1.00 56.56 ? 475 PHE A N   1 
ATOM   750 C  CA  . PHE A 1 106 ? 13.580  -5.826  6.530   1.00 54.14 ? 475 PHE A CA  1 
ATOM   751 C  C   . PHE A 1 106 ? 12.421  -4.943  6.072   1.00 53.09 ? 475 PHE A C   1 
ATOM   752 O  O   . PHE A 1 106 ? 11.359  -4.912  6.702   1.00 51.94 ? 475 PHE A O   1 
ATOM   753 C  CB  . PHE A 1 106 ? 13.357  -7.295  6.113   1.00 53.65 ? 475 PHE A CB  1 
ATOM   754 C  CG  . PHE A 1 106 ? 13.174  -7.500  4.630   1.00 53.09 ? 475 PHE A CG  1 
ATOM   755 C  CD1 . PHE A 1 106 ? 14.252  -7.374  3.752   1.00 52.78 ? 475 PHE A CD1 1 
ATOM   756 C  CD2 . PHE A 1 106 ? 11.930  -7.854  4.116   1.00 51.95 ? 475 PHE A CD2 1 
ATOM   757 C  CE1 . PHE A 1 106 ? 14.085  -7.565  2.365   1.00 52.49 ? 475 PHE A CE1 1 
ATOM   758 C  CE2 . PHE A 1 106 ? 11.751  -8.053  2.749   1.00 50.56 ? 475 PHE A CE2 1 
ATOM   759 C  CZ  . PHE A 1 106 ? 12.834  -7.899  1.864   1.00 52.08 ? 475 PHE A CZ  1 
ATOM   760 N  N   . THR A 1 107 ? 12.638  -4.186  5.000   1.00 51.80 ? 476 THR A N   1 
ATOM   761 C  CA  . THR A 1 107 ? 11.531  -3.461  4.379   1.00 51.15 ? 476 THR A CA  1 
ATOM   762 C  C   . THR A 1 107 ? 11.526  -3.772  2.893   1.00 50.42 ? 476 THR A C   1 
ATOM   763 O  O   . THR A 1 107 ? 12.568  -4.078  2.320   1.00 49.63 ? 476 THR A O   1 
ATOM   764 C  CB  . THR A 1 107 ? 11.623  -1.932  4.592   1.00 51.37 ? 476 THR A CB  1 
ATOM   765 O  OG1 . THR A 1 107 ? 12.792  -1.436  3.925   1.00 52.07 ? 476 THR A OG1 1 
ATOM   766 C  CG2 . THR A 1 107 ? 11.701  -1.580  6.068   1.00 51.63 ? 476 THR A CG2 1 
ATOM   767 N  N   . ILE A 1 108 ? 10.347  -3.740  2.284   1.00 49.53 ? 477 ILE A N   1 
ATOM   768 C  CA  . ILE A 1 108 ? 10.242  -3.741  0.832   1.00 49.10 ? 477 ILE A CA  1 
ATOM   769 C  C   . ILE A 1 108 ? 9.518   -2.464  0.491   1.00 48.58 ? 477 ILE A C   1 
ATOM   770 O  O   . ILE A 1 108 ? 8.527   -2.137  1.130   1.00 47.37 ? 477 ILE A O   1 
ATOM   771 C  CB  . ILE A 1 108 ? 9.356   -4.883  0.276   1.00 49.81 ? 477 ILE A CB  1 
ATOM   772 C  CG1 . ILE A 1 108 ? 9.738   -6.228  0.867   1.00 50.61 ? 477 ILE A CG1 1 
ATOM   773 C  CG2 . ILE A 1 108 ? 9.433   -4.939  -1.273  1.00 49.99 ? 477 ILE A CG2 1 
ATOM   774 C  CD1 . ILE A 1 108 ? 8.576   -7.134  0.969   1.00 53.51 ? 477 ILE A CD1 1 
ATOM   775 N  N   . GLU A 1 109 ? 10.000  -1.765  -0.527  1.00 48.22 ? 478 GLU A N   1 
ATOM   776 C  CA  . GLU A 1 109 ? 9.342   -0.566  -1.029  1.00 48.39 ? 478 GLU A CA  1 
ATOM   777 C  C   . GLU A 1 109 ? 8.886   -0.870  -2.432  1.00 47.43 ? 478 GLU A C   1 
ATOM   778 O  O   . GLU A 1 109 ? 9.651   -1.416  -3.232  1.00 47.16 ? 478 GLU A O   1 
ATOM   779 C  CB  . GLU A 1 109 ? 10.294  0.636   -1.061  1.00 48.91 ? 478 GLU A CB  1 
ATOM   780 C  CG  . GLU A 1 109 ? 10.822  1.089   0.306   1.00 52.75 ? 478 GLU A CG  1 
ATOM   781 C  CD  . GLU A 1 109 ? 11.899  0.172   0.846   1.00 59.19 ? 478 GLU A CD  1 
ATOM   782 O  OE1 . GLU A 1 109 ? 12.672  -0.404  0.041   1.00 63.12 ? 478 GLU A OE1 1 
ATOM   783 O  OE2 . GLU A 1 109 ? 11.979  0.013   2.080   1.00 62.18 ? 478 GLU A OE2 1 
ATOM   784 N  N   . VAL A 1 110 ? 7.644   -0.515  -2.737  1.00 46.12 ? 479 VAL A N   1 
ATOM   785 C  CA  . VAL A 1 110 ? 7.130   -0.659  -4.100  1.00 45.20 ? 479 VAL A CA  1 
ATOM   786 C  C   . VAL A 1 110 ? 6.543   0.684   -4.513  1.00 44.56 ? 479 VAL A C   1 
ATOM   787 O  O   . VAL A 1 110 ? 5.640   1.216   -3.848  1.00 44.36 ? 479 VAL A O   1 
ATOM   788 C  CB  . VAL A 1 110 ? 6.056   -1.790  -4.197  1.00 45.14 ? 479 VAL A CB  1 
ATOM   789 C  CG1 . VAL A 1 110 ? 5.613   -1.989  -5.650  1.00 46.36 ? 479 VAL A CG1 1 
ATOM   790 C  CG2 . VAL A 1 110 ? 6.610   -3.114  -3.646  1.00 46.06 ? 479 VAL A CG2 1 
ATOM   791 N  N   . GLU A 1 111 ? 7.044   1.229   -5.609  1.00 43.86 ? 480 GLU A N   1 
ATOM   792 C  CA  . GLU A 1 111 ? 6.586   2.515   -6.056  1.00 44.02 ? 480 GLU A CA  1 
ATOM   793 C  C   . GLU A 1 111 ? 5.253   2.381   -6.761  1.00 43.93 ? 480 GLU A C   1 
ATOM   794 O  O   . GLU A 1 111 ? 5.035   1.418   -7.471  1.00 43.43 ? 480 GLU A O   1 
ATOM   795 C  CB  . GLU A 1 111 ? 7.608   3.124   -6.998  1.00 44.62 ? 480 GLU A CB  1 
ATOM   796 C  CG  . GLU A 1 111 ? 7.287   4.545   -7.324  1.00 44.25 ? 480 GLU A CG  1 
ATOM   797 C  CD  . GLU A 1 111 ? 8.349   5.194   -8.160  1.00 45.75 ? 480 GLU A CD  1 
ATOM   798 O  OE1 . GLU A 1 111 ? 9.491   5.372   -7.663  1.00 44.22 ? 480 GLU A OE1 1 
ATOM   799 O  OE2 . GLU A 1 111 ? 8.039   5.548   -9.304  1.00 42.75 ? 480 GLU A OE2 1 
ATOM   800 N  N   . SER A 1 112 ? 4.370   3.370   -6.589  1.00 43.62 ? 481 SER A N   1 
ATOM   801 C  CA  . SER A 1 112 ? 3.092   3.374   -7.290  1.00 43.59 ? 481 SER A CA  1 
ATOM   802 C  C   . SER A 1 112 ? 2.690   4.831   -7.535  1.00 43.59 ? 481 SER A C   1 
ATOM   803 O  O   . SER A 1 112 ? 3.529   5.723   -7.483  1.00 43.70 ? 481 SER A O   1 
ATOM   804 C  CB  . SER A 1 112 ? 2.043   2.625   -6.446  1.00 43.73 ? 481 SER A CB  1 
ATOM   805 O  OG  . SER A 1 112 ? 0.796   2.542   -7.116  1.00 43.69 ? 481 SER A OG  1 
ATOM   806 N  N   . ARG A 1 113 ? 1.408   5.083   -7.767  1.00 43.21 ? 482 ARG A N   1 
ATOM   807 C  CA  . ARG A 1 113 ? 0.978   6.445   -8.101  1.00 43.86 ? 482 ARG A CA  1 
ATOM   808 C  C   . ARG A 1 113 ? -0.298  6.790   -7.365  1.00 43.26 ? 482 ARG A C   1 
ATOM   809 O  O   . ARG A 1 113 ? -1.098  5.908   -7.133  1.00 42.98 ? 482 ARG A O   1 
ATOM   810 C  CB  . ARG A 1 113 ? 0.706   6.552   -9.601  1.00 43.33 ? 482 ARG A CB  1 
ATOM   811 C  CG  . ARG A 1 113 ? 1.933   6.326   -10.524 1.00 43.82 ? 482 ARG A CG  1 
ATOM   812 C  CD  . ARG A 1 113 ? 2.936   7.478   -10.465 1.00 42.82 ? 482 ARG A CD  1 
ATOM   813 N  NE  . ARG A 1 113 ? 4.053   7.256   -11.389 1.00 42.70 ? 482 ARG A NE  1 
ATOM   814 C  CZ  . ARG A 1 113 ? 5.201   6.690   -11.061 1.00 43.56 ? 482 ARG A CZ  1 
ATOM   815 N  NH1 . ARG A 1 113 ? 5.394   6.254   -9.817  1.00 42.83 ? 482 ARG A NH1 1 
ATOM   816 N  NH2 . ARG A 1 113 ? 6.125   6.509   -11.995 1.00 43.45 ? 482 ARG A NH2 1 
ATOM   817 N  N   . PHE A 1 114 ? -0.473  8.063   -6.992  1.00 42.68 ? 483 PHE A N   1 
ATOM   818 C  CA  . PHE A 1 114 ? -1.792  8.551   -6.581  1.00 43.44 ? 483 PHE A CA  1 
ATOM   819 C  C   . PHE A 1 114 ? -2.184  9.599   -7.603  1.00 43.08 ? 483 PHE A C   1 
ATOM   820 O  O   . PHE A 1 114 ? -1.438  10.561  -7.830  1.00 43.28 ? 483 PHE A O   1 
ATOM   821 C  CB  . PHE A 1 114 ? -1.828  9.163   -5.164  1.00 41.99 ? 483 PHE A CB  1 
ATOM   822 C  CG  . PHE A 1 114 ? -3.245  9.505   -4.708  1.00 44.60 ? 483 PHE A CG  1 
ATOM   823 C  CD1 . PHE A 1 114 ? -4.016  8.568   -4.025  1.00 42.53 ? 483 PHE A CD1 1 
ATOM   824 C  CD2 . PHE A 1 114 ? -3.833  10.732  -5.041  1.00 43.28 ? 483 PHE A CD2 1 
ATOM   825 C  CE1 . PHE A 1 114 ? -5.337  8.868   -3.641  1.00 42.23 ? 483 PHE A CE1 1 
ATOM   826 C  CE2 . PHE A 1 114 ? -5.144  11.029  -4.659  1.00 43.84 ? 483 PHE A CE2 1 
ATOM   827 C  CZ  . PHE A 1 114 ? -5.890  10.100  -3.976  1.00 40.92 ? 483 PHE A CZ  1 
ATOM   828 N  N   . ILE A 1 115 ? -3.347  9.410   -8.214  1.00 43.69 ? 484 ILE A N   1 
ATOM   829 C  CA  . ILE A 1 115 ? -3.764  10.229  -9.349  1.00 43.87 ? 484 ILE A CA  1 
ATOM   830 C  C   . ILE A 1 115 ? -5.175  10.767  -9.124  1.00 45.48 ? 484 ILE A C   1 
ATOM   831 O  O   . ILE A 1 115 ? -6.099  10.011  -8.789  1.00 45.31 ? 484 ILE A O   1 
ATOM   832 C  CB  . ILE A 1 115 ? -3.633  9.446   -10.692 1.00 43.92 ? 484 ILE A CB  1 
ATOM   833 C  CG1 . ILE A 1 115 ? -2.223  8.838   -10.817 1.00 41.40 ? 484 ILE A CG1 1 
ATOM   834 C  CG2 . ILE A 1 115 ? -3.935  10.349  -11.925 1.00 41.85 ? 484 ILE A CG2 1 
ATOM   835 C  CD1 . ILE A 1 115 ? -2.039  7.919   -12.029 1.00 43.93 ? 484 ILE A CD1 1 
ATOM   836 N  N   . LYS A 1 116 ? -5.308  12.086  -9.286  1.00 46.81 ? 485 LYS A N   1 
ATOM   837 C  CA  . LYS A 1 116 ? -6.588  12.791  -9.207  1.00 48.53 ? 485 LYS A CA  1 
ATOM   838 C  C   . LYS A 1 116 ? -7.308  12.771  -10.552 1.00 48.77 ? 485 LYS A C   1 
ATOM   839 O  O   . LYS A 1 116 ? -6.711  12.473  -11.582 1.00 47.99 ? 485 LYS A O   1 
ATOM   840 C  CB  . LYS A 1 116 ? -6.356  14.232  -8.741  1.00 48.25 ? 485 LYS A CB  1 
ATOM   841 C  CG  . LYS A 1 116 ? -7.635  15.048  -8.428  1.00 49.48 ? 485 LYS A CG  1 
ATOM   842 C  CD  . LYS A 1 116 ? -7.264  16.380  -7.766  1.00 51.04 ? 485 LYS A CD  1 
ATOM   843 C  CE  . LYS A 1 116 ? -5.856  16.882  -8.191  1.00 56.34 ? 485 LYS A CE  1 
ATOM   844 N  NZ  . LYS A 1 116 ? -5.397  18.044  -7.355  1.00 59.45 ? 485 LYS A NZ  1 
ATOM   845 N  N   . LYS A 1 117 ? -8.603  13.088  -10.527 1.00 50.25 ? 486 LYS A N   1 
ATOM   846 C  CA  . LYS A 1 117 ? -9.433  13.097  -11.741 1.00 51.29 ? 486 LYS A CA  1 
ATOM   847 C  C   . LYS A 1 117 ? -8.948  14.087  -12.787 1.00 51.49 ? 486 LYS A C   1 
ATOM   848 O  O   . LYS A 1 117 ? -8.997  13.800  -13.990 1.00 52.59 ? 486 LYS A O   1 
ATOM   849 C  CB  . LYS A 1 117 ? -10.890 13.388  -11.402 1.00 51.35 ? 486 LYS A CB  1 
ATOM   850 C  CG  . LYS A 1 117 ? -11.817 13.066  -12.546 1.00 53.06 ? 486 LYS A CG  1 
ATOM   851 C  CD  . LYS A 1 117 ? -13.265 13.073  -12.126 1.00 54.74 ? 486 LYS A CD  1 
ATOM   852 C  CE  . LYS A 1 117 ? -14.139 12.609  -13.270 1.00 55.41 ? 486 LYS A CE  1 
ATOM   853 N  NZ  . LYS A 1 117 ? -15.561 12.505  -12.844 1.00 56.85 ? 486 LYS A NZ  1 
ATOM   854 N  N   . LEU A 1 118 ? -8.485  15.254  -12.338 1.00 51.73 ? 487 LEU A N   1 
ATOM   855 C  CA  . LEU A 1 118 ? -8.049  16.309  -13.255 1.00 51.95 ? 487 LEU A CA  1 
ATOM   856 C  C   . LEU A 1 118 ? -6.733  16.951  -12.824 1.00 51.86 ? 487 LEU A C   1 
ATOM   857 O  O   . LEU A 1 118 ? -5.955  17.401  -13.672 1.00 51.34 ? 487 LEU A O   1 
ATOM   858 C  CB  . LEU A 1 118 ? -9.135  17.385  -13.424 1.00 52.22 ? 487 LEU A CB  1 
ATOM   859 C  CG  . LEU A 1 118 ? -10.509 17.049  -14.021 1.00 53.27 ? 487 LEU A CG  1 
ATOM   860 C  CD1 . LEU A 1 118 ? -11.413 18.281  -13.984 1.00 54.75 ? 487 LEU A CD1 1 
ATOM   861 C  CD2 . LEU A 1 118 ? -10.409 16.518  -15.457 1.00 54.19 ? 487 LEU A CD2 1 
ATOM   862 O  OXT . LEU A 1 118 ? -6.428  17.047  -11.629 1.00 51.72 ? 487 LEU A OXT 1 
HETATM 863 O  O   . HOH B 2 .   ? 5.249   13.097  -6.638  1.00 40.52 ? 501 HOH A O   1 
HETATM 864 O  O   . HOH B 2 .   ? 9.179   -0.152  -7.132  1.00 38.21 ? 502 HOH A O   1 
HETATM 865 O  O   . HOH B 2 .   ? -0.741  2.406   6.994   1.00 34.02 ? 503 HOH A O   1 
HETATM 866 O  O   . HOH B 2 .   ? 12.495  -3.510  9.256   1.00 63.99 ? 504 HOH A O   1 
HETATM 867 O  O   . HOH B 2 .   ? 2.131   9.822   2.717   1.00 34.50 ? 505 HOH A O   1 
HETATM 868 O  O   . HOH B 2 .   ? 15.499  -4.113  4.112   1.00 51.87 ? 506 HOH A O   1 
HETATM 869 O  O   . HOH B 2 .   ? -9.034  -2.448  -4.155  1.00 57.78 ? 507 HOH A O   1 
HETATM 870 O  O   . HOH B 2 .   ? 5.051   1.420   10.224  1.00 57.82 ? 508 HOH A O   1 
HETATM 871 O  O   . HOH B 2 .   ? -1.838  13.538  -6.956  1.00 31.73 ? 509 HOH A O   1 
HETATM 872 O  O   . HOH B 2 .   ? 5.722   -0.102  6.590   1.00 38.40 ? 510 HOH A O   1 
HETATM 873 O  O   . HOH B 2 .   ? 2.588   14.931  -2.001  1.00 43.64 ? 511 HOH A O   1 
HETATM 874 O  O   . HOH B 2 .   ? 5.128   13.547  1.134   1.00 36.58 ? 512 HOH A O   1 
HETATM 875 O  O   . HOH B 2 .   ? -6.118  7.120   -13.213 1.00 55.43 ? 513 HOH A O   1 
HETATM 876 O  O   . HOH B 2 .   ? -6.174  -4.235  2.882   1.00 42.25 ? 514 HOH A O   1 
HETATM 877 O  O   . HOH B 2 .   ? 1.965   -1.453  14.544  1.00 51.24 ? 515 HOH A O   1 
HETATM 878 O  O   . HOH B 2 .   ? 12.432  -19.514 7.962   1.00 73.76 ? 516 HOH A O   1 
HETATM 879 O  O   . HOH B 2 .   ? -0.226  2.747   12.649  1.00 34.89 ? 517 HOH A O   1 
HETATM 880 O  O   . HOH B 2 .   ? -3.762  -2.946  3.000   1.00 36.20 ? 518 HOH A O   1 
HETATM 881 O  O   . HOH B 2 .   ? 9.175   -12.298 6.552   1.00 53.15 ? 519 HOH A O   1 
HETATM 882 O  O   . HOH B 2 .   ? -1.578  -18.399 13.915  1.00 66.36 ? 520 HOH A O   1 
HETATM 883 O  O   . HOH B 2 .   ? 2.058   15.714  -6.751  1.00 43.61 ? 521 HOH A O   1 
HETATM 884 O  O   . HOH B 2 .   ? 4.112   15.369  -5.560  1.00 48.44 ? 522 HOH A O   1 
HETATM 885 O  O   . HOH B 2 .   ? -0.709  15.435  -1.053  1.00 42.91 ? 523 HOH A O   1 
HETATM 886 O  O   . HOH B 2 .   ? 11.588  2.558   3.159   1.00 56.68 ? 524 HOH A O   1 
HETATM 887 O  O   . HOH B 2 .   ? 10.993  -9.913  -2.014  1.00 61.50 ? 525 HOH A O   1 
HETATM 888 O  O   . HOH B 2 .   ? 7.786   -10.651 11.748  1.00 58.02 ? 526 HOH A O   1 
HETATM 889 O  O   . HOH B 2 .   ? 4.444   13.137  -9.270  1.00 45.21 ? 527 HOH A O   1 
HETATM 890 O  O   . HOH B 2 .   ? 7.657   9.887   -11.005 0.33 42.86 ? 528 HOH A O   1 
HETATM 891 O  O   . HOH B 2 .   ? 1.502   -2.637  17.388  1.00 32.65 ? 529 HOH A O   1 
HETATM 892 O  O   . HOH B 2 .   ? -0.331  -19.759 -2.244  1.00 66.63 ? 530 HOH A O   1 
HETATM 893 O  O   . HOH B 2 .   ? 4.232   2.805   -11.222 1.00 55.95 ? 531 HOH A O   1 
HETATM 894 O  O   . HOH B 2 .   ? 1.703   0.914   9.247   1.00 57.89 ? 532 HOH A O   1 
HETATM 895 O  O   . HOH B 2 .   ? -0.938  -0.573  13.309  1.00 34.30 ? 533 HOH A O   1 
HETATM 896 O  O   . HOH B 2 .   ? 5.441   12.245  -3.460  1.00 34.63 ? 534 HOH A O   1 
HETATM 897 O  O   . HOH B 2 .   ? 10.825  4.232   -5.848  1.00 47.49 ? 535 HOH A O   1 
HETATM 898 O  O   . HOH B 2 .   ? 0.822   0.855   13.804  1.00 33.75 ? 536 HOH A O   1 
HETATM 899 O  O   . HOH B 2 .   ? 8.777   5.657   -13.210 0.33 41.41 ? 537 HOH A O   1 
HETATM 900 O  O   . HOH B 2 .   ? 0.612   15.484  -3.640  1.00 39.42 ? 538 HOH A O   1 
HETATM 901 O  O   . HOH B 2 .   ? 14.174  -12.663 -3.068  1.00 47.05 ? 539 HOH A O   1 
HETATM 902 O  O   . HOH B 2 .   ? 0.785   -7.985  -7.533  1.00 57.19 ? 540 HOH A O   1 
HETATM 903 O  O   . HOH B 2 .   ? 4.504   -4.451  -7.755  1.00 52.08 ? 541 HOH A O   1 
HETATM 904 O  O   . HOH B 2 .   ? 12.600  -2.615  -1.408  1.00 41.94 ? 542 HOH A O   1 
HETATM 905 O  O   . HOH B 2 .   ? -3.902  15.396  -0.292  1.00 48.94 ? 543 HOH A O   1 
HETATM 906 O  O   . HOH B 2 .   ? 7.180   -5.805  11.361  1.00 61.84 ? 544 HOH A O   1 
HETATM 907 O  O   . HOH B 2 .   ? 1.417   0.503   -9.128  1.00 51.64 ? 545 HOH A O   1 
HETATM 908 O  O   . HOH B 2 .   ? -14.115 13.945  3.684   1.00 78.77 ? 546 HOH A O   1 
HETATM 909 O  O   . HOH B 2 .   ? 0.037   -1.228  -10.771 1.00 45.48 ? 547 HOH A O   1 
# 
